data_1OVJ
# 
_entry.id   1OVJ 
# 
_audit_conform.dict_name       mmcif_pdbx.dic 
_audit_conform.dict_version    5.376 
_audit_conform.dict_location   http://mmcif.pdb.org/dictionaries/ascii/mmcif_pdbx.dic 
# 
loop_
_database_2.database_id 
_database_2.database_code 
_database_2.pdbx_database_accession 
_database_2.pdbx_DOI 
PDB   1OVJ         pdb_00001ovj 10.2210/pdb1ovj/pdb 
RCSB  RCSB018707   ?            ?                   
WWPDB D_1000018707 ?            ?                   
# 
loop_
_pdbx_database_related.db_name 
_pdbx_database_related.db_id 
_pdbx_database_related.details 
_pdbx_database_related.content_type 
PDB 1LGU 'T4 Lysozyme Mutant L99A/M102Q'                                             unspecified 
PDB 1LGW 'T4 Lysozyme Mutant L99A/M102Q Bound By 2-Fluoroaniline'                    unspecified 
PDB 1LGX 'T4 Lysozyme Mutant L99A/M102Q Bound By 3,5-Difluoroaniline'                unspecified 
PDB 1LI2 'T4 Lysozyme Mutant L99A/M102Q Bound By Phenol'                             unspecified 
PDB 1LI3 'T4 Lysozyme Mutant L99A/M102Q Bound By 3-Chlorophenol'                     unspecified 
PDB 1LI6 'T4 Lysozyme Mutant L99A/M102Q Bound By 5-Methylpyrrole'                    unspecified 
PDB 1OV5 'T4 Lysozyme Cavity Mutant L99a/M102Q Bound With 2-Allylphenol'             unspecified 
PDB 1OV7 'T4 Lysozyme Cavity Mutant L99A/M102Q Bound with 2-Allyl-6-Methyl-Phenol'   unspecified 
PDB 1OVH 'T4 Lysozyme Cavity Mutant L99A/M102Q Bound With 2-Chloro-6-Methyl-Aniline' unspecified 
PDB 1OVK 'T4 Lysozyme Cavity Mutant L99A/M102Q Bound with N-Allyl-Aniline'           unspecified 
# 
_pdbx_database_status.status_code                     REL 
_pdbx_database_status.entry_id                        1OVJ 
_pdbx_database_status.recvd_initial_deposition_date   2003-03-26 
_pdbx_database_status.deposit_site                    RCSB 
_pdbx_database_status.process_site                    RCSB 
_pdbx_database_status.status_code_sf                  REL 
_pdbx_database_status.SG_entry                        . 
_pdbx_database_status.pdb_format_compatible           Y 
_pdbx_database_status.status_code_mr                  ? 
_pdbx_database_status.status_code_cs                  ? 
_pdbx_database_status.status_code_nmr_data            ? 
_pdbx_database_status.methods_development_category    ? 
# 
loop_
_audit_author.name 
_audit_author.pdbx_ordinal 
'Wei, B.Q.'      1 
'Baase, W.A.'    2 
'Weaver, L.H.'   3 
'Matthews, B.W.' 4 
'Shoichet, B.K.' 5 
# 
loop_
_citation.id 
_citation.title 
_citation.journal_abbrev 
_citation.journal_volume 
_citation.page_first 
_citation.page_last 
_citation.year 
_citation.journal_id_ASTM 
_citation.country 
_citation.journal_id_ISSN 
_citation.journal_id_CSD 
_citation.book_publisher 
_citation.pdbx_database_id_PubMed 
_citation.pdbx_database_id_DOI 
primary 'Testing a Flexible-receptor Docking Algorithm in a Model Binding Site'   J.Mol.Biol. 337 1161 1182 2004 JMOBAK UK 
0022-2836 0070 ? 15046985 10.1016/j.jmb.2004.02.015       
1       'A Model Binding Site for Testing Scoring Functions in Molecular Docking' J.Mol.Biol. 322 339  355  2002 JMOBAK UK 
0022-2836 0070 ? ?        '10.1016/S0022-2836(02)00777-5' 
# 
loop_
_citation_author.citation_id 
_citation_author.name 
_citation_author.ordinal 
_citation_author.identifier_ORCID 
primary 'Wei, B.Q.'      1  ? 
primary 'Weaver, L.H.'   2  ? 
primary 'Ferrari, A.M.'  3  ? 
primary 'Matthews, B.W.' 4  ? 
primary 'Shoichet, B.K.' 5  ? 
1       'Wei, B.Q.'      6  ? 
1       'Baase, W.A.'    7  ? 
1       'Weaver, L.H.'   8  ? 
1       'Matthews, B.W.' 9  ? 
1       'Shoichet, B.K.' 10 ? 
# 
_cell.entry_id           1OVJ 
_cell.length_a           60.700 
_cell.length_b           60.700 
_cell.length_c           97.500 
_cell.angle_alpha        90.00 
_cell.angle_beta         90.00 
_cell.angle_gamma        120.00 
_cell.Z_PDB              6 
_cell.pdbx_unique_axis   ? 
# 
_symmetry.entry_id                         1OVJ 
_symmetry.space_group_name_H-M             'P 32 2 1' 
_symmetry.pdbx_full_space_group_name_H-M   ? 
_symmetry.Int_Tables_number                154 
_symmetry.cell_setting                     ? 
# 
loop_
_entity.id 
_entity.type 
_entity.src_method 
_entity.pdbx_description 
_entity.formula_weight 
_entity.pdbx_number_of_molecules 
_entity.pdbx_ec 
_entity.pdbx_mutation 
_entity.pdbx_fragment 
_entity.details 
1 polymer     man Lysozyme                  18617.320 1  3.2.1.17 'L99A, M102Q' ? ? 
2 non-polymer syn 'CHLORIDE ION'            35.453    2  ?        ?             ? ? 
3 non-polymer syn BETA-MERCAPTOETHANOL      78.133    3  ?        ?             ? ? 
4 non-polymer syn 3-FLUORO-2-METHYL-ANILINE 125.144   1  ?        ?             ? ? 
5 water       nat water                     18.015    61 ?        ?             ? ? 
# 
_entity_name_com.entity_id   1 
_entity_name_com.name        'Lysis protein, Muramidase, Endolysin' 
# 
_entity_poly.entity_id                      1 
_entity_poly.type                           'polypeptide(L)' 
_entity_poly.nstd_linkage                   no 
_entity_poly.nstd_monomer                   no 
_entity_poly.pdbx_seq_one_letter_code       
;MNIFEMLRIDEGLRLKIYKDTEGYYTIGIGHLLTKSPSLNAAKSELDKAIGRNCNGVITKDEAEKLFNQDVDAAVRGILR
NAKLKPVYDSLDAVRRCAAINQVFQMGETGVAGFTNSLRMLQQKRWDEAAVNLAKSRWYNQTPNRAKRVITTFRTGTWDA
YKNL
;
_entity_poly.pdbx_seq_one_letter_code_can   
;MNIFEMLRIDEGLRLKIYKDTEGYYTIGIGHLLTKSPSLNAAKSELDKAIGRNCNGVITKDEAEKLFNQDVDAAVRGILR
NAKLKPVYDSLDAVRRCAAINQVFQMGETGVAGFTNSLRMLQQKRWDEAAVNLAKSRWYNQTPNRAKRVITTFRTGTWDA
YKNL
;
_entity_poly.pdbx_strand_id                 A 
_entity_poly.pdbx_target_identifier         ? 
# 
loop_
_entity_poly_seq.entity_id 
_entity_poly_seq.num 
_entity_poly_seq.mon_id 
_entity_poly_seq.hetero 
1 1   MET n 
1 2   ASN n 
1 3   ILE n 
1 4   PHE n 
1 5   GLU n 
1 6   MET n 
1 7   LEU n 
1 8   ARG n 
1 9   ILE n 
1 10  ASP n 
1 11  GLU n 
1 12  GLY n 
1 13  LEU n 
1 14  ARG n 
1 15  LEU n 
1 16  LYS n 
1 17  ILE n 
1 18  TYR n 
1 19  LYS n 
1 20  ASP n 
1 21  THR n 
1 22  GLU n 
1 23  GLY n 
1 24  TYR n 
1 25  TYR n 
1 26  THR n 
1 27  ILE n 
1 28  GLY n 
1 29  ILE n 
1 30  GLY n 
1 31  HIS n 
1 32  LEU n 
1 33  LEU n 
1 34  THR n 
1 35  LYS n 
1 36  SER n 
1 37  PRO n 
1 38  SER n 
1 39  LEU n 
1 40  ASN n 
1 41  ALA n 
1 42  ALA n 
1 43  LYS n 
1 44  SER n 
1 45  GLU n 
1 46  LEU n 
1 47  ASP n 
1 48  LYS n 
1 49  ALA n 
1 50  ILE n 
1 51  GLY n 
1 52  ARG n 
1 53  ASN n 
1 54  CYS n 
1 55  ASN n 
1 56  GLY n 
1 57  VAL n 
1 58  ILE n 
1 59  THR n 
1 60  LYS n 
1 61  ASP n 
1 62  GLU n 
1 63  ALA n 
1 64  GLU n 
1 65  LYS n 
1 66  LEU n 
1 67  PHE n 
1 68  ASN n 
1 69  GLN n 
1 70  ASP n 
1 71  VAL n 
1 72  ASP n 
1 73  ALA n 
1 74  ALA n 
1 75  VAL n 
1 76  ARG n 
1 77  GLY n 
1 78  ILE n 
1 79  LEU n 
1 80  ARG n 
1 81  ASN n 
1 82  ALA n 
1 83  LYS n 
1 84  LEU n 
1 85  LYS n 
1 86  PRO n 
1 87  VAL n 
1 88  TYR n 
1 89  ASP n 
1 90  SER n 
1 91  LEU n 
1 92  ASP n 
1 93  ALA n 
1 94  VAL n 
1 95  ARG n 
1 96  ARG n 
1 97  CYS n 
1 98  ALA n 
1 99  ALA n 
1 100 ILE n 
1 101 ASN n 
1 102 GLN n 
1 103 VAL n 
1 104 PHE n 
1 105 GLN n 
1 106 MET n 
1 107 GLY n 
1 108 GLU n 
1 109 THR n 
1 110 GLY n 
1 111 VAL n 
1 112 ALA n 
1 113 GLY n 
1 114 PHE n 
1 115 THR n 
1 116 ASN n 
1 117 SER n 
1 118 LEU n 
1 119 ARG n 
1 120 MET n 
1 121 LEU n 
1 122 GLN n 
1 123 GLN n 
1 124 LYS n 
1 125 ARG n 
1 126 TRP n 
1 127 ASP n 
1 128 GLU n 
1 129 ALA n 
1 130 ALA n 
1 131 VAL n 
1 132 ASN n 
1 133 LEU n 
1 134 ALA n 
1 135 LYS n 
1 136 SER n 
1 137 ARG n 
1 138 TRP n 
1 139 TYR n 
1 140 ASN n 
1 141 GLN n 
1 142 THR n 
1 143 PRO n 
1 144 ASN n 
1 145 ARG n 
1 146 ALA n 
1 147 LYS n 
1 148 ARG n 
1 149 VAL n 
1 150 ILE n 
1 151 THR n 
1 152 THR n 
1 153 PHE n 
1 154 ARG n 
1 155 THR n 
1 156 GLY n 
1 157 THR n 
1 158 TRP n 
1 159 ASP n 
1 160 ALA n 
1 161 TYR n 
1 162 LYS n 
1 163 ASN n 
1 164 LEU n 
# 
_entity_src_gen.entity_id                          1 
_entity_src_gen.pdbx_src_id                        1 
_entity_src_gen.pdbx_alt_source_flag               sample 
_entity_src_gen.pdbx_seq_type                      ? 
_entity_src_gen.pdbx_beg_seq_num                   ? 
_entity_src_gen.pdbx_end_seq_num                   ? 
_entity_src_gen.gene_src_common_name               ? 
_entity_src_gen.gene_src_genus                     'T4-like viruses' 
_entity_src_gen.pdbx_gene_src_gene                 ? 
_entity_src_gen.gene_src_species                   'Enterobacteria phage T4 sensu lato' 
_entity_src_gen.gene_src_strain                    ? 
_entity_src_gen.gene_src_tissue                    ? 
_entity_src_gen.gene_src_tissue_fraction           ? 
_entity_src_gen.gene_src_details                   ? 
_entity_src_gen.pdbx_gene_src_fragment             ? 
_entity_src_gen.pdbx_gene_src_scientific_name      'Enterobacteria phage T4' 
_entity_src_gen.pdbx_gene_src_ncbi_taxonomy_id     10665 
_entity_src_gen.pdbx_gene_src_variant              ? 
_entity_src_gen.pdbx_gene_src_cell_line            ? 
_entity_src_gen.pdbx_gene_src_atcc                 ? 
_entity_src_gen.pdbx_gene_src_organ                ? 
_entity_src_gen.pdbx_gene_src_organelle            ? 
_entity_src_gen.pdbx_gene_src_cell                 ? 
_entity_src_gen.pdbx_gene_src_cellular_location    ? 
_entity_src_gen.host_org_common_name               ? 
_entity_src_gen.pdbx_host_org_scientific_name      'Escherichia coli' 
_entity_src_gen.pdbx_host_org_ncbi_taxonomy_id     562 
_entity_src_gen.host_org_genus                     Escherichia 
_entity_src_gen.pdbx_host_org_gene                 ? 
_entity_src_gen.pdbx_host_org_organ                ? 
_entity_src_gen.host_org_species                   ? 
_entity_src_gen.pdbx_host_org_tissue               ? 
_entity_src_gen.pdbx_host_org_tissue_fraction      ? 
_entity_src_gen.pdbx_host_org_strain               ? 
_entity_src_gen.pdbx_host_org_variant              ? 
_entity_src_gen.pdbx_host_org_cell_line            ? 
_entity_src_gen.pdbx_host_org_atcc                 ? 
_entity_src_gen.pdbx_host_org_culture_collection   ? 
_entity_src_gen.pdbx_host_org_cell                 ? 
_entity_src_gen.pdbx_host_org_organelle            ? 
_entity_src_gen.pdbx_host_org_cellular_location    ? 
_entity_src_gen.pdbx_host_org_vector_type          ? 
_entity_src_gen.pdbx_host_org_vector               ? 
_entity_src_gen.host_org_details                   ? 
_entity_src_gen.expression_system_id               ? 
_entity_src_gen.plasmid_name                       ? 
_entity_src_gen.plasmid_details                    ? 
_entity_src_gen.pdbx_description                   ? 
# 
_struct_ref.id                         1 
_struct_ref.db_name                    UNP 
_struct_ref.db_code                    LYS_BPT4 
_struct_ref.entity_id                  1 
_struct_ref.pdbx_seq_one_letter_code   
;MNIFEMLRIDEGLRLKIYKDTEGYYTIGIGHLLTKSPSLNAAKSELDKAIGRNCNGVITKDEAEKLFNQDVDAAVRGILR
NAKLKPVYDSLDAVRRCALINMVFQMGETGVAGFTNSLRMLQQKRWDEAAVNLAKSRWYNQTPNRAKRVITTFRTGTWDA
YKNL
;
_struct_ref.pdbx_align_begin           1 
_struct_ref.pdbx_db_accession          P00720 
_struct_ref.pdbx_db_isoform            ? 
# 
_struct_ref_seq.align_id                      1 
_struct_ref_seq.ref_id                        1 
_struct_ref_seq.pdbx_PDB_id_code              1OVJ 
_struct_ref_seq.pdbx_strand_id                A 
_struct_ref_seq.seq_align_beg                 1 
_struct_ref_seq.pdbx_seq_align_beg_ins_code   ? 
_struct_ref_seq.seq_align_end                 164 
_struct_ref_seq.pdbx_seq_align_end_ins_code   ? 
_struct_ref_seq.pdbx_db_accession             P00720 
_struct_ref_seq.db_align_beg                  1 
_struct_ref_seq.pdbx_db_align_beg_ins_code    ? 
_struct_ref_seq.db_align_end                  164 
_struct_ref_seq.pdbx_db_align_end_ins_code    ? 
_struct_ref_seq.pdbx_auth_seq_align_beg       1 
_struct_ref_seq.pdbx_auth_seq_align_end       164 
# 
loop_
_struct_ref_seq_dif.align_id 
_struct_ref_seq_dif.pdbx_pdb_id_code 
_struct_ref_seq_dif.mon_id 
_struct_ref_seq_dif.pdbx_pdb_strand_id 
_struct_ref_seq_dif.seq_num 
_struct_ref_seq_dif.pdbx_pdb_ins_code 
_struct_ref_seq_dif.pdbx_seq_db_name 
_struct_ref_seq_dif.pdbx_seq_db_accession_code 
_struct_ref_seq_dif.db_mon_id 
_struct_ref_seq_dif.pdbx_seq_db_seq_num 
_struct_ref_seq_dif.details 
_struct_ref_seq_dif.pdbx_auth_seq_num 
_struct_ref_seq_dif.pdbx_ordinal 
1 1OVJ ALA A 99  ? UNP P00720 LEU 99  'engineered mutation' 99  1 
1 1OVJ GLN A 102 ? UNP P00720 MET 102 'engineered mutation' 102 2 
# 
loop_
_chem_comp.id 
_chem_comp.type 
_chem_comp.mon_nstd_flag 
_chem_comp.name 
_chem_comp.pdbx_synonyms 
_chem_comp.formula 
_chem_comp.formula_weight 
ALA 'L-peptide linking' y ALANINE                   ? 'C3 H7 N O2'     89.093  
ARG 'L-peptide linking' y ARGININE                  ? 'C6 H15 N4 O2 1' 175.209 
ASN 'L-peptide linking' y ASPARAGINE                ? 'C4 H8 N2 O3'    132.118 
ASP 'L-peptide linking' y 'ASPARTIC ACID'           ? 'C4 H7 N O4'     133.103 
BME non-polymer         . BETA-MERCAPTOETHANOL      ? 'C2 H6 O S'      78.133  
CL  non-polymer         . 'CHLORIDE ION'            ? 'Cl -1'          35.453  
CYS 'L-peptide linking' y CYSTEINE                  ? 'C3 H7 N O2 S'   121.158 
FLM non-polymer         . 3-FLUORO-2-METHYL-ANILINE ? 'C7 H8 F N'      125.144 
GLN 'L-peptide linking' y GLUTAMINE                 ? 'C5 H10 N2 O3'   146.144 
GLU 'L-peptide linking' y 'GLUTAMIC ACID'           ? 'C5 H9 N O4'     147.129 
GLY 'peptide linking'   y GLYCINE                   ? 'C2 H5 N O2'     75.067  
HIS 'L-peptide linking' y HISTIDINE                 ? 'C6 H10 N3 O2 1' 156.162 
HOH non-polymer         . WATER                     ? 'H2 O'           18.015  
ILE 'L-peptide linking' y ISOLEUCINE                ? 'C6 H13 N O2'    131.173 
LEU 'L-peptide linking' y LEUCINE                   ? 'C6 H13 N O2'    131.173 
LYS 'L-peptide linking' y LYSINE                    ? 'C6 H15 N2 O2 1' 147.195 
MET 'L-peptide linking' y METHIONINE                ? 'C5 H11 N O2 S'  149.211 
PHE 'L-peptide linking' y PHENYLALANINE             ? 'C9 H11 N O2'    165.189 
PRO 'L-peptide linking' y PROLINE                   ? 'C5 H9 N O2'     115.130 
SER 'L-peptide linking' y SERINE                    ? 'C3 H7 N O3'     105.093 
THR 'L-peptide linking' y THREONINE                 ? 'C4 H9 N O3'     119.119 
TRP 'L-peptide linking' y TRYPTOPHAN                ? 'C11 H12 N2 O2'  204.225 
TYR 'L-peptide linking' y TYROSINE                  ? 'C9 H11 N O3'    181.189 
VAL 'L-peptide linking' y VALINE                    ? 'C5 H11 N O2'    117.146 
# 
_exptl.entry_id          1OVJ 
_exptl.method            'X-RAY DIFFRACTION' 
_exptl.crystals_number   1 
# 
_exptl_crystal.id                    1 
_exptl_crystal.density_meas          ? 
_exptl_crystal.density_Matthews      2.7 
_exptl_crystal.density_percent_sol   54.01 
_exptl_crystal.description           ? 
# 
_diffrn.id                     1 
_diffrn.ambient_temp           298 
_diffrn.ambient_temp_details   ? 
_diffrn.crystal_id             1 
# 
_diffrn_detector.diffrn_id              1 
_diffrn_detector.detector               'AREA DETECTOR' 
_diffrn_detector.type                   'UCSD MARK II' 
_diffrn_detector.pdbx_collection_date   ? 
_diffrn_detector.details                ? 
# 
_diffrn_radiation.diffrn_id                        1 
_diffrn_radiation.wavelength_id                    1 
_diffrn_radiation.pdbx_monochromatic_or_laue_m_l   M 
_diffrn_radiation.monochromator                    graphite 
_diffrn_radiation.pdbx_diffrn_protocol             'SINGLE WAVELENGTH' 
_diffrn_radiation.pdbx_scattering_type             x-ray 
# 
_diffrn_radiation_wavelength.id           1 
_diffrn_radiation_wavelength.wavelength   1.5418 
_diffrn_radiation_wavelength.wt           1.0 
# 
_diffrn_source.diffrn_id                   1 
_diffrn_source.source                      'ROTATING ANODE' 
_diffrn_source.type                        'RIGAKU RU200' 
_diffrn_source.pdbx_synchrotron_site       ? 
_diffrn_source.pdbx_synchrotron_beamline   ? 
_diffrn_source.pdbx_wavelength             ? 
_diffrn_source.pdbx_wavelength_list        1.5418 
# 
_reflns.entry_id                     1OVJ 
_reflns.observed_criterion_sigma_F   0 
_reflns.observed_criterion_sigma_I   0 
_reflns.d_resolution_high            1.9 
_reflns.d_resolution_low             13. 
_reflns.number_all                   15186 
_reflns.number_obs                   15186 
_reflns.percent_possible_obs         90 
_reflns.pdbx_Rmerge_I_obs            0.08 
_reflns.pdbx_Rsym_value              ? 
_reflns.pdbx_netI_over_sigmaI        10.6 
_reflns.B_iso_Wilson_estimate        ? 
_reflns.pdbx_redundancy              ? 
_reflns.R_free_details               ? 
_reflns.limit_h_max                  ? 
_reflns.limit_h_min                  ? 
_reflns.limit_k_max                  ? 
_reflns.limit_k_min                  ? 
_reflns.limit_l_max                  ? 
_reflns.limit_l_min                  ? 
_reflns.observed_criterion_F_max     ? 
_reflns.observed_criterion_F_min     ? 
_reflns.pdbx_diffrn_id               1 
_reflns.pdbx_ordinal                 1 
# 
_reflns_shell.d_res_high             1.9 
_reflns_shell.d_res_low              2.0 
_reflns_shell.percent_possible_all   68 
_reflns_shell.Rmerge_I_obs           0.138 
_reflns_shell.pdbx_Rsym_value        ? 
_reflns_shell.meanI_over_sigI_obs    2.5 
_reflns_shell.pdbx_redundancy        ? 
_reflns_shell.percent_possible_obs   ? 
_reflns_shell.number_unique_all      2280 
_reflns_shell.pdbx_diffrn_id         ? 
_reflns_shell.pdbx_ordinal           1 
# 
_refine.entry_id                                 1OVJ 
_refine.ls_d_res_high                            2.0 
_refine.ls_d_res_low                             13. 
_refine.pdbx_ls_sigma_F                          0 
_refine.pdbx_ls_sigma_I                          0 
_refine.ls_number_reflns_all                     13694 
_refine.ls_number_reflns_obs                     13694 
_refine.ls_number_reflns_R_free                  ? 
_refine.ls_percent_reflns_obs                    91 
_refine.ls_R_factor_all                          ? 
_refine.ls_R_factor_obs                          0.197 
_refine.ls_R_factor_R_work                       ? 
_refine.ls_R_factor_R_free                       ? 
_refine.ls_redundancy_reflns_obs                 ? 
_refine.pdbx_data_cutoff_high_absF               ? 
_refine.pdbx_data_cutoff_low_absF                ? 
_refine.ls_number_parameters                     ? 
_refine.ls_number_restraints                     ? 
_refine.ls_percent_reflns_R_free                 ? 
_refine.ls_R_factor_R_free_error                 ? 
_refine.ls_R_factor_R_free_error_details         ? 
_refine.pdbx_method_to_determine_struct          'MOLECULAR REPLACEMENT' 
_refine.pdbx_starting_model                      'PDB entry 1LGU' 
_refine.pdbx_ls_cross_valid_method               ? 
_refine.pdbx_R_Free_selection_details            ? 
_refine.pdbx_stereochem_target_val_spec_case     ? 
_refine.pdbx_stereochemistry_target_values       'Engh & Huber' 
_refine.solvent_model_details                    ? 
_refine.solvent_model_param_bsol                 ? 
_refine.solvent_model_param_ksol                 ? 
_refine.occupancy_max                            ? 
_refine.occupancy_min                            ? 
_refine.pdbx_isotropic_thermal_model             isotropic 
_refine.B_iso_mean                               ? 
_refine.aniso_B[1][1]                            ? 
_refine.aniso_B[1][2]                            ? 
_refine.aniso_B[1][3]                            ? 
_refine.aniso_B[2][2]                            ? 
_refine.aniso_B[2][3]                            ? 
_refine.aniso_B[3][3]                            ? 
_refine.details                                  ? 
_refine.B_iso_min                                ? 
_refine.B_iso_max                                ? 
_refine.correlation_coeff_Fo_to_Fc               ? 
_refine.correlation_coeff_Fo_to_Fc_free          ? 
_refine.pdbx_solvent_vdw_probe_radii             ? 
_refine.pdbx_solvent_ion_probe_radii             ? 
_refine.pdbx_solvent_shrinkage_radii             ? 
_refine.overall_SU_R_Cruickshank_DPI             ? 
_refine.overall_SU_R_free                        ? 
_refine.overall_SU_B                             ? 
_refine.overall_SU_ML                            ? 
_refine.pdbx_overall_ESU_R                       ? 
_refine.pdbx_overall_ESU_R_Free                  ? 
_refine.pdbx_data_cutoff_high_rms_absF           ? 
_refine.pdbx_refine_id                           'X-RAY DIFFRACTION' 
_refine.pdbx_diffrn_id                           1 
_refine.pdbx_TLS_residual_ADP_flag               ? 
_refine.pdbx_overall_phase_error                 ? 
_refine.pdbx_overall_SU_R_free_Cruickshank_DPI   ? 
_refine.pdbx_overall_SU_R_Blow_DPI               ? 
_refine.pdbx_overall_SU_R_free_Blow_DPI          ? 
# 
_refine_hist.pdbx_refine_id                   'X-RAY DIFFRACTION' 
_refine_hist.cycle_id                         LAST 
_refine_hist.pdbx_number_atoms_protein        1290 
_refine_hist.pdbx_number_atoms_nucleic_acid   0 
_refine_hist.pdbx_number_atoms_ligand         23 
_refine_hist.number_atoms_solvent             61 
_refine_hist.number_atoms_total               1374 
_refine_hist.d_res_high                       2.0 
_refine_hist.d_res_low                        13. 
# 
loop_
_refine_ls_restr.type 
_refine_ls_restr.dev_ideal 
_refine_ls_restr.dev_ideal_target 
_refine_ls_restr.weight 
_refine_ls_restr.number 
_refine_ls_restr.pdbx_refine_id 
_refine_ls_restr.pdbx_restraint_function 
t_bond_d    0.018 ? ? ? 'X-RAY DIFFRACTION' ? 
t_angle_deg 3.0   ? ? ? 'X-RAY DIFFRACTION' ? 
# 
_struct.entry_id                  1OVJ 
_struct.title                     'T4 Lysozyme Cavity Mutant L99A/M102Q Bound with 3-Fluoro-2-Methyl_Aniline' 
_struct.pdbx_model_details        ? 
_struct.pdbx_CASP_flag            ? 
_struct.pdbx_model_type_details   ? 
# 
_struct_keywords.entry_id        1OVJ 
_struct_keywords.pdbx_keywords   HYDROLASE 
_struct_keywords.text            'GLYCOSIDASE, BACTERIOLYTIC ENZYME, HYDROLASE' 
# 
loop_
_struct_asym.id 
_struct_asym.pdbx_blank_PDB_chainid_flag 
_struct_asym.pdbx_modified 
_struct_asym.entity_id 
_struct_asym.details 
A N N 1 ? 
B N N 2 ? 
C N N 2 ? 
D N N 3 ? 
E N N 3 ? 
F N N 3 ? 
G N N 4 ? 
H N N 5 ? 
# 
_struct_biol.id                    1 
_struct_biol.pdbx_parent_biol_id   ? 
_struct_biol.details               ? 
# 
loop_
_struct_conf.conf_type_id 
_struct_conf.id 
_struct_conf.pdbx_PDB_helix_id 
_struct_conf.beg_label_comp_id 
_struct_conf.beg_label_asym_id 
_struct_conf.beg_label_seq_id 
_struct_conf.pdbx_beg_PDB_ins_code 
_struct_conf.end_label_comp_id 
_struct_conf.end_label_asym_id 
_struct_conf.end_label_seq_id 
_struct_conf.pdbx_end_PDB_ins_code 
_struct_conf.beg_auth_comp_id 
_struct_conf.beg_auth_asym_id 
_struct_conf.beg_auth_seq_id 
_struct_conf.end_auth_comp_id 
_struct_conf.end_auth_asym_id 
_struct_conf.end_auth_seq_id 
_struct_conf.pdbx_PDB_helix_class 
_struct_conf.details 
_struct_conf.pdbx_PDB_helix_length 
HELX_P HELX_P1  1  ASN A 2   ? GLY A 12  ? ASN A 2   GLY A 12  1 ? 11 
HELX_P HELX_P2  2  SER A 38  ? GLY A 51  ? SER A 38  GLY A 51  1 ? 14 
HELX_P HELX_P3  3  THR A 59  ? ASN A 81  ? THR A 59  ASN A 81  1 ? 23 
HELX_P HELX_P4  4  LYS A 83  ? SER A 90  ? LYS A 83  SER A 90  1 ? 8  
HELX_P HELX_P5  5  ASP A 92  ? GLY A 113 ? ASP A 92  GLY A 113 1 ? 22 
HELX_P HELX_P6  6  PHE A 114 ? GLN A 123 ? PHE A 114 GLN A 123 1 ? 10 
HELX_P HELX_P7  7  ARG A 125 ? LYS A 135 ? ARG A 125 LYS A 135 1 ? 11 
HELX_P HELX_P8  8  SER A 136 ? THR A 142 ? SER A 136 THR A 142 1 ? 7  
HELX_P HELX_P9  9  THR A 142 ? GLY A 156 ? THR A 142 GLY A 156 1 ? 15 
HELX_P HELX_P10 10 TRP A 158 ? LYS A 162 ? TRP A 158 LYS A 162 5 ? 5  
# 
_struct_conf_type.id          HELX_P 
_struct_conf_type.criteria    ? 
_struct_conf_type.reference   ? 
# 
_struct_sheet.id               A 
_struct_sheet.type             ? 
_struct_sheet.number_strands   3 
_struct_sheet.details          ? 
# 
loop_
_struct_sheet_order.sheet_id 
_struct_sheet_order.range_id_1 
_struct_sheet_order.range_id_2 
_struct_sheet_order.offset 
_struct_sheet_order.sense 
A 1 2 ? anti-parallel 
A 2 3 ? anti-parallel 
# 
loop_
_struct_sheet_range.sheet_id 
_struct_sheet_range.id 
_struct_sheet_range.beg_label_comp_id 
_struct_sheet_range.beg_label_asym_id 
_struct_sheet_range.beg_label_seq_id 
_struct_sheet_range.pdbx_beg_PDB_ins_code 
_struct_sheet_range.end_label_comp_id 
_struct_sheet_range.end_label_asym_id 
_struct_sheet_range.end_label_seq_id 
_struct_sheet_range.pdbx_end_PDB_ins_code 
_struct_sheet_range.beg_auth_comp_id 
_struct_sheet_range.beg_auth_asym_id 
_struct_sheet_range.beg_auth_seq_id 
_struct_sheet_range.end_auth_comp_id 
_struct_sheet_range.end_auth_asym_id 
_struct_sheet_range.end_auth_seq_id 
A 1 ARG A 14 ? LYS A 19 ? ARG A 14 LYS A 19 
A 2 TYR A 25 ? GLY A 28 ? TYR A 25 GLY A 28 
A 3 HIS A 31 ? THR A 34 ? HIS A 31 THR A 34 
# 
loop_
_pdbx_struct_sheet_hbond.sheet_id 
_pdbx_struct_sheet_hbond.range_id_1 
_pdbx_struct_sheet_hbond.range_id_2 
_pdbx_struct_sheet_hbond.range_1_label_atom_id 
_pdbx_struct_sheet_hbond.range_1_label_comp_id 
_pdbx_struct_sheet_hbond.range_1_label_asym_id 
_pdbx_struct_sheet_hbond.range_1_label_seq_id 
_pdbx_struct_sheet_hbond.range_1_PDB_ins_code 
_pdbx_struct_sheet_hbond.range_1_auth_atom_id 
_pdbx_struct_sheet_hbond.range_1_auth_comp_id 
_pdbx_struct_sheet_hbond.range_1_auth_asym_id 
_pdbx_struct_sheet_hbond.range_1_auth_seq_id 
_pdbx_struct_sheet_hbond.range_2_label_atom_id 
_pdbx_struct_sheet_hbond.range_2_label_comp_id 
_pdbx_struct_sheet_hbond.range_2_label_asym_id 
_pdbx_struct_sheet_hbond.range_2_label_seq_id 
_pdbx_struct_sheet_hbond.range_2_PDB_ins_code 
_pdbx_struct_sheet_hbond.range_2_auth_atom_id 
_pdbx_struct_sheet_hbond.range_2_auth_comp_id 
_pdbx_struct_sheet_hbond.range_2_auth_asym_id 
_pdbx_struct_sheet_hbond.range_2_auth_seq_id 
A 1 2 N TYR A 18 ? N TYR A 18 O THR A 26 ? O THR A 26 
A 2 3 N TYR A 25 ? N TYR A 25 O LEU A 33 ? O LEU A 33 
# 
loop_
_struct_site.id 
_struct_site.pdbx_evidence_code 
_struct_site.pdbx_auth_asym_id 
_struct_site.pdbx_auth_comp_id 
_struct_site.pdbx_auth_seq_id 
_struct_site.pdbx_auth_ins_code 
_struct_site.pdbx_num_residues 
_struct_site.details 
AC1 Software A CL  173 ? 4 'BINDING SITE FOR RESIDUE CL A 173'  
AC2 Software A CL  178 ? 5 'BINDING SITE FOR RESIDUE CL A 178'  
AC3 Software A BME 168 ? 6 'BINDING SITE FOR RESIDUE BME A 168' 
AC4 Software A BME 169 ? 4 'BINDING SITE FOR RESIDUE BME A 169' 
AC5 Software A BME 170 ? 3 'BINDING SITE FOR RESIDUE BME A 170' 
AC6 Software A FLM 408 ? 8 'BINDING SITE FOR RESIDUE FLM A 408' 
# 
loop_
_struct_site_gen.id 
_struct_site_gen.site_id 
_struct_site_gen.pdbx_num_res 
_struct_site_gen.label_comp_id 
_struct_site_gen.label_asym_id 
_struct_site_gen.label_seq_id 
_struct_site_gen.pdbx_auth_ins_code 
_struct_site_gen.auth_comp_id 
_struct_site_gen.auth_asym_id 
_struct_site_gen.auth_seq_id 
_struct_site_gen.label_atom_id 
_struct_site_gen.label_alt_id 
_struct_site_gen.symmetry 
_struct_site_gen.details 
1  AC1 4 THR A 142 ? THR A 142 . ? 1_555 ? 
2  AC1 4 ASN A 144 ? ASN A 144 . ? 1_555 ? 
3  AC1 4 ARG A 145 ? ARG A 145 . ? 1_555 ? 
4  AC1 4 HOH H .   ? HOH A 291 . ? 4_655 ? 
5  AC2 5 ALA A 49  ? ALA A 49  . ? 1_555 ? 
6  AC2 5 GLN A 69  ? GLN A 69  . ? 1_555 ? 
7  AC2 5 SER A 136 ? SER A 136 . ? 3_665 ? 
8  AC2 5 ARG A 137 ? ARG A 137 . ? 3_665 ? 
9  AC2 5 ASN A 140 ? ASN A 140 . ? 3_665 ? 
10 AC3 6 ASP A 72  ? ASP A 72  . ? 1_555 ? 
11 AC3 6 VAL A 75  ? VAL A 75  . ? 5_555 ? 
12 AC3 6 ARG A 76  ? ARG A 76  . ? 1_555 ? 
13 AC3 6 LEU A 79  ? LEU A 79  . ? 1_555 ? 
14 AC3 6 TYR A 88  ? TYR A 88  . ? 5_555 ? 
15 AC3 6 BME F .   ? BME A 170 . ? 5_555 ? 
16 AC4 4 GLY A 30  ? GLY A 30  . ? 1_555 ? 
17 AC4 4 PHE A 104 ? PHE A 104 . ? 1_555 ? 
18 AC4 4 HOH H .   ? HOH A 203 . ? 1_555 ? 
19 AC4 4 HOH H .   ? HOH A 274 . ? 1_555 ? 
20 AC5 3 ASP A 72  ? ASP A 72  . ? 5_555 ? 
21 AC5 3 BME D .   ? BME A 168 . ? 5_555 ? 
22 AC5 3 HOH H .   ? HOH A 199 . ? 1_555 ? 
23 AC6 8 ILE A 78  ? ILE A 78  . ? 1_555 ? 
24 AC6 8 LEU A 84  ? LEU A 84  . ? 1_555 ? 
25 AC6 8 VAL A 87  ? VAL A 87  . ? 1_555 ? 
26 AC6 8 ALA A 99  ? ALA A 99  . ? 1_555 ? 
27 AC6 8 GLN A 102 ? GLN A 102 . ? 1_555 ? 
28 AC6 8 VAL A 111 ? VAL A 111 . ? 1_555 ? 
29 AC6 8 LEU A 118 ? LEU A 118 . ? 1_555 ? 
30 AC6 8 PHE A 153 ? PHE A 153 . ? 1_555 ? 
# 
_atom_sites.entry_id                    1OVJ 
_atom_sites.fract_transf_matrix[1][1]   -0.00467556 
_atom_sites.fract_transf_matrix[1][2]   0.00951622 
_atom_sites.fract_transf_matrix[1][3]   0.01579404 
_atom_sites.fract_transf_matrix[2][1]   -0.00270805 
_atom_sites.fract_transf_matrix[2][2]   -0.00939694 
_atom_sites.fract_transf_matrix[2][3]   0.01631682 
_atom_sites.fract_transf_matrix[3][1]   0.00993872 
_atom_sites.fract_transf_matrix[3][2]   0.00109696 
_atom_sites.fract_transf_matrix[3][3]   0.00228125 
_atom_sites.fract_transf_vector[1]      0.682704 
_atom_sites.fract_transf_vector[2]      0.221701 
_atom_sites.fract_transf_vector[3]      0.100646 
# 
loop_
_atom_type.symbol 
C  
CL 
F  
N  
O  
S  
# 
loop_
_atom_site.group_PDB 
_atom_site.id 
_atom_site.type_symbol 
_atom_site.label_atom_id 
_atom_site.label_alt_id 
_atom_site.label_comp_id 
_atom_site.label_asym_id 
_atom_site.label_entity_id 
_atom_site.label_seq_id 
_atom_site.pdbx_PDB_ins_code 
_atom_site.Cartn_x 
_atom_site.Cartn_y 
_atom_site.Cartn_z 
_atom_site.occupancy 
_atom_site.B_iso_or_equiv 
_atom_site.pdbx_formal_charge 
_atom_site.auth_seq_id 
_atom_site.auth_comp_id 
_atom_site.auth_asym_id 
_atom_site.auth_atom_id 
_atom_site.pdbx_PDB_model_num 
ATOM   1    N  N   . MET A 1 1   ? -0.506  15.344  -8.620  1.00 29.42  ? 1   MET A N   1 
ATOM   2    C  CA  . MET A 1 1   ? -0.580  14.103  -7.877  1.00 28.79  ? 1   MET A CA  1 
ATOM   3    C  C   . MET A 1 1   ? 0.316   12.956  -8.419  1.00 9.99   ? 1   MET A C   1 
ATOM   4    O  O   . MET A 1 1   ? 0.505   12.782  -9.614  1.00 18.74  ? 1   MET A O   1 
ATOM   5    C  CB  . MET A 1 1   ? -2.026  13.721  -7.431  1.00 18.94  ? 1   MET A CB  1 
ATOM   6    C  CG  . MET A 1 1   ? -2.011  12.512  -6.509  1.00 35.60  ? 1   MET A CG  1 
ATOM   7    S  SD  . MET A 1 1   ? -2.098  12.979  -4.763  1.00 35.03  ? 1   MET A SD  1 
ATOM   8    C  CE  . MET A 1 1   ? -3.165  14.362  -5.172  1.00 34.99  ? 1   MET A CE  1 
ATOM   9    N  N   . ASN A 1 2   ? 0.900   12.180  -7.497  1.00 8.26   ? 2   ASN A N   1 
ATOM   10   C  CA  . ASN A 1 2   ? 1.712   11.037  -7.809  1.00 15.66  ? 2   ASN A CA  1 
ATOM   11   C  C   . ASN A 1 2   ? 1.605   10.010  -6.642  1.00 12.19  ? 2   ASN A C   1 
ATOM   12   O  O   . ASN A 1 2   ? 0.981   10.217  -5.608  1.00 7.08   ? 2   ASN A O   1 
ATOM   13   C  CB  . ASN A 1 2   ? 3.147   11.480  -8.149  1.00 9.16   ? 2   ASN A CB  1 
ATOM   14   C  CG  . ASN A 1 2   ? 3.873   12.020  -6.950  1.00 15.19  ? 2   ASN A CG  1 
ATOM   15   O  OD1 . ASN A 1 2   ? 4.037   11.382  -5.903  1.00 8.79   ? 2   ASN A OD1 1 
ATOM   16   N  ND2 . ASN A 1 2   ? 4.350   13.221  -7.156  1.00 8.52   ? 2   ASN A ND2 1 
ATOM   17   N  N   . ILE A 1 3   ? 2.210   8.876   -6.818  1.00 6.35   ? 3   ILE A N   1 
ATOM   18   C  CA  . ILE A 1 3   ? 2.169   7.735   -5.889  1.00 9.51   ? 3   ILE A CA  1 
ATOM   19   C  C   . ILE A 1 3   ? 2.589   8.106   -4.460  1.00 4.03   ? 3   ILE A C   1 
ATOM   20   O  O   . ILE A 1 3   ? 1.993   7.671   -3.478  1.00 8.73   ? 3   ILE A O   1 
ATOM   21   C  CB  . ILE A 1 3   ? 2.976   6.546   -6.519  1.00 15.27  ? 3   ILE A CB  1 
ATOM   22   C  CG1 . ILE A 1 3   ? 2.661   5.187   -5.863  1.00 7.15   ? 3   ILE A CG1 1 
ATOM   23   C  CG2 . ILE A 1 3   ? 4.495   6.770   -6.654  1.00 9.28   ? 3   ILE A CG2 1 
ATOM   24   C  CD1 . ILE A 1 3   ? 1.238   5.050   -5.368  1.00 13.29  ? 3   ILE A CD1 1 
ATOM   25   N  N   . PHE A 1 4   ? 3.650   8.929   -4.390  1.00 10.65  ? 4   PHE A N   1 
ATOM   26   C  CA  . PHE A 1 4   ? 4.211   9.326   -3.147  1.00 5.96   ? 4   PHE A CA  1 
ATOM   27   C  C   . PHE A 1 4   ? 3.299   10.227  -2.381  1.00 9.66   ? 4   PHE A C   1 
ATOM   28   O  O   . PHE A 1 4   ? 3.119   10.059  -1.172  1.00 13.03  ? 4   PHE A O   1 
ATOM   29   C  CB  . PHE A 1 4   ? 5.598   9.949   -3.279  1.00 7.35   ? 4   PHE A CB  1 
ATOM   30   C  CG  . PHE A 1 4   ? 6.625   8.921   -3.717  1.00 7.52   ? 4   PHE A CG  1 
ATOM   31   C  CD1 . PHE A 1 4   ? 7.042   8.876   -5.044  1.00 5.60   ? 4   PHE A CD1 1 
ATOM   32   C  CD2 . PHE A 1 4   ? 7.177   7.995   -2.824  1.00 8.06   ? 4   PHE A CD2 1 
ATOM   33   C  CE1 . PHE A 1 4   ? 7.979   7.947   -5.493  1.00 7.40   ? 4   PHE A CE1 1 
ATOM   34   C  CE2 . PHE A 1 4   ? 8.121   7.064   -3.245  1.00 12.61  ? 4   PHE A CE2 1 
ATOM   35   C  CZ  . PHE A 1 4   ? 8.563   7.078   -4.568  1.00 14.92  ? 4   PHE A CZ  1 
ATOM   36   N  N   . GLU A 1 5   ? 2.692   11.189  -3.087  1.00 16.08  ? 5   GLU A N   1 
ATOM   37   C  CA  . GLU A 1 5   ? 1.780   12.062  -2.363  1.00 15.35  ? 5   GLU A CA  1 
ATOM   38   C  C   . GLU A 1 5   ? 0.582   11.231  -1.985  1.00 27.76  ? 5   GLU A C   1 
ATOM   39   O  O   . GLU A 1 5   ? 0.025   11.388  -0.927  1.00 15.94  ? 5   GLU A O   1 
ATOM   40   C  CB  . GLU A 1 5   ? 1.282   13.230  -3.229  1.00 18.40  ? 5   GLU A CB  1 
ATOM   41   C  CG  . GLU A 1 5   ? 2.407   14.157  -3.740  1.00 11.13  ? 5   GLU A CG  1 
ATOM   42   C  CD  . GLU A 1 5   ? 2.007   14.804  -5.029  1.00 26.89  ? 5   GLU A CD  1 
ATOM   43   O  OE1 . GLU A 1 5   ? 1.284   14.236  -5.824  1.00 87.23  ? 5   GLU A OE1 1 
ATOM   44   O  OE2 . GLU A 1 5   ? 2.401   16.044  -5.137  1.00 100.00 ? 5   GLU A OE2 1 
ATOM   45   N  N   . MET A 1 6   ? 0.212   10.354  -2.914  1.00 14.12  ? 6   MET A N   1 
ATOM   46   C  CA  . MET A 1 6   ? -0.953  9.534   -2.679  1.00 17.40  ? 6   MET A CA  1 
ATOM   47   C  C   . MET A 1 6   ? -0.747  8.703   -1.464  1.00 10.56  ? 6   MET A C   1 
ATOM   48   O  O   . MET A 1 6   ? -1.517  8.727   -0.499  1.00 6.56   ? 6   MET A O   1 
ATOM   49   C  CB  . MET A 1 6   ? -1.303  8.652   -3.880  1.00 14.35  ? 6   MET A CB  1 
ATOM   50   C  CG  . MET A 1 6   ? -2.622  7.862   -3.767  1.00 17.00  ? 6   MET A CG  1 
ATOM   51   S  SD  . MET A 1 6   ? -2.594  6.384   -4.836  1.00 11.84  ? 6   MET A SD  1 
ATOM   52   C  CE  . MET A 1 6   ? -4.355  6.139   -5.248  1.00 13.00  ? 6   MET A CE  1 
ATOM   53   N  N   . LEU A 1 7   ? 0.285   7.936   -1.547  1.00 2.48   ? 7   LEU A N   1 
ATOM   54   C  CA  . LEU A 1 7   ? 0.474   7.117   -0.331  1.00 13.34  ? 7   LEU A CA  1 
ATOM   55   C  C   . LEU A 1 7   ? 0.678   7.915   0.937   1.00 18.93  ? 7   LEU A C   1 
ATOM   56   O  O   . LEU A 1 7   ? 0.296   7.448   2.003   1.00 7.19   ? 7   LEU A O   1 
ATOM   57   C  CB  . LEU A 1 7   ? 1.697   6.177   -0.457  1.00 1.69   ? 7   LEU A CB  1 
ATOM   58   C  CG  . LEU A 1 7   ? 1.317   4.912   -1.262  1.00 12.01  ? 7   LEU A CG  1 
ATOM   59   C  CD1 . LEU A 1 7   ? 2.562   4.203   -1.806  1.00 12.44  ? 7   LEU A CD1 1 
ATOM   60   C  CD2 . LEU A 1 7   ? 0.381   3.990   -0.486  1.00 6.00   ? 7   LEU A CD2 1 
ATOM   61   N  N   . ARG A 1 8   ? 1.349   9.070   0.836   1.00 12.08  ? 8   ARG A N   1 
ATOM   62   C  CA  . ARG A 1 8   ? 1.624   9.839   2.068   1.00 14.53  ? 8   ARG A CA  1 
ATOM   63   C  C   . ARG A 1 8   ? 0.293   10.233  2.725   1.00 21.25  ? 8   ARG A C   1 
ATOM   64   O  O   . ARG A 1 8   ? 0.137   10.235  3.944   1.00 15.21  ? 8   ARG A O   1 
ATOM   65   C  CB  . ARG A 1 8   ? 2.533   11.060  1.782   1.00 21.84  ? 8   ARG A CB  1 
ATOM   66   C  CG  . ARG A 1 8   ? 2.602   12.194  2.819   1.00 20.18  ? 8   ARG A CG  1 
ATOM   67   C  CD  . ARG A 1 8   ? 3.797   11.968  3.756   1.00 27.90  ? 8   ARG A CD  1 
ATOM   68   N  NE  . ARG A 1 8   ? 3.867   12.748  5.002   1.00 57.34  ? 8   ARG A NE  1 
ATOM   69   C  CZ  . ARG A 1 8   ? 2.846   13.260  5.701   1.00 100.00 ? 8   ARG A CZ  1 
ATOM   70   N  NH1 . ARG A 1 8   ? 1.608   13.163  5.250   1.00 73.42  ? 8   ARG A NH1 1 
ATOM   71   N  NH2 . ARG A 1 8   ? 3.063   13.911  6.858   1.00 56.61  ? 8   ARG A NH2 1 
ATOM   72   N  N   . ILE A 1 9   ? -0.706  10.535  1.902   1.00 11.30  ? 9   ILE A N   1 
ATOM   73   C  CA  . ILE A 1 9   ? -2.012  10.854  2.422   1.00 6.20   ? 9   ILE A CA  1 
ATOM   74   C  C   . ILE A 1 9   ? -2.673  9.641   3.068   1.00 23.96  ? 9   ILE A C   1 
ATOM   75   O  O   . ILE A 1 9   ? -3.205  9.777   4.186   1.00 12.70  ? 9   ILE A O   1 
ATOM   76   C  CB  . ILE A 1 9   ? -2.856  11.324  1.277   1.00 8.42   ? 9   ILE A CB  1 
ATOM   77   C  CG1 . ILE A 1 9   ? -2.445  12.772  0.928   1.00 12.74  ? 9   ILE A CG1 1 
ATOM   78   C  CG2 . ILE A 1 9   ? -4.307  11.254  1.743   1.00 9.05   ? 9   ILE A CG2 1 
ATOM   79   C  CD1 . ILE A 1 9   ? -2.978  13.259  -0.432  1.00 16.52  ? 9   ILE A CD1 1 
ATOM   80   N  N   . ASP A 1 10  ? -2.639  8.461   2.412   1.00 8.94   ? 10  ASP A N   1 
ATOM   81   C  CA  . ASP A 1 10  ? -3.278  7.271   2.989   1.00 13.45  ? 10  ASP A CA  1 
ATOM   82   C  C   . ASP A 1 10  ? -2.634  6.672   4.223   1.00 12.95  ? 10  ASP A C   1 
ATOM   83   O  O   . ASP A 1 10  ? -3.299  6.146   5.122   1.00 17.19  ? 10  ASP A O   1 
ATOM   84   C  CB  . ASP A 1 10  ? -3.409  6.177   1.928   1.00 6.39   ? 10  ASP A CB  1 
ATOM   85   C  CG  . ASP A 1 10  ? -4.465  6.639   0.983   1.00 11.57  ? 10  ASP A CG  1 
ATOM   86   O  OD1 . ASP A 1 10  ? -5.406  7.377   1.329   1.00 4.97   ? 10  ASP A OD1 1 
ATOM   87   O  OD2 . ASP A 1 10  ? -4.276  6.191   -0.255  1.00 8.45   ? 10  ASP A OD2 1 
ATOM   88   N  N   . GLU A 1 11  ? -1.308  6.780   4.318   1.00 4.98   ? 11  GLU A N   1 
ATOM   89   C  CA  . GLU A 1 11  ? -0.596  6.153   5.458   1.00 5.48   ? 11  GLU A CA  1 
ATOM   90   C  C   . GLU A 1 11  ? -0.144  7.081   6.546   1.00 7.81   ? 11  GLU A C   1 
ATOM   91   O  O   . GLU A 1 11  ? 0.350   6.625   7.583   1.00 15.80  ? 11  GLU A O   1 
ATOM   92   C  CB  . GLU A 1 11  ? 0.702   5.576   4.886   1.00 3.58   ? 11  GLU A CB  1 
ATOM   93   C  CG  . GLU A 1 11  ? 0.399   4.473   3.883   1.00 8.69   ? 11  GLU A CG  1 
ATOM   94   C  CD  . GLU A 1 11  ? -0.128  3.224   4.538   1.00 5.01   ? 11  GLU A CD  1 
ATOM   95   O  OE1 . GLU A 1 11  ? -0.254  3.070   5.751   1.00 12.53  ? 11  GLU A OE1 1 
ATOM   96   O  OE2 . GLU A 1 11  ? -0.371  2.307   3.651   1.00 13.57  ? 11  GLU A OE2 1 
ATOM   97   N  N   . GLY A 1 12  ? -0.081  8.359   6.175   1.00 9.88   ? 12  GLY A N   1 
ATOM   98   C  CA  . GLY A 1 12  ? 0.423   9.394   7.075   1.00 18.62  ? 12  GLY A CA  1 
ATOM   99   C  C   . GLY A 1 12  ? 1.900   9.250   7.408   1.00 25.33  ? 12  GLY A C   1 
ATOM   100  O  O   . GLY A 1 12  ? 2.583   8.465   6.762   1.00 14.64  ? 12  GLY A O   1 
ATOM   101  N  N   . LEU A 1 13  ? 2.392   10.050  8.385   1.00 21.64  ? 13  LEU A N   1 
ATOM   102  C  CA  . LEU A 1 13  ? 3.811   9.953   8.767   1.00 23.03  ? 13  LEU A CA  1 
ATOM   103  C  C   . LEU A 1 13  ? 4.045   10.008  10.257  1.00 13.39  ? 13  LEU A C   1 
ATOM   104  O  O   . LEU A 1 13  ? 3.635   10.956  10.925  1.00 14.10  ? 13  LEU A O   1 
ATOM   105  C  CB  . LEU A 1 13  ? 4.637   11.061  8.133   1.00 13.28  ? 13  LEU A CB  1 
ATOM   106  C  CG  . LEU A 1 13  ? 6.066   11.001  8.703   1.00 32.89  ? 13  LEU A CG  1 
ATOM   107  C  CD1 . LEU A 1 13  ? 6.712   9.672   8.356   1.00 23.78  ? 13  LEU A CD1 1 
ATOM   108  C  CD2 . LEU A 1 13  ? 6.921   12.147  8.168   1.00 27.44  ? 13  LEU A CD2 1 
ATOM   109  N  N   . ARG A 1 14  ? 4.695   8.983   10.773  1.00 14.95  ? 14  ARG A N   1 
ATOM   110  C  CA  . ARG A 1 14  ? 5.062   8.899   12.161  1.00 15.25  ? 14  ARG A CA  1 
ATOM   111  C  C   . ARG A 1 14  ? 6.488   8.512   12.331  1.00 23.19  ? 14  ARG A C   1 
ATOM   112  O  O   . ARG A 1 14  ? 6.936   7.535   11.737  1.00 19.62  ? 14  ARG A O   1 
ATOM   113  C  CB  . ARG A 1 14  ? 4.273   7.896   12.924  1.00 15.48  ? 14  ARG A CB  1 
ATOM   114  C  CG  . ARG A 1 14  ? 2.875   7.972   12.358  1.00 36.45  ? 14  ARG A CG  1 
ATOM   115  C  CD  . ARG A 1 14  ? 1.827   8.088   13.447  1.00 31.71  ? 14  ARG A CD  1 
ATOM   116  N  NE  . ARG A 1 14  ? 2.340   7.955   14.808  1.00 100.00 ? 14  ARG A NE  1 
ATOM   117  C  CZ  . ARG A 1 14  ? 1.644   7.374   15.803  1.00 100.00 ? 14  ARG A CZ  1 
ATOM   118  N  NH1 . ARG A 1 14  ? 0.410   6.853   15.609  1.00 68.55  ? 14  ARG A NH1 1 
ATOM   119  N  NH2 . ARG A 1 14  ? 2.209   7.312   17.025  1.00 100.00 ? 14  ARG A NH2 1 
ATOM   120  N  N   . LEU A 1 15  ? 7.144   9.292   13.178  1.00 21.45  ? 15  LEU A N   1 
ATOM   121  C  CA  . LEU A 1 15  ? 8.534   9.119   13.510  1.00 21.35  ? 15  LEU A CA  1 
ATOM   122  C  C   . LEU A 1 15  ? 8.794   8.150   14.659  1.00 15.88  ? 15  LEU A C   1 
ATOM   123  O  O   . LEU A 1 15  ? 9.964   7.785   14.763  1.00 21.69  ? 15  LEU A O   1 
ATOM   124  C  CB  . LEU A 1 15  ? 9.218   10.477  13.791  1.00 13.67  ? 15  LEU A CB  1 
ATOM   125  C  CG  . LEU A 1 15  ? 9.127   11.396  12.567  1.00 16.24  ? 15  LEU A CG  1 
ATOM   126  C  CD1 . LEU A 1 15  ? 10.297  12.379  12.487  1.00 30.51  ? 15  LEU A CD1 1 
ATOM   127  C  CD2 . LEU A 1 15  ? 9.133   10.532  11.309  1.00 27.86  ? 15  LEU A CD2 1 
ATOM   128  N  N   . LYS A 1 16  ? 7.745   7.725   15.421  1.00 9.13   ? 16  LYS A N   1 
ATOM   129  C  CA  . LYS A 1 16  ? 7.901   6.803   16.576  1.00 14.70  ? 16  LYS A CA  1 
ATOM   130  C  C   . LYS A 1 16  ? 7.214   5.468   16.296  1.00 16.78  ? 16  LYS A C   1 
ATOM   131  O  O   . LYS A 1 16  ? 6.200   5.439   15.575  1.00 23.92  ? 16  LYS A O   1 
ATOM   132  C  CB  . LYS A 1 16  ? 7.335   7.394   17.889  1.00 17.35  ? 16  LYS A CB  1 
ATOM   133  C  CG  . LYS A 1 16  ? 6.479   6.379   18.656  1.00 100.00 ? 16  LYS A CG  1 
ATOM   134  C  CD  . LYS A 1 16  ? 7.116   5.762   19.920  1.00 100.00 ? 16  LYS A CD  1 
ATOM   135  C  CE  . LYS A 1 16  ? 7.937   4.478   19.695  1.00 100.00 ? 16  LYS A CE  1 
ATOM   136  N  NZ  . LYS A 1 16  ? 7.662   3.321   20.589  1.00 79.08  ? 16  LYS A NZ  1 
ATOM   137  N  N   . ILE A 1 17  ? 7.742   4.361   16.843  1.00 8.58   ? 17  ILE A N   1 
ATOM   138  C  CA  . ILE A 1 17  ? 7.044   3.110   16.507  1.00 1.00   ? 17  ILE A CA  1 
ATOM   139  C  C   . ILE A 1 17  ? 5.563   3.195   16.798  1.00 28.63  ? 17  ILE A C   1 
ATOM   140  O  O   . ILE A 1 17  ? 5.258   3.625   17.896  1.00 15.28  ? 17  ILE A O   1 
ATOM   141  C  CB  . ILE A 1 17  ? 7.639   1.905   17.256  1.00 6.27   ? 17  ILE A CB  1 
ATOM   142  C  CG1 . ILE A 1 17  ? 8.962   1.601   16.566  1.00 9.26   ? 17  ILE A CG1 1 
ATOM   143  C  CG2 . ILE A 1 17  ? 6.728   0.627   17.179  1.00 7.84   ? 17  ILE A CG2 1 
ATOM   144  C  CD1 . ILE A 1 17  ? 9.823   0.497   17.219  1.00 12.16  ? 17  ILE A CD1 1 
ATOM   145  N  N   . TYR A 1 18  ? 4.664   2.811   15.853  1.00 10.54  ? 18  TYR A N   1 
ATOM   146  C  CA  . TYR A 1 18  ? 3.267   2.829   16.214  1.00 8.72   ? 18  TYR A CA  1 
ATOM   147  C  C   . TYR A 1 18  ? 2.558   1.530   15.823  1.00 17.74  ? 18  TYR A C   1 
ATOM   148  O  O   . TYR A 1 18  ? 3.141   0.662   15.122  1.00 19.48  ? 18  TYR A O   1 
ATOM   149  C  CB  . TYR A 1 18  ? 2.630   4.068   15.594  1.00 15.30  ? 18  TYR A CB  1 
ATOM   150  C  CG  . TYR A 1 18  ? 2.579   4.084   14.067  1.00 29.59  ? 18  TYR A CG  1 
ATOM   151  C  CD1 . TYR A 1 18  ? 1.423   3.693   13.372  1.00 31.20  ? 18  TYR A CD1 1 
ATOM   152  C  CD2 . TYR A 1 18  ? 3.664   4.555   13.325  1.00 24.95  ? 18  TYR A CD2 1 
ATOM   153  C  CE1 . TYR A 1 18  ? 1.333   3.756   11.977  1.00 15.92  ? 18  TYR A CE1 1 
ATOM   154  C  CE2 . TYR A 1 18  ? 3.575   4.686   11.937  1.00 25.15  ? 18  TYR A CE2 1 
ATOM   155  C  CZ  . TYR A 1 18  ? 2.431   4.242   11.256  1.00 15.13  ? 18  TYR A CZ  1 
ATOM   156  O  OH  . TYR A 1 18  ? 2.402   4.405   9.885   1.00 25.13  ? 18  TYR A OH  1 
ATOM   157  N  N   . LYS A 1 19  ? 1.302   1.349   16.297  1.00 8.90   ? 19  LYS A N   1 
ATOM   158  C  CA  . LYS A 1 19  ? 0.551   0.157   15.849  1.00 7.44   ? 19  LYS A CA  1 
ATOM   159  C  C   . LYS A 1 19  ? -0.360  0.598   14.678  1.00 25.19  ? 19  LYS A C   1 
ATOM   160  O  O   . LYS A 1 19  ? -0.989  1.672   14.684  1.00 13.78  ? 19  LYS A O   1 
ATOM   161  C  CB  . LYS A 1 19  ? -0.194  -0.723  16.849  1.00 16.73  ? 19  LYS A CB  1 
ATOM   162  C  CG  . LYS A 1 19  ? 0.549   -1.459  17.986  1.00 23.76  ? 19  LYS A CG  1 
ATOM   163  C  CD  . LYS A 1 19  ? -0.399  -2.336  18.862  1.00 17.91  ? 19  LYS A CD  1 
ATOM   164  C  CE  . LYS A 1 19  ? 0.206   -2.806  20.195  1.00 43.53  ? 19  LYS A CE  1 
ATOM   165  N  NZ  . LYS A 1 19  ? 0.016   -4.238  20.547  1.00 39.85  ? 19  LYS A NZ  1 
ATOM   166  N  N   . ASP A 1 20  ? -0.423  -0.180  13.615  1.00 15.34  ? 20  ASP A N   1 
ATOM   167  C  CA  . ASP A 1 20  ? -1.227  0.205   12.496  1.00 13.83  ? 20  ASP A CA  1 
ATOM   168  C  C   . ASP A 1 20  ? -2.668  -0.243  12.762  1.00 19.49  ? 20  ASP A C   1 
ATOM   169  O  O   . ASP A 1 20  ? -3.012  -0.792  13.814  1.00 8.89   ? 20  ASP A O   1 
ATOM   170  C  CB  . ASP A 1 20  ? -0.615  -0.452  11.230  1.00 19.37  ? 20  ASP A CB  1 
ATOM   171  C  CG  . ASP A 1 20  ? -0.806  -1.980  11.136  1.00 33.45  ? 20  ASP A CG  1 
ATOM   172  O  OD1 . ASP A 1 20  ? -1.158  -2.720  12.040  1.00 15.92  ? 20  ASP A OD1 1 
ATOM   173  O  OD2 . ASP A 1 20  ? -0.499  -2.469  9.967   1.00 23.71  ? 20  ASP A OD2 1 
ATOM   174  N  N   . THR A 1 21  ? -3.507  -0.089  11.754  1.00 12.88  ? 21  THR A N   1 
ATOM   175  C  CA  . THR A 1 21  ? -4.912  -0.459  11.834  1.00 21.14  ? 21  THR A CA  1 
ATOM   176  C  C   . THR A 1 21  ? -5.118  -1.899  12.301  1.00 28.41  ? 21  THR A C   1 
ATOM   177  O  O   . THR A 1 21  ? -6.043  -2.191  13.047  1.00 22.48  ? 21  THR A O   1 
ATOM   178  C  CB  . THR A 1 21  ? -5.648  -0.098  10.520  1.00 30.66  ? 21  THR A CB  1 
ATOM   179  O  OG1 . THR A 1 21  ? -5.216  -1.035  9.547   1.00 17.11  ? 21  THR A OG1 1 
ATOM   180  C  CG2 . THR A 1 21  ? -5.179  1.304   10.058  1.00 34.36  ? 21  THR A CG2 1 
ATOM   181  N  N   . GLU A 1 22  ? -4.239  -2.823  11.889  1.00 7.39   ? 22  GLU A N   1 
ATOM   182  C  CA  . GLU A 1 22  ? -4.319  -4.282  12.312  1.00 8.39   ? 22  GLU A CA  1 
ATOM   183  C  C   . GLU A 1 22  ? -3.634  -4.674  13.652  1.00 13.19  ? 22  GLU A C   1 
ATOM   184  O  O   . GLU A 1 22  ? -3.687  -5.852  14.027  1.00 14.32  ? 22  GLU A O   1 
ATOM   185  C  CB  . GLU A 1 22  ? -3.823  -5.290  11.239  1.00 7.17   ? 22  GLU A CB  1 
ATOM   186  C  CG  . GLU A 1 22  ? -4.547  -5.061  9.893   1.00 20.18  ? 22  GLU A CG  1 
ATOM   187  C  CD  . GLU A 1 22  ? -5.777  -5.915  9.706   1.00 61.70  ? 22  GLU A CD  1 
ATOM   188  O  OE1 . GLU A 1 22  ? -6.238  -6.707  10.530  1.00 49.23  ? 22  GLU A OE1 1 
ATOM   189  O  OE2 . GLU A 1 22  ? -6.305  -5.703  8.535   1.00 79.53  ? 22  GLU A OE2 1 
ATOM   190  N  N   . GLY A 1 23  ? -2.972  -3.688  14.305  1.00 13.09  ? 23  GLY A N   1 
ATOM   191  C  CA  . GLY A 1 23  ? -2.239  -3.828  15.565  1.00 11.12  ? 23  GLY A CA  1 
ATOM   192  C  C   . GLY A 1 23  ? -0.758  -4.107  15.382  1.00 13.17  ? 23  GLY A C   1 
ATOM   193  O  O   . GLY A 1 23  ? -0.089  -4.491  16.326  1.00 16.78  ? 23  GLY A O   1 
ATOM   194  N  N   . TYR A 1 24  ? -0.220  -3.949  14.175  1.00 6.12   ? 24  TYR A N   1 
ATOM   195  C  CA  . TYR A 1 24  ? 1.160   -4.316  14.105  1.00 13.25  ? 24  TYR A CA  1 
ATOM   196  C  C   . TYR A 1 24  ? 2.086   -3.180  14.150  1.00 11.65  ? 24  TYR A C   1 
ATOM   197  O  O   . TYR A 1 24  ? 1.801   -2.132  13.624  1.00 11.84  ? 24  TYR A O   1 
ATOM   198  C  CB  . TYR A 1 24  ? 1.393   -4.923  12.759  1.00 15.73  ? 24  TYR A CB  1 
ATOM   199  C  CG  . TYR A 1 24  ? 0.542   -6.114  12.479  1.00 15.83  ? 24  TYR A CG  1 
ATOM   200  C  CD1 . TYR A 1 24  ? -0.161  -6.197  11.277  1.00 18.40  ? 24  TYR A CD1 1 
ATOM   201  C  CD2 . TYR A 1 24  ? 0.540   -7.216  13.323  1.00 25.49  ? 24  TYR A CD2 1 
ATOM   202  C  CE1 . TYR A 1 24  ? -0.915  -7.308  10.913  1.00 30.95  ? 24  TYR A CE1 1 
ATOM   203  C  CE2 . TYR A 1 24  ? -0.195  -8.350  12.961  1.00 49.90  ? 24  TYR A CE2 1 
ATOM   204  C  CZ  . TYR A 1 24  ? -0.923  -8.410  11.766  1.00 39.49  ? 24  TYR A CZ  1 
ATOM   205  O  OH  . TYR A 1 24  ? -1.651  -9.515  11.406  1.00 37.18  ? 24  TYR A OH  1 
ATOM   206  N  N   . TYR A 1 25  ? 3.255   -3.453  14.681  1.00 16.73  ? 25  TYR A N   1 
ATOM   207  C  CA  . TYR A 1 25  ? 4.278   -2.428  14.733  1.00 7.78   ? 25  TYR A CA  1 
ATOM   208  C  C   . TYR A 1 25  ? 4.769   -1.920  13.356  1.00 8.94   ? 25  TYR A C   1 
ATOM   209  O  O   . TYR A 1 25  ? 5.277   -2.595  12.438  1.00 14.99  ? 25  TYR A O   1 
ATOM   210  C  CB  . TYR A 1 25  ? 5.451   -3.066  15.470  1.00 11.00  ? 25  TYR A CB  1 
ATOM   211  C  CG  . TYR A 1 25  ? 5.105   -3.203  16.919  1.00 22.55  ? 25  TYR A CG  1 
ATOM   212  C  CD1 . TYR A 1 25  ? 5.391   -4.390  17.603  1.00 17.19  ? 25  TYR A CD1 1 
ATOM   213  C  CD2 . TYR A 1 25  ? 4.425   -2.177  17.578  1.00 24.01  ? 25  TYR A CD2 1 
ATOM   214  C  CE1 . TYR A 1 25  ? 5.050   -4.541  18.945  1.00 13.79  ? 25  TYR A CE1 1 
ATOM   215  C  CE2 . TYR A 1 25  ? 4.085   -2.328  18.924  1.00 27.90  ? 25  TYR A CE2 1 
ATOM   216  C  CZ  . TYR A 1 25  ? 4.403   -3.503  19.612  1.00 34.65  ? 25  TYR A CZ  1 
ATOM   217  O  OH  . TYR A 1 25  ? 4.094   -3.666  20.948  1.00 23.63  ? 25  TYR A OH  1 
ATOM   218  N  N   . THR A 1 26  ? 4.722   -0.635  13.289  1.00 5.96   ? 26  THR A N   1 
ATOM   219  C  CA  . THR A 1 26  ? 5.082   0.041   12.088  1.00 13.68  ? 26  THR A CA  1 
ATOM   220  C  C   . THR A 1 26  ? 5.746   1.372   12.421  1.00 10.89  ? 26  THR A C   1 
ATOM   221  O  O   . THR A 1 26  ? 5.683   1.869   13.550  1.00 8.39   ? 26  THR A O   1 
ATOM   222  C  CB  . THR A 1 26  ? 3.688   0.309   11.437  1.00 15.46  ? 26  THR A CB  1 
ATOM   223  O  OG1 . THR A 1 26  ? 2.924   -0.869  11.213  1.00 12.73  ? 26  THR A OG1 1 
ATOM   224  C  CG2 . THR A 1 26  ? 3.714   1.242   10.229  1.00 9.06   ? 26  THR A CG2 1 
ATOM   225  N  N   . ILE A 1 27  ? 6.344   1.996   11.417  1.00 11.51  ? 27  ILE A N   1 
ATOM   226  C  CA  . ILE A 1 27  ? 6.941   3.298   11.621  1.00 13.68  ? 27  ILE A CA  1 
ATOM   227  C  C   . ILE A 1 27  ? 6.958   4.111   10.347  1.00 11.21  ? 27  ILE A C   1 
ATOM   228  O  O   . ILE A 1 27  ? 6.692   3.600   9.282   1.00 5.30   ? 27  ILE A O   1 
ATOM   229  C  CB  . ILE A 1 27  ? 8.348   3.181   12.252  1.00 21.01  ? 27  ILE A CB  1 
ATOM   230  C  CG1 . ILE A 1 27  ? 8.805   4.568   12.678  1.00 23.81  ? 27  ILE A CG1 1 
ATOM   231  C  CG2 . ILE A 1 27  ? 9.394   2.550   11.309  1.00 19.81  ? 27  ILE A CG2 1 
ATOM   232  C  CD1 . ILE A 1 27  ? 9.994   4.515   13.624  1.00 33.65  ? 27  ILE A CD1 1 
ATOM   233  N  N   . GLY A 1 28  ? 7.316   5.385   10.426  1.00 6.44   ? 28  GLY A N   1 
ATOM   234  C  CA  . GLY A 1 28  ? 7.476   6.101   9.208   1.00 1.12   ? 28  GLY A CA  1 
ATOM   235  C  C   . GLY A 1 28  ? 6.212   6.304   8.412   1.00 6.87   ? 28  GLY A C   1 
ATOM   236  O  O   . GLY A 1 28  ? 5.169   6.704   8.969   1.00 9.80   ? 28  GLY A O   1 
ATOM   237  N  N   . ILE A 1 29  ? 6.327   5.998   7.134   1.00 3.70   ? 29  ILE A N   1 
ATOM   238  C  CA  . ILE A 1 29  ? 5.225   6.119   6.195   1.00 4.79   ? 29  ILE A CA  1 
ATOM   239  C  C   . ILE A 1 29  ? 4.727   4.747   5.811   1.00 8.15   ? 29  ILE A C   1 
ATOM   240  O  O   . ILE A 1 29  ? 4.913   4.232   4.690   1.00 12.01  ? 29  ILE A O   1 
ATOM   241  C  CB  . ILE A 1 29  ? 5.552   6.861   4.886   1.00 13.38  ? 29  ILE A CB  1 
ATOM   242  C  CG1 . ILE A 1 29  ? 5.946   8.292   5.202   1.00 10.89  ? 29  ILE A CG1 1 
ATOM   243  C  CG2 . ILE A 1 29  ? 4.320   6.868   3.986   1.00 11.16  ? 29  ILE A CG2 1 
ATOM   244  C  CD1 . ILE A 1 29  ? 7.259   8.677   4.528   1.00 34.04  ? 29  ILE A CD1 1 
ATOM   245  N  N   . GLY A 1 30  ? 4.051   4.173   6.774   1.00 3.30   ? 30  GLY A N   1 
ATOM   246  C  CA  . GLY A 1 30  ? 3.394   2.869   6.673   1.00 5.49   ? 30  GLY A CA  1 
ATOM   247  C  C   . GLY A 1 30  ? 4.407   1.739   6.548   1.00 10.22  ? 30  GLY A C   1 
ATOM   248  O  O   . GLY A 1 30  ? 4.108   0.657   6.148   1.00 6.97   ? 30  GLY A O   1 
ATOM   249  N  N   . HIS A 1 31  ? 5.588   1.918   7.022   1.00 4.65   ? 31  HIS A N   1 
ATOM   250  C  CA  . HIS A 1 31  ? 6.537   0.855   6.893   1.00 6.37   ? 31  HIS A CA  1 
ATOM   251  C  C   . HIS A 1 31  ? 6.399   -0.211  7.968   1.00 10.55  ? 31  HIS A C   1 
ATOM   252  O  O   . HIS A 1 31  ? 6.702   0.042   9.146   1.00 5.45   ? 31  HIS A O   1 
ATOM   253  C  CB  . HIS A 1 31  ? 7.945   1.483   6.954   1.00 2.86   ? 31  HIS A CB  1 
ATOM   254  C  CG  . HIS A 1 31  ? 8.942   0.360   6.799   1.00 9.55   ? 31  HIS A CG  1 
ATOM   255  N  ND1 . HIS A 1 31  ? 9.360   -0.070  5.535   1.00 5.70   ? 31  HIS A ND1 1 
ATOM   256  C  CD2 . HIS A 1 31  ? 9.587   -0.404  7.724   1.00 12.17  ? 31  HIS A CD2 1 
ATOM   257  C  CE1 . HIS A 1 31  ? 10.212  -1.089  5.646   1.00 3.27   ? 31  HIS A CE1 1 
ATOM   258  N  NE2 . HIS A 1 31  ? 10.406  -1.283  6.961   1.00 11.60  ? 31  HIS A NE2 1 
ATOM   259  N  N   . LEU A 1 32  ? 5.897   -1.405  7.565   1.00 10.98  ? 32  LEU A N   1 
ATOM   260  C  CA  . LEU A 1 32  ? 5.649   -2.448  8.550   1.00 9.24   ? 32  LEU A CA  1 
ATOM   261  C  C   . LEU A 1 32  ? 6.929   -2.979  9.186   1.00 11.17  ? 32  LEU A C   1 
ATOM   262  O  O   . LEU A 1 32  ? 7.889   -3.319  8.481   1.00 5.67   ? 32  LEU A O   1 
ATOM   263  C  CB  . LEU A 1 32  ? 4.839   -3.644  7.975   1.00 22.59  ? 32  LEU A CB  1 
ATOM   264  C  CG  . LEU A 1 32  ? 4.721   -4.876  8.917   1.00 47.01  ? 32  LEU A CG  1 
ATOM   265  C  CD1 . LEU A 1 32  ? 3.830   -4.635  10.149  1.00 49.37  ? 32  LEU A CD1 1 
ATOM   266  C  CD2 . LEU A 1 32  ? 4.193   -6.103  8.183   1.00 34.37  ? 32  LEU A CD2 1 
ATOM   267  N  N   . LEU A 1 33  ? 6.981   -3.053  10.499  1.00 4.76   ? 33  LEU A N   1 
ATOM   268  C  CA  . LEU A 1 33  ? 8.246   -3.572  10.987  1.00 5.12   ? 33  LEU A CA  1 
ATOM   269  C  C   . LEU A 1 33  ? 8.136   -5.091  11.257  1.00 14.26  ? 33  LEU A C   1 
ATOM   270  O  O   . LEU A 1 33  ? 9.030   -5.916  10.973  1.00 14.80  ? 33  LEU A O   1 
ATOM   271  C  CB  . LEU A 1 33  ? 8.543   -2.881  12.295  1.00 13.39  ? 33  LEU A CB  1 
ATOM   272  C  CG  . LEU A 1 33  ? 9.059   -1.513  11.962  1.00 18.86  ? 33  LEU A CG  1 
ATOM   273  C  CD1 . LEU A 1 33  ? 9.150   -0.741  13.262  1.00 7.98   ? 33  LEU A CD1 1 
ATOM   274  C  CD2 . LEU A 1 33  ? 10.463  -1.657  11.362  1.00 5.51   ? 33  LEU A CD2 1 
ATOM   275  N  N   . THR A 1 34  ? 7.051   -5.502  11.909  1.00 17.79  ? 34  THR A N   1 
ATOM   276  C  CA  . THR A 1 34  ? 6.855   -6.932  12.209  1.00 15.01  ? 34  THR A CA  1 
ATOM   277  C  C   . THR A 1 34  ? 5.435   -7.149  12.654  1.00 36.13  ? 34  THR A C   1 
ATOM   278  O  O   . THR A 1 34  ? 4.745   -6.205  13.134  1.00 22.84  ? 34  THR A O   1 
ATOM   279  C  CB  . THR A 1 34  ? 7.711   -7.442  13.408  1.00 30.61  ? 34  THR A CB  1 
ATOM   280  O  OG1 . THR A 1 34  ? 7.444   -8.811  13.631  1.00 25.98  ? 34  THR A OG1 1 
ATOM   281  C  CG2 . THR A 1 34  ? 7.362   -6.687  14.698  1.00 26.67  ? 34  THR A CG2 1 
ATOM   282  N  N   . LYS A 1 35  ? 5.062   -8.429  12.513  1.00 12.31  ? 35  LYS A N   1 
ATOM   283  C  CA  . LYS A 1 35  ? 3.741   -8.850  12.925  1.00 21.52  ? 35  LYS A CA  1 
ATOM   284  C  C   . LYS A 1 35  ? 3.751   -9.327  14.362  1.00 30.60  ? 35  LYS A C   1 
ATOM   285  O  O   . LYS A 1 35  ? 2.738   -9.346  15.051  1.00 37.14  ? 35  LYS A O   1 
ATOM   286  C  CB  . LYS A 1 35  ? 3.141   -9.870  12.012  1.00 22.20  ? 35  LYS A CB  1 
ATOM   287  C  CG  . LYS A 1 35  ? 2.788   -9.228  10.664  1.00 50.77  ? 35  LYS A CG  1 
ATOM   288  C  CD  . LYS A 1 35  ? 1.841   -10.059 9.797   1.00 39.38  ? 35  LYS A CD  1 
ATOM   289  C  CE  . LYS A 1 35  ? 2.408   -10.422 8.412   1.00 100.00 ? 35  LYS A CE  1 
ATOM   290  N  NZ  . LYS A 1 35  ? 1.780   -11.702 7.819   1.00 100.00 ? 35  LYS A NZ  1 
ATOM   291  N  N   . SER A 1 36  ? 4.923   -9.715  14.832  1.00 24.26  ? 36  SER A N   1 
ATOM   292  C  CA  . SER A 1 36  ? 5.012   -10.142 16.225  1.00 26.92  ? 36  SER A CA  1 
ATOM   293  C  C   . SER A 1 36  ? 4.526   -9.017  17.166  1.00 27.98  ? 36  SER A C   1 
ATOM   294  O  O   . SER A 1 36  ? 4.641   -7.789  16.932  1.00 24.28  ? 36  SER A O   1 
ATOM   295  C  CB  . SER A 1 36  ? 6.446   -10.646 16.522  1.00 39.14  ? 36  SER A CB  1 
ATOM   296  O  OG  . SER A 1 36  ? 7.013   -10.345 17.805  1.00 39.75  ? 36  SER A OG  1 
ATOM   297  N  N   . PRO A 1 37  ? 4.015   -9.444  18.302  1.00 25.71  ? 37  PRO A N   1 
ATOM   298  C  CA  . PRO A 1 37  ? 3.552   -8.527  19.319  1.00 26.35  ? 37  PRO A CA  1 
ATOM   299  C  C   . PRO A 1 37  ? 4.664   -8.102  20.268  1.00 36.13  ? 37  PRO A C   1 
ATOM   300  O  O   . PRO A 1 37  ? 4.396   -7.275  21.147  1.00 33.33  ? 37  PRO A O   1 
ATOM   301  C  CB  . PRO A 1 37  ? 2.514   -9.315  20.065  1.00 34.88  ? 37  PRO A CB  1 
ATOM   302  C  CG  . PRO A 1 37  ? 3.021   -10.743 20.007  1.00 33.28  ? 37  PRO A CG  1 
ATOM   303  C  CD  . PRO A 1 37  ? 3.847   -10.844 18.737  1.00 39.81  ? 37  PRO A CD  1 
ATOM   304  N  N   . SER A 1 38  ? 5.904   -8.625  20.064  1.00 32.92  ? 38  SER A N   1 
ATOM   305  C  CA  . SER A 1 38  ? 7.055   -8.198  20.866  1.00 37.27  ? 38  SER A CA  1 
ATOM   306  C  C   . SER A 1 38  ? 7.661   -6.833  20.382  1.00 28.47  ? 38  SER A C   1 
ATOM   307  O  O   . SER A 1 38  ? 8.385   -6.772  19.369  1.00 25.96  ? 38  SER A O   1 
ATOM   308  C  CB  . SER A 1 38  ? 8.152   -9.268  21.153  1.00 37.11  ? 38  SER A CB  1 
ATOM   309  O  OG  . SER A 1 38  ? 9.117   -8.766  22.120  1.00 31.20  ? 38  SER A OG  1 
ATOM   310  N  N   . LEU A 1 39  ? 7.407   -5.732  21.120  1.00 19.96  ? 39  LEU A N   1 
ATOM   311  C  CA  . LEU A 1 39  ? 7.969   -4.450  20.753  1.00 28.27  ? 39  LEU A CA  1 
ATOM   312  C  C   . LEU A 1 39  ? 9.461   -4.532  20.595  1.00 17.68  ? 39  LEU A C   1 
ATOM   313  O  O   . LEU A 1 39  ? 10.045  -3.835  19.792  1.00 22.24  ? 39  LEU A O   1 
ATOM   314  C  CB  . LEU A 1 39  ? 7.634   -3.368  21.794  1.00 11.40  ? 39  LEU A CB  1 
ATOM   315  C  CG  . LEU A 1 39  ? 8.305   -2.010  21.596  1.00 29.60  ? 39  LEU A CG  1 
ATOM   316  C  CD1 . LEU A 1 39  ? 7.803   -1.377  20.294  1.00 33.23  ? 39  LEU A CD1 1 
ATOM   317  C  CD2 . LEU A 1 39  ? 7.991   -1.108  22.798  1.00 27.16  ? 39  LEU A CD2 1 
ATOM   318  N  N   . ASN A 1 40  ? 10.089  -5.352  21.409  1.00 19.51  ? 40  ASN A N   1 
ATOM   319  C  CA  . ASN A 1 40  ? 11.536  -5.406  21.256  1.00 19.36  ? 40  ASN A CA  1 
ATOM   320  C  C   . ASN A 1 40  ? 11.979  -5.963  19.912  1.00 14.54  ? 40  ASN A C   1 
ATOM   321  O  O   . ASN A 1 40  ? 13.015  -5.603  19.329  1.00 25.75  ? 40  ASN A O   1 
ATOM   322  C  CB  . ASN A 1 40  ? 12.195  -6.121  22.442  1.00 57.03  ? 40  ASN A CB  1 
ATOM   323  C  CG  . ASN A 1 40  ? 12.267  -5.176  23.627  1.00 32.79  ? 40  ASN A CG  1 
ATOM   324  O  OD1 . ASN A 1 40  ? 12.942  -4.134  23.566  1.00 100.00 ? 40  ASN A OD1 1 
ATOM   325  N  ND2 . ASN A 1 40  ? 11.416  -5.454  24.619  1.00 100.00 ? 40  ASN A ND2 1 
ATOM   326  N  N   . ALA A 1 41  ? 11.167  -6.883  19.434  1.00 18.94  ? 41  ALA A N   1 
ATOM   327  C  CA  . ALA A 1 41  ? 11.381  -7.500  18.157  1.00 15.08  ? 41  ALA A CA  1 
ATOM   328  C  C   . ALA A 1 41  ? 11.286  -6.394  17.135  1.00 17.76  ? 41  ALA A C   1 
ATOM   329  O  O   . ALA A 1 41  ? 11.956  -6.355  16.124  1.00 20.55  ? 41  ALA A O   1 
ATOM   330  C  CB  . ALA A 1 41  ? 10.145  -8.332  17.811  1.00 16.35  ? 41  ALA A CB  1 
ATOM   331  N  N   . ALA A 1 42  ? 10.342  -5.530  17.381  1.00 17.42  ? 42  ALA A N   1 
ATOM   332  C  CA  . ALA A 1 42  ? 10.116  -4.430  16.459  1.00 10.69  ? 42  ALA A CA  1 
ATOM   333  C  C   . ALA A 1 42  ? 11.304  -3.456  16.491  1.00 12.50  ? 42  ALA A C   1 
ATOM   334  O  O   . ALA A 1 42  ? 11.784  -2.922  15.470  1.00 16.80  ? 42  ALA A O   1 
ATOM   335  C  CB  . ALA A 1 42  ? 8.827   -3.734  16.914  1.00 16.61  ? 42  ALA A CB  1 
ATOM   336  N  N   . LYS A 1 43  ? 11.853  -3.237  17.662  1.00 17.45  ? 43  LYS A N   1 
ATOM   337  C  CA  . LYS A 1 43  ? 12.950  -2.270  17.722  1.00 13.56  ? 43  LYS A CA  1 
ATOM   338  C  C   . LYS A 1 43  ? 14.147  -2.850  17.059  1.00 7.61   ? 43  LYS A C   1 
ATOM   339  O  O   . LYS A 1 43  ? 14.956  -2.166  16.514  1.00 8.29   ? 43  LYS A O   1 
ATOM   340  C  CB  . LYS A 1 43  ? 13.301  -2.002  19.175  1.00 13.27  ? 43  LYS A CB  1 
ATOM   341  C  CG  . LYS A 1 43  ? 12.484  -0.875  19.726  1.00 18.60  ? 43  LYS A CG  1 
ATOM   342  C  CD  . LYS A 1 43  ? 12.288  -1.056  21.220  1.00 25.94  ? 43  LYS A CD  1 
ATOM   343  C  CE  . LYS A 1 43  ? 12.300  0.260   21.983  1.00 83.48  ? 43  LYS A CE  1 
ATOM   344  N  NZ  . LYS A 1 43  ? 13.505  0.430   22.815  1.00 100.00 ? 43  LYS A NZ  1 
ATOM   345  N  N   . SER A 1 44  ? 14.241  -4.134  17.104  1.00 13.50  ? 44  SER A N   1 
ATOM   346  C  CA  . SER A 1 44  ? 15.388  -4.732  16.459  1.00 28.41  ? 44  SER A CA  1 
ATOM   347  C  C   . SER A 1 44  ? 15.306  -4.597  14.913  1.00 12.90  ? 44  SER A C   1 
ATOM   348  O  O   . SER A 1 44  ? 16.237  -4.351  14.150  1.00 14.35  ? 44  SER A O   1 
ATOM   349  C  CB  . SER A 1 44  ? 15.661  -6.141  17.031  1.00 9.26   ? 44  SER A CB  1 
ATOM   350  O  OG  . SER A 1 44  ? 16.437  -6.890  16.109  1.00 99.16  ? 44  SER A OG  1 
ATOM   351  N  N   . GLU A 1 45  ? 14.121  -4.754  14.460  1.00 12.51  ? 45  GLU A N   1 
ATOM   352  C  CA  . GLU A 1 45  ? 13.840  -4.681  13.059  1.00 9.70   ? 45  GLU A CA  1 
ATOM   353  C  C   . GLU A 1 45  ? 14.112  -3.314  12.620  1.00 5.53   ? 45  GLU A C   1 
ATOM   354  O  O   . GLU A 1 45  ? 14.764  -3.143  11.579  1.00 8.16   ? 45  GLU A O   1 
ATOM   355  C  CB  . GLU A 1 45  ? 12.379  -4.955  12.765  1.00 4.37   ? 45  GLU A CB  1 
ATOM   356  C  CG  . GLU A 1 45  ? 11.947  -6.443  12.691  1.00 5.09   ? 45  GLU A CG  1 
ATOM   357  C  CD  . GLU A 1 45  ? 12.889  -7.289  11.875  1.00 33.96  ? 45  GLU A CD  1 
ATOM   358  O  OE1 . GLU A 1 45  ? 13.197  -7.034  10.711  1.00 19.23  ? 45  GLU A OE1 1 
ATOM   359  O  OE2 . GLU A 1 45  ? 13.250  -8.395  12.504  1.00 23.48  ? 45  GLU A OE2 1 
ATOM   360  N  N   . LEU A 1 46  ? 13.579  -2.361  13.394  1.00 2.25   ? 46  LEU A N   1 
ATOM   361  C  CA  . LEU A 1 46  ? 13.869  -0.978  13.120  1.00 2.84   ? 46  LEU A CA  1 
ATOM   362  C  C   . LEU A 1 46  ? 15.374  -0.727  12.912  1.00 16.88  ? 46  LEU A C   1 
ATOM   363  O  O   . LEU A 1 46  ? 15.810  -0.235  11.856  1.00 7.56   ? 46  LEU A O   1 
ATOM   364  C  CB  . LEU A 1 46  ? 13.276  -0.022  14.180  1.00 9.39   ? 46  LEU A CB  1 
ATOM   365  C  CG  . LEU A 1 46  ? 13.583  1.416   13.748  1.00 11.46  ? 46  LEU A CG  1 
ATOM   366  C  CD1 . LEU A 1 46  ? 12.902  1.701   12.391  1.00 8.39   ? 46  LEU A CD1 1 
ATOM   367  C  CD2 . LEU A 1 46  ? 12.985  2.411   14.745  1.00 15.32  ? 46  LEU A CD2 1 
ATOM   368  N  N   . ASP A 1 47  ? 16.203  -1.103  13.922  1.00 5.77   ? 47  ASP A N   1 
ATOM   369  C  CA  . ASP A 1 47  ? 17.650  -0.888  13.855  1.00 7.48   ? 47  ASP A CA  1 
ATOM   370  C  C   . ASP A 1 47  ? 18.341  -1.474  12.669  1.00 12.20  ? 47  ASP A C   1 
ATOM   371  O  O   . ASP A 1 47  ? 19.247  -0.846  12.102  1.00 17.84  ? 47  ASP A O   1 
ATOM   372  C  CB  . ASP A 1 47  ? 18.423  -1.362  15.095  1.00 15.03  ? 47  ASP A CB  1 
ATOM   373  C  CG  . ASP A 1 47  ? 17.957  -0.646  16.350  1.00 37.13  ? 47  ASP A CG  1 
ATOM   374  O  OD1 . ASP A 1 47  ? 17.440  0.476   16.440  1.00 21.03  ? 47  ASP A OD1 1 
ATOM   375  O  OD2 . ASP A 1 47  ? 18.202  -1.369  17.376  1.00 36.00  ? 47  ASP A OD2 1 
ATOM   376  N  N   . LYS A 1 48  ? 17.879  -2.691  12.366  1.00 13.48  ? 48  LYS A N   1 
ATOM   377  C  CA  . LYS A 1 48  ? 18.359  -3.478  11.254  1.00 17.01  ? 48  LYS A CA  1 
ATOM   378  C  C   . LYS A 1 48  ? 18.094  -2.708  9.946   1.00 21.82  ? 48  LYS A C   1 
ATOM   379  O  O   . LYS A 1 48  ? 18.901  -2.605  9.039   1.00 15.97  ? 48  LYS A O   1 
ATOM   380  C  CB  . LYS A 1 48  ? 17.695  -4.875  11.264  1.00 16.21  ? 48  LYS A CB  1 
ATOM   381  C  CG  . LYS A 1 48  ? 17.857  -5.663  9.959   1.00 11.10  ? 48  LYS A CG  1 
ATOM   382  C  CD  . LYS A 1 48  ? 17.809  -7.157  10.124  1.00 17.59  ? 48  LYS A CD  1 
ATOM   383  C  CE  . LYS A 1 48  ? 16.445  -7.821  10.380  1.00 3.83   ? 48  LYS A CE  1 
ATOM   384  N  NZ  . LYS A 1 48  ? 15.438  -7.544  9.325   1.00 2.63   ? 48  LYS A NZ  1 
ATOM   385  N  N   . ALA A 1 49  ? 16.928  -2.159  9.842   1.00 6.02   ? 49  ALA A N   1 
ATOM   386  C  CA  . ALA A 1 49  ? 16.576  -1.520  8.616   1.00 13.49  ? 49  ALA A CA  1 
ATOM   387  C  C   . ALA A 1 49  ? 17.195  -0.190  8.508   1.00 23.63  ? 49  ALA A C   1 
ATOM   388  O  O   . ALA A 1 49  ? 17.492  0.299   7.452   1.00 12.73  ? 49  ALA A O   1 
ATOM   389  C  CB  . ALA A 1 49  ? 15.096  -1.304  8.642   1.00 6.08   ? 49  ALA A CB  1 
ATOM   390  N  N   . ILE A 1 50  ? 17.374  0.434   9.605   1.00 15.82  ? 50  ILE A N   1 
ATOM   391  C  CA  . ILE A 1 50  ? 17.920  1.770   9.465   1.00 16.92  ? 50  ILE A CA  1 
ATOM   392  C  C   . ILE A 1 50  ? 19.419  1.681   9.529   1.00 23.82  ? 50  ILE A C   1 
ATOM   393  O  O   . ILE A 1 50  ? 20.170  2.544   9.050   1.00 19.84  ? 50  ILE A O   1 
ATOM   394  C  CB  . ILE A 1 50  ? 17.401  2.593   10.679  1.00 31.86  ? 50  ILE A CB  1 
ATOM   395  C  CG1 . ILE A 1 50  ? 15.882  2.727   10.624  1.00 23.49  ? 50  ILE A CG1 1 
ATOM   396  C  CG2 . ILE A 1 50  ? 17.949  4.009   10.704  1.00 15.16  ? 50  ILE A CG2 1 
ATOM   397  C  CD1 . ILE A 1 50  ? 15.461  3.583   9.414   1.00 7.95   ? 50  ILE A CD1 1 
ATOM   398  N  N   . GLY A 1 51  ? 19.847  0.624   10.183  1.00 16.40  ? 51  GLY A N   1 
ATOM   399  C  CA  . GLY A 1 51  ? 21.278  0.396   10.336  1.00 19.15  ? 51  GLY A CA  1 
ATOM   400  C  C   . GLY A 1 51  ? 21.897  1.268   11.411  1.00 29.09  ? 51  GLY A C   1 
ATOM   401  O  O   . GLY A 1 51  ? 22.906  1.918   11.239  1.00 24.65  ? 51  GLY A O   1 
ATOM   402  N  N   . ARG A 1 52  ? 21.264  1.258   12.547  1.00 49.86  ? 52  ARG A N   1 
ATOM   403  C  CA  . ARG A 1 52  ? 21.710  2.057   13.652  1.00 46.63  ? 52  ARG A CA  1 
ATOM   404  C  C   . ARG A 1 52  ? 20.668  1.834   14.731  1.00 23.04  ? 52  ARG A C   1 
ATOM   405  O  O   . ARG A 1 52  ? 19.509  1.451   14.384  1.00 21.71  ? 52  ARG A O   1 
ATOM   406  C  CB  . ARG A 1 52  ? 21.904  3.549   13.247  1.00 23.64  ? 52  ARG A CB  1 
ATOM   407  C  CG  . ARG A 1 52  ? 20.900  4.583   13.788  1.00 31.10  ? 52  ARG A CG  1 
ATOM   408  C  CD  . ARG A 1 52  ? 21.053  6.036   13.272  1.00 26.63  ? 52  ARG A CD  1 
ATOM   409  N  NE  . ARG A 1 52  ? 19.785  6.791   13.187  1.00 20.63  ? 52  ARG A NE  1 
ATOM   410  C  CZ  . ARG A 1 52  ? 18.987  7.054   14.232  1.00 41.18  ? 52  ARG A CZ  1 
ATOM   411  N  NH1 . ARG A 1 52  ? 19.338  6.701   15.466  1.00 20.03  ? 52  ARG A NH1 1 
ATOM   412  N  NH2 . ARG A 1 52  ? 17.839  7.710   14.058  1.00 23.11  ? 52  ARG A NH2 1 
ATOM   413  N  N   . ASN A 1 53  ? 21.144  1.996   15.976  1.00 22.67  ? 53  ASN A N   1 
ATOM   414  C  CA  . ASN A 1 53  ? 20.321  1.873   17.200  1.00 48.80  ? 53  ASN A CA  1 
ATOM   415  C  C   . ASN A 1 53  ? 19.374  3.086   17.281  1.00 32.91  ? 53  ASN A C   1 
ATOM   416  O  O   . ASN A 1 53  ? 19.768  4.230   17.631  1.00 23.57  ? 53  ASN A O   1 
ATOM   417  C  CB  . ASN A 1 53  ? 21.127  1.799   18.530  1.00 71.49  ? 53  ASN A CB  1 
ATOM   418  C  CG  . ASN A 1 53  ? 21.639  0.437   18.896  1.00 70.72  ? 53  ASN A CG  1 
ATOM   419  O  OD1 . ASN A 1 53  ? 22.177  -0.259  18.011  1.00 100.00 ? 53  ASN A OD1 1 
ATOM   420  N  ND2 . ASN A 1 53  ? 21.491  0.062   20.182  1.00 74.69  ? 53  ASN A ND2 1 
ATOM   421  N  N   . CYS A 1 54  ? 18.119  2.838   16.926  1.00 12.38  ? 54  CYS A N   1 
ATOM   422  C  CA  . CYS A 1 54  ? 17.179  3.929   16.929  1.00 12.51  ? 54  CYS A CA  1 
ATOM   423  C  C   . CYS A 1 54  ? 16.452  4.095   18.248  1.00 10.45  ? 54  CYS A C   1 
ATOM   424  O  O   . CYS A 1 54  ? 15.918  5.161   18.572  1.00 26.86  ? 54  CYS A O   1 
ATOM   425  C  CB  . CYS A 1 54  ? 16.202  3.758   15.722  1.00 13.96  ? 54  CYS A CB  1 
ATOM   426  S  SG  . CYS A 1 54  ? 17.142  3.710   14.132  1.00 27.41  ? 54  CYS A SG  1 
ATOM   427  N  N   . ASN A 1 55  ? 16.339  3.006   18.953  1.00 23.10  ? 55  ASN A N   1 
ATOM   428  C  CA  . ASN A 1 55  ? 15.549  3.114   20.138  1.00 36.03  ? 55  ASN A CA  1 
ATOM   429  C  C   . ASN A 1 55  ? 14.085  3.561   19.781  1.00 41.19  ? 55  ASN A C   1 
ATOM   430  O  O   . ASN A 1 55  ? 13.472  4.502   20.330  1.00 34.61  ? 55  ASN A O   1 
ATOM   431  C  CB  . ASN A 1 55  ? 16.287  4.011   21.146  1.00 57.69  ? 55  ASN A CB  1 
ATOM   432  C  CG  . ASN A 1 55  ? 15.731  3.898   22.556  1.00 41.72  ? 55  ASN A CG  1 
ATOM   433  O  OD1 . ASN A 1 55  ? 15.343  2.776   23.014  1.00 35.33  ? 55  ASN A OD1 1 
ATOM   434  N  ND2 . ASN A 1 55  ? 15.701  5.066   23.223  1.00 39.28  ? 55  ASN A ND2 1 
ATOM   435  N  N   . GLY A 1 56  ? 13.507  2.889   18.787  1.00 22.33  ? 56  GLY A N   1 
ATOM   436  C  CA  . GLY A 1 56  ? 12.135  3.171   18.403  1.00 22.92  ? 56  GLY A CA  1 
ATOM   437  C  C   . GLY A 1 56  ? 11.908  4.525   17.764  1.00 15.46  ? 56  GLY A C   1 
ATOM   438  O  O   . GLY A 1 56  ? 10.766  4.870   17.480  1.00 13.18  ? 56  GLY A O   1 
ATOM   439  N  N   . VAL A 1 57  ? 12.956  5.328   17.545  1.00 11.02  ? 57  VAL A N   1 
ATOM   440  C  CA  . VAL A 1 57  ? 12.641  6.600   16.907  1.00 5.29   ? 57  VAL A CA  1 
ATOM   441  C  C   . VAL A 1 57  ? 13.487  6.859   15.664  1.00 13.02  ? 57  VAL A C   1 
ATOM   442  O  O   . VAL A 1 57  ? 14.636  6.449   15.654  1.00 15.28  ? 57  VAL A O   1 
ATOM   443  C  CB  . VAL A 1 57  ? 12.781  7.743   17.889  1.00 14.33  ? 57  VAL A CB  1 
ATOM   444  C  CG1 . VAL A 1 57  ? 12.737  9.106   17.227  1.00 16.23  ? 57  VAL A CG1 1 
ATOM   445  C  CG2 . VAL A 1 57  ? 11.689  7.558   18.923  1.00 18.67  ? 57  VAL A CG2 1 
ATOM   446  N  N   . ILE A 1 58  ? 12.927  7.529   14.629  1.00 12.31  ? 58  ILE A N   1 
ATOM   447  C  CA  . ILE A 1 58  ? 13.716  7.812   13.459  1.00 13.80  ? 58  ILE A CA  1 
ATOM   448  C  C   . ILE A 1 58  ? 13.563  9.235   12.982  1.00 13.79  ? 58  ILE A C   1 
ATOM   449  O  O   . ILE A 1 58  ? 12.674  9.968   13.379  1.00 15.76  ? 58  ILE A O   1 
ATOM   450  C  CB  . ILE A 1 58  ? 13.361  6.923   12.276  1.00 22.99  ? 58  ILE A CB  1 
ATOM   451  C  CG1 . ILE A 1 58  ? 11.889  7.131   11.911  1.00 16.07  ? 58  ILE A CG1 1 
ATOM   452  C  CG2 . ILE A 1 58  ? 13.715  5.449   12.486  1.00 5.38   ? 58  ILE A CG2 1 
ATOM   453  C  CD1 . ILE A 1 58  ? 11.487  6.318   10.693  1.00 7.76   ? 58  ILE A CD1 1 
ATOM   454  N  N   . THR A 1 59  ? 14.414  9.605   12.026  1.00 12.80  ? 59  THR A N   1 
ATOM   455  C  CA  . THR A 1 59  ? 14.267  10.927  11.427  1.00 17.95  ? 59  THR A CA  1 
ATOM   456  C  C   . THR A 1 59  ? 13.300  10.970  10.221  1.00 17.03  ? 59  THR A C   1 
ATOM   457  O  O   . THR A 1 59  ? 12.795  9.971   9.725   1.00 16.71  ? 59  THR A O   1 
ATOM   458  C  CB  . THR A 1 59  ? 15.654  11.509  11.074  1.00 30.82  ? 59  THR A CB  1 
ATOM   459  O  OG1 . THR A 1 59  ? 16.110  11.061  9.805   1.00 26.77  ? 59  THR A OG1 1 
ATOM   460  C  CG2 . THR A 1 59  ? 16.637  11.083  12.159  1.00 36.60  ? 59  THR A CG2 1 
ATOM   461  N  N   . LYS A 1 60  ? 13.043  12.177  9.715   1.00 20.95  ? 60  LYS A N   1 
ATOM   462  C  CA  . LYS A 1 60  ? 12.161  12.355  8.569   1.00 18.43  ? 60  LYS A CA  1 
ATOM   463  C  C   . LYS A 1 60  ? 12.762  11.874  7.289   1.00 4.88   ? 60  LYS A C   1 
ATOM   464  O  O   . LYS A 1 60  ? 12.117  11.338  6.401   1.00 15.78  ? 60  LYS A O   1 
ATOM   465  C  CB  . LYS A 1 60  ? 11.719  13.785  8.393   1.00 27.06  ? 60  LYS A CB  1 
ATOM   466  C  CG  . LYS A 1 60  ? 10.664  13.930  7.291   1.00 62.55  ? 60  LYS A CG  1 
ATOM   467  C  CD  . LYS A 1 60  ? 10.451  15.382  6.871   1.00 100.00 ? 60  LYS A CD  1 
ATOM   468  C  CE  . LYS A 1 60  ? 9.120   15.700  6.198   1.00 100.00 ? 60  LYS A CE  1 
ATOM   469  N  NZ  . LYS A 1 60  ? 8.861   17.150  6.068   1.00 100.00 ? 60  LYS A NZ  1 
ATOM   470  N  N   . ASP A 1 61  ? 14.044  12.142  7.187   1.00 19.28  ? 61  ASP A N   1 
ATOM   471  C  CA  . ASP A 1 61  ? 14.818  11.716  6.024   1.00 18.70  ? 61  ASP A CA  1 
ATOM   472  C  C   . ASP A 1 61  ? 14.910  10.185  5.974   1.00 6.00   ? 61  ASP A C   1 
ATOM   473  O  O   . ASP A 1 61  ? 14.883  9.571   4.925   1.00 11.33  ? 61  ASP A O   1 
ATOM   474  C  CB  . ASP A 1 61  ? 16.181  12.449  5.971   1.00 26.50  ? 61  ASP A CB  1 
ATOM   475  C  CG  . ASP A 1 61  ? 15.940  13.859  5.478   1.00 87.68  ? 61  ASP A CG  1 
ATOM   476  O  OD1 . ASP A 1 61  ? 15.994  14.165  4.294   1.00 100.00 ? 61  ASP A OD1 1 
ATOM   477  O  OD2 . ASP A 1 61  ? 15.533  14.686  6.422   1.00 58.90  ? 61  ASP A OD2 1 
ATOM   478  N  N   . GLU A 1 62  ? 15.070  9.601   7.166   1.00 19.49  ? 62  GLU A N   1 
ATOM   479  C  CA  . GLU A 1 62  ? 15.125  8.196   7.360   1.00 10.71  ? 62  GLU A CA  1 
ATOM   480  C  C   . GLU A 1 62  ? 13.747  7.647   6.969   1.00 18.02  ? 62  GLU A C   1 
ATOM   481  O  O   . GLU A 1 62  ? 13.718  6.709   6.224   1.00 10.87  ? 62  GLU A O   1 
ATOM   482  C  CB  . GLU A 1 62  ? 15.322  7.894   8.861   1.00 8.93   ? 62  GLU A CB  1 
ATOM   483  C  CG  . GLU A 1 62  ? 16.771  8.218   9.225   1.00 21.00  ? 62  GLU A CG  1 
ATOM   484  C  CD  . GLU A 1 62  ? 17.149  7.848   10.632  1.00 21.29  ? 62  GLU A CD  1 
ATOM   485  O  OE1 . GLU A 1 62  ? 16.347  7.717   11.569  1.00 23.82  ? 62  GLU A OE1 1 
ATOM   486  O  OE2 . GLU A 1 62  ? 18.455  7.718   10.706  1.00 10.07  ? 62  GLU A OE2 1 
ATOM   487  N  N   . ALA A 1 63  ? 12.619  8.197   7.514   1.00 2.85   ? 63  ALA A N   1 
ATOM   488  C  CA  . ALA A 1 63  ? 11.334  7.732   7.149   1.00 5.03   ? 63  ALA A CA  1 
ATOM   489  C  C   . ALA A 1 63  ? 11.187  7.796   5.663   1.00 9.31   ? 63  ALA A C   1 
ATOM   490  O  O   . ALA A 1 63  ? 10.599  6.906   5.028   1.00 11.26  ? 63  ALA A O   1 
ATOM   491  C  CB  . ALA A 1 63  ? 10.263  8.708   7.605   1.00 9.26   ? 63  ALA A CB  1 
ATOM   492  N  N   . GLU A 1 64  ? 11.568  8.922   5.079   1.00 8.23   ? 64  GLU A N   1 
ATOM   493  C  CA  . GLU A 1 64  ? 11.379  9.011   3.646   1.00 12.26  ? 64  GLU A CA  1 
ATOM   494  C  C   . GLU A 1 64  ? 12.303  8.056   2.898   1.00 13.13  ? 64  GLU A C   1 
ATOM   495  O  O   . GLU A 1 64  ? 12.066  7.705   1.753   1.00 13.78  ? 64  GLU A O   1 
ATOM   496  C  CB  . GLU A 1 64  ? 11.573  10.433  3.130   1.00 13.33  ? 64  GLU A CB  1 
ATOM   497  C  CG  . GLU A 1 64  ? 10.396  11.400  3.392   1.00 17.51  ? 64  GLU A CG  1 
ATOM   498  C  CD  . GLU A 1 64  ? 10.963  12.805  3.410   1.00 44.79  ? 64  GLU A CD  1 
ATOM   499  O  OE1 . GLU A 1 64  ? 12.167  13.074  3.373   1.00 26.10  ? 64  GLU A OE1 1 
ATOM   500  O  OE2 . GLU A 1 64  ? 10.035  13.704  3.487   1.00 35.03  ? 64  GLU A OE2 1 
ATOM   501  N  N   . LYS A 1 65  ? 13.387  7.662   3.499   1.00 7.31   ? 65  LYS A N   1 
ATOM   502  C  CA  . LYS A 1 65  ? 14.249  6.727   2.806   1.00 17.43  ? 65  LYS A CA  1 
ATOM   503  C  C   . LYS A 1 65  ? 13.541  5.378   2.707   1.00 21.05  ? 65  LYS A C   1 
ATOM   504  O  O   . LYS A 1 65  ? 13.525  4.708   1.662   1.00 20.56  ? 65  LYS A O   1 
ATOM   505  C  CB  . LYS A 1 65  ? 15.597  6.492   3.469   1.00 17.61  ? 65  LYS A CB  1 
ATOM   506  C  CG  . LYS A 1 65  ? 16.523  5.575   2.647   1.00 43.54  ? 65  LYS A CG  1 
ATOM   507  C  CD  . LYS A 1 65  ? 17.952  6.091   2.575   1.00 52.34  ? 65  LYS A CD  1 
ATOM   508  C  CE  . LYS A 1 65  ? 18.996  5.065   2.181   1.00 33.94  ? 65  LYS A CE  1 
ATOM   509  N  NZ  . LYS A 1 65  ? 19.988  4.882   3.265   1.00 38.77  ? 65  LYS A NZ  1 
ATOM   510  N  N   . LEU A 1 66  ? 12.944  4.975   3.812   1.00 13.91  ? 66  LEU A N   1 
ATOM   511  C  CA  . LEU A 1 66  ? 12.240  3.686   3.840   1.00 8.35   ? 66  LEU A CA  1 
ATOM   512  C  C   . LEU A 1 66  ? 11.173  3.731   2.789   1.00 2.17   ? 66  LEU A C   1 
ATOM   513  O  O   . LEU A 1 66  ? 10.815  2.698   2.222   1.00 7.48   ? 66  LEU A O   1 
ATOM   514  C  CB  . LEU A 1 66  ? 11.441  3.439   5.200   1.00 5.14   ? 66  LEU A CB  1 
ATOM   515  C  CG  . LEU A 1 66  ? 12.453  3.191   6.318   1.00 13.83  ? 66  LEU A CG  1 
ATOM   516  C  CD1 . LEU A 1 66  ? 11.702  2.947   7.613   1.00 16.64  ? 66  LEU A CD1 1 
ATOM   517  C  CD2 . LEU A 1 66  ? 13.263  1.946   5.954   1.00 21.92  ? 66  LEU A CD2 1 
ATOM   518  N  N   . PHE A 1 67  ? 10.618  4.919   2.689   1.00 5.95   ? 67  PHE A N   1 
ATOM   519  C  CA  . PHE A 1 67  ? 9.454   5.131   1.809   1.00 12.19  ? 67  PHE A CA  1 
ATOM   520  C  C   . PHE A 1 67  ? 9.750   4.841   0.366   1.00 10.63  ? 67  PHE A C   1 
ATOM   521  O  O   . PHE A 1 67  ? 9.131   4.066   -0.378  1.00 11.22  ? 67  PHE A O   1 
ATOM   522  C  CB  . PHE A 1 67  ? 8.752   6.441   2.152   1.00 9.34   ? 67  PHE A CB  1 
ATOM   523  C  CG  . PHE A 1 67  ? 7.437   6.672   1.407   1.00 13.97  ? 67  PHE A CG  1 
ATOM   524  C  CD1 . PHE A 1 67  ? 6.490   5.649   1.256   1.00 14.67  ? 67  PHE A CD1 1 
ATOM   525  C  CD2 . PHE A 1 67  ? 7.098   7.941   0.927   1.00 13.06  ? 67  PHE A CD2 1 
ATOM   526  C  CE1 . PHE A 1 67  ? 5.251   5.883   0.643   1.00 9.93   ? 67  PHE A CE1 1 
ATOM   527  C  CE2 . PHE A 1 67  ? 5.878   8.223   0.287   1.00 7.60   ? 67  PHE A CE2 1 
ATOM   528  C  CZ  . PHE A 1 67  ? 4.963   7.164   0.148   1.00 8.81   ? 67  PHE A CZ  1 
ATOM   529  N  N   . ASN A 1 68  ? 10.846  5.392   -0.029  1.00 9.97   ? 68  ASN A N   1 
ATOM   530  C  CA  . ASN A 1 68  ? 11.325  5.195   -1.379  1.00 14.04  ? 68  ASN A CA  1 
ATOM   531  C  C   . ASN A 1 68  ? 11.559  3.736   -1.721  1.00 7.06   ? 68  ASN A C   1 
ATOM   532  O  O   . ASN A 1 68  ? 11.205  3.126   -2.740  1.00 5.44   ? 68  ASN A O   1 
ATOM   533  C  CB  . ASN A 1 68  ? 12.647  5.993   -1.389  1.00 16.64  ? 68  ASN A CB  1 
ATOM   534  C  CG  . ASN A 1 68  ? 12.398  7.504   -1.587  1.00 12.41  ? 68  ASN A CG  1 
ATOM   535  O  OD1 . ASN A 1 68  ? 11.579  7.886   -2.431  1.00 28.24  ? 68  ASN A OD1 1 
ATOM   536  N  ND2 . ASN A 1 68  ? 13.158  8.395   -0.924  1.00 23.33  ? 68  ASN A ND2 1 
ATOM   537  N  N   . GLN A 1 69  ? 12.244  3.173   -0.786  1.00 2.05   ? 69  GLN A N   1 
ATOM   538  C  CA  . GLN A 1 69  ? 12.598  1.810   -0.916  1.00 1.00   ? 69  GLN A CA  1 
ATOM   539  C  C   . GLN A 1 69  ? 11.394  0.940   -0.976  1.00 1.00   ? 69  GLN A C   1 
ATOM   540  O  O   . GLN A 1 69  ? 11.319  -0.035  -1.683  1.00 6.61   ? 69  GLN A O   1 
ATOM   541  C  CB  . GLN A 1 69  ? 13.403  1.435   0.328   1.00 1.00   ? 69  GLN A CB  1 
ATOM   542  C  CG  . GLN A 1 69  ? 14.874  1.840   0.261   1.00 5.64   ? 69  GLN A CG  1 
ATOM   543  C  CD  . GLN A 1 69  ? 15.655  1.540   1.553   1.00 36.61  ? 69  GLN A CD  1 
ATOM   544  O  OE1 . GLN A 1 69  ? 16.791  1.993   1.716   1.00 18.86  ? 69  GLN A OE1 1 
ATOM   545  N  NE2 . GLN A 1 69  ? 15.104  0.690   2.429   1.00 11.74  ? 69  GLN A NE2 1 
ATOM   546  N  N   . ASP A 1 70  ? 10.396  1.289   -0.177  1.00 6.10   ? 70  ASP A N   1 
ATOM   547  C  CA  . ASP A 1 70  ? 9.181   0.531   -0.136  1.00 6.45   ? 70  ASP A CA  1 
ATOM   548  C  C   . ASP A 1 70  ? 8.346   0.729   -1.386  1.00 13.17  ? 70  ASP A C   1 
ATOM   549  O  O   . ASP A 1 70  ? 7.702   -0.246  -1.851  1.00 4.15   ? 70  ASP A O   1 
ATOM   550  C  CB  . ASP A 1 70  ? 8.315   0.862   1.091   1.00 6.83   ? 70  ASP A CB  1 
ATOM   551  C  CG  . ASP A 1 70  ? 8.877   0.268   2.371   1.00 20.41  ? 70  ASP A CG  1 
ATOM   552  O  OD1 . ASP A 1 70  ? 9.792   -0.510  2.423   1.00 9.48   ? 70  ASP A OD1 1 
ATOM   553  O  OD2 . ASP A 1 70  ? 8.327   0.735   3.436   1.00 11.77  ? 70  ASP A OD2 1 
ATOM   554  N  N   . VAL A 1 71  ? 8.307   1.995   -1.881  1.00 8.97   ? 71  VAL A N   1 
ATOM   555  C  CA  . VAL A 1 71  ? 7.530   2.187   -3.093  1.00 11.13  ? 71  VAL A CA  1 
ATOM   556  C  C   . VAL A 1 71  ? 8.154   1.318   -4.211  1.00 4.86   ? 71  VAL A C   1 
ATOM   557  O  O   . VAL A 1 71  ? 7.559   0.523   -4.949  1.00 11.27  ? 71  VAL A O   1 
ATOM   558  C  CB  . VAL A 1 71  ? 7.404   3.663   -3.483  1.00 13.49  ? 71  VAL A CB  1 
ATOM   559  C  CG1 . VAL A 1 71  ? 6.815   3.726   -4.892  1.00 2.65   ? 71  VAL A CG1 1 
ATOM   560  C  CG2 . VAL A 1 71  ? 6.403   4.387   -2.561  1.00 6.52   ? 71  VAL A CG2 1 
ATOM   561  N  N   . ASP A 1 72  ? 9.416   1.442   -4.287  1.00 5.84   ? 72  ASP A N   1 
ATOM   562  C  CA  . ASP A 1 72  ? 10.119  0.622   -5.226  1.00 9.54   ? 72  ASP A CA  1 
ATOM   563  C  C   . ASP A 1 72  ? 9.887   -0.908  -5.178  1.00 8.83   ? 72  ASP A C   1 
ATOM   564  O  O   . ASP A 1 72  ? 9.620   -1.556  -6.206  1.00 12.35  ? 72  ASP A O   1 
ATOM   565  C  CB  . ASP A 1 72  ? 11.585  0.888   -5.011  1.00 10.31  ? 72  ASP A CB  1 
ATOM   566  C  CG  . ASP A 1 72  ? 12.127  0.691   -6.351  1.00 29.68  ? 72  ASP A CG  1 
ATOM   567  O  OD1 . ASP A 1 72  ? 11.491  1.029   -7.329  1.00 82.90  ? 72  ASP A OD1 1 
ATOM   568  O  OD2 . ASP A 1 72  ? 13.293  0.157   -6.334  1.00 19.81  ? 72  ASP A OD2 1 
ATOM   569  N  N   . ALA A 1 73  ? 10.023  -1.465  -3.998  1.00 7.72   ? 73  ALA A N   1 
ATOM   570  C  CA  . ALA A 1 73  ? 9.861   -2.904  -3.879  1.00 15.13  ? 73  ALA A CA  1 
ATOM   571  C  C   . ALA A 1 73  ? 8.485   -3.364  -4.353  1.00 20.67  ? 73  ALA A C   1 
ATOM   572  O  O   . ALA A 1 73  ? 8.224   -4.391  -5.007  1.00 19.52  ? 73  ALA A O   1 
ATOM   573  C  CB  . ALA A 1 73  ? 10.080  -3.341  -2.416  1.00 8.78   ? 73  ALA A CB  1 
ATOM   574  N  N   . ALA A 1 74  ? 7.540   -2.590  -3.941  1.00 16.19  ? 74  ALA A N   1 
ATOM   575  C  CA  . ALA A 1 74  ? 6.223   -2.917  -4.321  1.00 21.59  ? 74  ALA A CA  1 
ATOM   576  C  C   . ALA A 1 74  ? 6.073   -2.962  -5.837  1.00 13.40  ? 74  ALA A C   1 
ATOM   577  O  O   . ALA A 1 74  ? 5.573   -3.942  -6.335  1.00 16.01  ? 74  ALA A O   1 
ATOM   578  C  CB  . ALA A 1 74  ? 5.234   -1.932  -3.694  1.00 31.16  ? 74  ALA A CB  1 
ATOM   579  N  N   . VAL A 1 75  ? 6.440   -1.906  -6.538  1.00 6.71   ? 75  VAL A N   1 
ATOM   580  C  CA  . VAL A 1 75  ? 6.187   -1.962  -7.976  1.00 7.15   ? 75  VAL A CA  1 
ATOM   581  C  C   . VAL A 1 75  ? 6.888   -3.160  -8.579  1.00 14.52  ? 75  VAL A C   1 
ATOM   582  O  O   . VAL A 1 75  ? 6.373   -3.973  -9.412  1.00 27.21  ? 75  VAL A O   1 
ATOM   583  C  CB  . VAL A 1 75  ? 6.698   -0.709  -8.730  1.00 24.80  ? 75  VAL A CB  1 
ATOM   584  C  CG1 . VAL A 1 75  ? 6.012   -0.593  -10.099 1.00 26.64  ? 75  VAL A CG1 1 
ATOM   585  C  CG2 . VAL A 1 75  ? 6.485   0.583   -7.980  1.00 21.28  ? 75  VAL A CG2 1 
ATOM   586  N  N   . ARG A 1 76  ? 8.078   -3.255  -8.041  1.00 5.23   ? 76  ARG A N   1 
ATOM   587  C  CA  . ARG A 1 76  ? 8.934   -4.319  -8.439  1.00 24.39  ? 76  ARG A CA  1 
ATOM   588  C  C   . ARG A 1 76  ? 8.260   -5.656  -8.184  1.00 14.83  ? 76  ARG A C   1 
ATOM   589  O  O   . ARG A 1 76  ? 8.359   -6.635  -8.971  1.00 20.86  ? 76  ARG A O   1 
ATOM   590  C  CB  . ARG A 1 76  ? 10.347  -4.174  -7.864  1.00 22.00  ? 76  ARG A CB  1 
ATOM   591  C  CG  . ARG A 1 76  ? 11.247  -3.333  -8.750  1.00 39.24  ? 76  ARG A CG  1 
ATOM   592  C  CD  . ARG A 1 76  ? 12.510  -4.061  -9.186  1.00 100.00 ? 76  ARG A CD  1 
ATOM   593  N  NE  . ARG A 1 76  ? 13.435  -3.298  -10.034 1.00 100.00 ? 76  ARG A NE  1 
ATOM   594  C  CZ  . ARG A 1 76  ? 14.623  -2.848  -9.714  1.00 100.00 ? 76  ARG A CZ  1 
ATOM   595  N  NH1 . ARG A 1 76  ? 15.116  -2.982  -8.483  1.00 100.00 ? 76  ARG A NH1 1 
ATOM   596  N  NH2 . ARG A 1 76  ? 15.324  -2.264  -10.690 1.00 100.00 ? 76  ARG A NH2 1 
ATOM   597  N  N   . GLY A 1 77  ? 7.523   -5.705  -7.077  1.00 10.98  ? 77  GLY A N   1 
ATOM   598  C  CA  . GLY A 1 77  ? 6.845   -6.965  -6.792  1.00 17.96  ? 77  GLY A CA  1 
ATOM   599  C  C   . GLY A 1 77  ? 5.751   -7.228  -7.853  1.00 26.74  ? 77  GLY A C   1 
ATOM   600  O  O   . GLY A 1 77  ? 5.478   -8.327  -8.345  1.00 22.74  ? 77  GLY A O   1 
ATOM   601  N  N   . ILE A 1 78  ? 5.103   -6.160  -8.214  1.00 16.97  ? 78  ILE A N   1 
ATOM   602  C  CA  . ILE A 1 78  ? 4.049   -6.302  -9.171  1.00 12.05  ? 78  ILE A CA  1 
ATOM   603  C  C   . ILE A 1 78  ? 4.601   -6.783  -10.470 1.00 18.77  ? 78  ILE A C   1 
ATOM   604  O  O   . ILE A 1 78  ? 4.086   -7.696  -11.147 1.00 16.15  ? 78  ILE A O   1 
ATOM   605  C  CB  . ILE A 1 78  ? 3.408   -4.952  -9.442  1.00 13.68  ? 78  ILE A CB  1 
ATOM   606  C  CG1 . ILE A 1 78  ? 2.370   -4.767  -8.338  1.00 9.74   ? 78  ILE A CG1 1 
ATOM   607  C  CG2 . ILE A 1 78  ? 2.645   -4.952  -10.795 1.00 11.63  ? 78  ILE A CG2 1 
ATOM   608  C  CD1 . ILE A 1 78  ? 1.872   -3.290  -8.317  1.00 8.83   ? 78  ILE A CD1 1 
ATOM   609  N  N   . LEU A 1 79  ? 5.697   -6.152  -10.807 1.00 9.18   ? 79  LEU A N   1 
ATOM   610  C  CA  . LEU A 1 79  ? 6.179   -6.515  -12.108 1.00 11.24  ? 79  LEU A CA  1 
ATOM   611  C  C   . LEU A 1 79  ? 6.615   -7.929  -12.226 1.00 24.76  ? 79  LEU A C   1 
ATOM   612  O  O   . LEU A 1 79  ? 6.675   -8.431  -13.316 1.00 21.07  ? 79  LEU A O   1 
ATOM   613  C  CB  . LEU A 1 79  ? 7.290   -5.565  -12.574 1.00 19.73  ? 79  LEU A CB  1 
ATOM   614  C  CG  . LEU A 1 79  ? 6.779   -4.154  -12.813 1.00 21.18  ? 79  LEU A CG  1 
ATOM   615  C  CD1 . LEU A 1 79  ? 7.974   -3.209  -12.856 1.00 18.51  ? 79  LEU A CD1 1 
ATOM   616  C  CD2 . LEU A 1 79  ? 6.048   -4.156  -14.146 1.00 15.56  ? 79  LEU A CD2 1 
ATOM   617  N  N   . ARG A 1 80  ? 6.991   -8.502  -11.094 1.00 23.33  ? 80  ARG A N   1 
ATOM   618  C  CA  . ARG A 1 80  ? 7.536   -9.824  -11.083 1.00 26.32  ? 80  ARG A CA  1 
ATOM   619  C  C   . ARG A 1 80  ? 6.492   -10.881 -10.936 1.00 32.76  ? 80  ARG A C   1 
ATOM   620  O  O   . ARG A 1 80  ? 6.770   -12.041 -11.135 1.00 23.73  ? 80  ARG A O   1 
ATOM   621  C  CB  . ARG A 1 80  ? 8.651   -10.016 -10.063 1.00 28.21  ? 80  ARG A CB  1 
ATOM   622  C  CG  . ARG A 1 80  ? 9.984   -9.310  -10.396 1.00 63.45  ? 80  ARG A CG  1 
ATOM   623  C  CD  . ARG A 1 80  ? 11.130  -9.707  -9.425  1.00 100.00 ? 80  ARG A CD  1 
ATOM   624  N  NE  . ARG A 1 80  ? 11.566  -8.737  -8.380  1.00 100.00 ? 80  ARG A NE  1 
ATOM   625  C  CZ  . ARG A 1 80  ? 11.062  -8.520  -7.129  1.00 100.00 ? 80  ARG A CZ  1 
ATOM   626  N  NH1 . ARG A 1 80  ? 10.008  -9.169  -6.610  1.00 100.00 ? 80  ARG A NH1 1 
ATOM   627  N  NH2 . ARG A 1 80  ? 11.638  -7.578  -6.363  1.00 100.00 ? 80  ARG A NH2 1 
ATOM   628  N  N   . ASN A 1 81  ? 5.308   -10.458 -10.564 1.00 12.91  ? 81  ASN A N   1 
ATOM   629  C  CA  . ASN A 1 81  ? 4.259   -11.414 -10.414 1.00 11.59  ? 81  ASN A CA  1 
ATOM   630  C  C   . ASN A 1 81  ? 3.605   -11.665 -11.771 1.00 42.22  ? 81  ASN A C   1 
ATOM   631  O  O   . ASN A 1 81  ? 3.186   -10.751 -12.510 1.00 32.48  ? 81  ASN A O   1 
ATOM   632  C  CB  . ASN A 1 81  ? 3.271   -10.951 -9.322  1.00 12.20  ? 81  ASN A CB  1 
ATOM   633  C  CG  . ASN A 1 81  ? 2.167   -11.951 -9.012  1.00 28.53  ? 81  ASN A CG  1 
ATOM   634  O  OD1 . ASN A 1 81  ? 1.486   -12.468 -9.897  1.00 25.77  ? 81  ASN A OD1 1 
ATOM   635  N  ND2 . ASN A 1 81  ? 1.950   -12.204 -7.733  1.00 60.42  ? 81  ASN A ND2 1 
ATOM   636  N  N   . ALA A 1 82  ? 3.521   -12.942 -12.131 1.00 33.68  ? 82  ALA A N   1 
ATOM   637  C  CA  . ALA A 1 82  ? 2.938   -13.283 -13.426 1.00 36.20  ? 82  ALA A CA  1 
ATOM   638  C  C   . ALA A 1 82  ? 1.452   -12.918 -13.647 1.00 32.29  ? 82  ALA A C   1 
ATOM   639  O  O   . ALA A 1 82  ? 1.010   -12.495 -14.734 1.00 32.21  ? 82  ALA A O   1 
ATOM   640  C  CB  . ALA A 1 82  ? 3.290   -14.722 -13.806 1.00 42.67  ? 82  ALA A CB  1 
ATOM   641  N  N   . LYS A 1 83  ? 0.670   -13.105 -12.595 1.00 33.59  ? 83  LYS A N   1 
ATOM   642  C  CA  . LYS A 1 83  ? -0.727  -12.778 -12.634 1.00 42.93  ? 83  LYS A CA  1 
ATOM   643  C  C   . LYS A 1 83  ? -0.944  -11.239 -12.614 1.00 30.79  ? 83  LYS A C   1 
ATOM   644  O  O   . LYS A 1 83  ? -1.750  -10.704 -13.363 1.00 37.82  ? 83  LYS A O   1 
ATOM   645  C  CB  . LYS A 1 83  ? -1.430  -13.578 -11.544 1.00 56.49  ? 83  LYS A CB  1 
ATOM   646  C  CG  . LYS A 1 83  ? -2.496  -14.530 -12.084 1.00 100.00 ? 83  LYS A CG  1 
ATOM   647  C  CD  . LYS A 1 83  ? -2.007  -15.926 -12.482 1.00 80.56  ? 83  LYS A CD  1 
ATOM   648  C  CE  . LYS A 1 83  ? -2.599  -16.501 -13.785 1.00 100.00 ? 83  LYS A CE  1 
ATOM   649  N  NZ  . LYS A 1 83  ? -4.068  -16.413 -14.006 1.00 72.53  ? 83  LYS A NZ  1 
ATOM   650  N  N   . LEU A 1 84  ? -0.142  -10.519 -11.832 1.00 17.00  ? 84  LEU A N   1 
ATOM   651  C  CA  . LEU A 1 84  ? -0.209  -9.050  -11.694 1.00 20.06  ? 84  LEU A CA  1 
ATOM   652  C  C   . LEU A 1 84  ? 0.233   -8.200  -12.853 1.00 16.25  ? 84  LEU A C   1 
ATOM   653  O  O   . LEU A 1 84  ? -0.406  -7.203  -13.212 1.00 11.18  ? 84  LEU A O   1 
ATOM   654  C  CB  . LEU A 1 84  ? 0.641   -8.595  -10.495 1.00 9.13   ? 84  LEU A CB  1 
ATOM   655  C  CG  . LEU A 1 84  ? 0.201   -9.381  -9.281  1.00 29.45  ? 84  LEU A CG  1 
ATOM   656  C  CD1 . LEU A 1 84  ? 0.727   -8.756  -7.996  1.00 28.06  ? 84  LEU A CD1 1 
ATOM   657  C  CD2 . LEU A 1 84  ? -1.324  -9.339  -9.269  1.00 21.61  ? 84  LEU A CD2 1 
ATOM   658  N  N   . LYS A 1 85  ? 1.425   -8.570  -13.328 1.00 9.62   ? 85  LYS A N   1 
ATOM   659  C  CA  . LYS A 1 85  ? 2.107   -7.865  -14.394 1.00 7.56   ? 85  LYS A CA  1 
ATOM   660  C  C   . LYS A 1 85  ? 1.245   -7.464  -15.583 1.00 1.00   ? 85  LYS A C   1 
ATOM   661  O  O   . LYS A 1 85  ? 1.207   -6.338  -16.049 1.00 9.40   ? 85  LYS A O   1 
ATOM   662  C  CB  . LYS A 1 85  ? 3.439   -8.483  -14.780 1.00 13.66  ? 85  LYS A CB  1 
ATOM   663  C  CG  . LYS A 1 85  ? 4.500   -7.460  -15.202 1.00 39.94  ? 85  LYS A CG  1 
ATOM   664  C  CD  . LYS A 1 85  ? 5.249   -7.828  -16.493 1.00 28.73  ? 85  LYS A CD  1 
ATOM   665  C  CE  . LYS A 1 85  ? 5.892   -6.617  -17.184 1.00 25.92  ? 85  LYS A CE  1 
ATOM   666  N  NZ  . LYS A 1 85  ? 6.269   -6.736  -18.613 1.00 100.00 ? 85  LYS A NZ  1 
ATOM   667  N  N   . PRO A 1 86  ? 0.541   -8.450  -16.111 1.00 10.81  ? 86  PRO A N   1 
ATOM   668  C  CA  . PRO A 1 86  ? -0.310  -8.217  -17.267 1.00 29.56  ? 86  PRO A CA  1 
ATOM   669  C  C   . PRO A 1 86  ? -1.436  -7.238  -16.970 1.00 22.82  ? 86  PRO A C   1 
ATOM   670  O  O   . PRO A 1 86  ? -1.766  -6.375  -17.810 1.00 11.52  ? 86  PRO A O   1 
ATOM   671  C  CB  . PRO A 1 86  ? -0.825  -9.586  -17.723 1.00 19.98  ? 86  PRO A CB  1 
ATOM   672  C  CG  . PRO A 1 86  ? -0.563  -10.522 -16.547 1.00 24.11  ? 86  PRO A CG  1 
ATOM   673  C  CD  . PRO A 1 86  ? 0.483   -9.868  -15.648 1.00 8.51   ? 86  PRO A CD  1 
ATOM   674  N  N   . VAL A 1 87  ? -2.031  -7.359  -15.777 1.00 10.66  ? 87  VAL A N   1 
ATOM   675  C  CA  . VAL A 1 87  ? -3.081  -6.422  -15.505 1.00 7.92   ? 87  VAL A CA  1 
ATOM   676  C  C   . VAL A 1 87  ? -2.512  -5.010  -15.380 1.00 15.95  ? 87  VAL A C   1 
ATOM   677  O  O   . VAL A 1 87  ? -3.030  -4.017  -15.879 1.00 8.07   ? 87  VAL A O   1 
ATOM   678  C  CB  . VAL A 1 87  ? -3.874  -6.761  -14.230 1.00 5.82   ? 87  VAL A CB  1 
ATOM   679  C  CG1 . VAL A 1 87  ? -5.055  -5.776  -14.177 1.00 9.43   ? 87  VAL A CG1 1 
ATOM   680  C  CG2 . VAL A 1 87  ? -4.418  -8.202  -14.309 1.00 7.30   ? 87  VAL A CG2 1 
ATOM   681  N  N   . TYR A 1 88  ? -1.481  -4.929  -14.584 1.00 10.34  ? 88  TYR A N   1 
ATOM   682  C  CA  . TYR A 1 88  ? -0.851  -3.658  -14.355 1.00 9.70   ? 88  TYR A CA  1 
ATOM   683  C  C   . TYR A 1 88  ? -0.441  -3.000  -15.662 1.00 14.45  ? 88  TYR A C   1 
ATOM   684  O  O   . TYR A 1 88  ? -0.682  -1.835  -15.855 1.00 6.69   ? 88  TYR A O   1 
ATOM   685  C  CB  . TYR A 1 88  ? 0.341   -3.958  -13.417 1.00 7.45   ? 88  TYR A CB  1 
ATOM   686  C  CG  . TYR A 1 88  ? 1.115   -2.701  -13.103 1.00 5.27   ? 88  TYR A CG  1 
ATOM   687  C  CD1 . TYR A 1 88  ? 0.709   -1.883  -12.049 1.00 6.05   ? 88  TYR A CD1 1 
ATOM   688  C  CD2 . TYR A 1 88  ? 2.180   -2.310  -13.912 1.00 9.27   ? 88  TYR A CD2 1 
ATOM   689  C  CE1 . TYR A 1 88  ? 1.375   -0.701  -11.729 1.00 9.55   ? 88  TYR A CE1 1 
ATOM   690  C  CE2 . TYR A 1 88  ? 2.880   -1.139  -13.624 1.00 14.70  ? 88  TYR A CE2 1 
ATOM   691  C  CZ  . TYR A 1 88  ? 2.456   -0.358  -12.544 1.00 20.92  ? 88  TYR A CZ  1 
ATOM   692  O  OH  . TYR A 1 88  ? 3.150   0.755   -12.255 1.00 22.15  ? 88  TYR A OH  1 
ATOM   693  N  N   . ASP A 1 89  ? 0.196   -3.710  -16.589 1.00 6.25   ? 89  ASP A N   1 
ATOM   694  C  CA  . ASP A 1 89  ? 0.554   -3.006  -17.829 1.00 1.27   ? 89  ASP A CA  1 
ATOM   695  C  C   . ASP A 1 89  ? -0.672  -2.643  -18.647 1.00 19.20  ? 89  ASP A C   1 
ATOM   696  O  O   . ASP A 1 89  ? -0.640  -1.838  -19.561 1.00 11.68  ? 89  ASP A O   1 
ATOM   697  C  CB  . ASP A 1 89  ? 1.454   -3.857  -18.756 1.00 13.86  ? 89  ASP A CB  1 
ATOM   698  C  CG  . ASP A 1 89  ? 2.811   -4.056  -18.130 1.00 20.02  ? 89  ASP A CG  1 
ATOM   699  O  OD1 . ASP A 1 89  ? 3.154   -3.409  -17.174 1.00 21.15  ? 89  ASP A OD1 1 
ATOM   700  O  OD2 . ASP A 1 89  ? 3.517   -5.022  -18.687 1.00 23.78  ? 89  ASP A OD2 1 
ATOM   701  N  N   . SER A 1 90  ? -1.834  -3.198  -18.351 1.00 5.27   ? 90  SER A N   1 
ATOM   702  C  CA  . SER A 1 90  ? -2.914  -2.777  -19.218 1.00 5.87   ? 90  SER A CA  1 
ATOM   703  C  C   . SER A 1 90  ? -3.528  -1.500  -18.745 1.00 5.97   ? 90  SER A C   1 
ATOM   704  O  O   . SER A 1 90  ? -4.428  -0.946  -19.380 1.00 8.13   ? 90  SER A O   1 
ATOM   705  C  CB  . SER A 1 90  ? -4.055  -3.774  -19.192 1.00 16.92  ? 90  SER A CB  1 
ATOM   706  O  OG  . SER A 1 90  ? -4.583  -3.826  -17.916 1.00 10.47  ? 90  SER A OG  1 
ATOM   707  N  N   . LEU A 1 91  ? -3.054  -0.999  -17.676 1.00 1.00   ? 91  LEU A N   1 
ATOM   708  C  CA  . LEU A 1 91  ? -3.707  0.211   -17.154 1.00 8.68   ? 91  LEU A CA  1 
ATOM   709  C  C   . LEU A 1 91  ? -3.047  1.526   -17.528 1.00 13.60  ? 91  LEU A C   1 
ATOM   710  O  O   . LEU A 1 91  ? -1.845  1.517   -17.816 1.00 10.66  ? 91  LEU A O   1 
ATOM   711  C  CB  . LEU A 1 91  ? -3.679  0.211   -15.605 1.00 11.70  ? 91  LEU A CB  1 
ATOM   712  C  CG  . LEU A 1 91  ? -4.207  -1.121  -15.067 1.00 43.11  ? 91  LEU A CG  1 
ATOM   713  C  CD1 . LEU A 1 91  ? -3.686  -1.514  -13.668 1.00 16.12  ? 91  LEU A CD1 1 
ATOM   714  C  CD2 . LEU A 1 91  ? -5.731  -1.008  -15.053 1.00 16.32  ? 91  LEU A CD2 1 
ATOM   715  N  N   . ASP A 1 92  ? -3.814  2.629   -17.428 1.00 8.58   ? 92  ASP A N   1 
ATOM   716  C  CA  . ASP A 1 92  ? -3.245  3.967   -17.597 1.00 1.00   ? 92  ASP A CA  1 
ATOM   717  C  C   . ASP A 1 92  ? -2.483  4.292   -16.305 1.00 13.29  ? 92  ASP A C   1 
ATOM   718  O  O   . ASP A 1 92  ? -2.517  3.646   -15.192 1.00 4.34   ? 92  ASP A O   1 
ATOM   719  C  CB  . ASP A 1 92  ? -4.333  5.024   -17.773 1.00 5.34   ? 92  ASP A CB  1 
ATOM   720  C  CG  . ASP A 1 92  ? -5.338  5.006   -16.615 1.00 9.34   ? 92  ASP A CG  1 
ATOM   721  O  OD1 . ASP A 1 92  ? -5.286  5.802   -15.714 1.00 8.38   ? 92  ASP A OD1 1 
ATOM   722  O  OD2 . ASP A 1 92  ? -6.204  3.988   -16.628 1.00 11.81  ? 92  ASP A OD2 1 
ATOM   723  N  N   . ALA A 1 93  ? -1.802  5.377   -16.435 1.00 8.87   ? 93  ALA A N   1 
ATOM   724  C  CA  . ALA A 1 93  ? -0.972  5.847   -15.352 1.00 2.43   ? 93  ALA A CA  1 
ATOM   725  C  C   . ALA A 1 93  ? -1.657  6.113   -14.021 1.00 18.39  ? 93  ALA A C   1 
ATOM   726  O  O   . ALA A 1 93  ? -1.035  5.833   -12.978 1.00 11.84  ? 93  ALA A O   1 
ATOM   727  C  CB  . ALA A 1 93  ? -0.157  7.090   -15.836 1.00 4.54   ? 93  ALA A CB  1 
ATOM   728  N  N   . VAL A 1 94  ? -2.902  6.661   -14.001 1.00 9.61   ? 94  VAL A N   1 
ATOM   729  C  CA  . VAL A 1 94  ? -3.479  6.880   -12.668 1.00 8.59   ? 94  VAL A CA  1 
ATOM   730  C  C   . VAL A 1 94  ? -3.885  5.571   -12.013 1.00 10.49  ? 94  VAL A C   1 
ATOM   731  O  O   . VAL A 1 94  ? -3.575  5.267   -10.865 1.00 8.89   ? 94  VAL A O   1 
ATOM   732  C  CB  . VAL A 1 94  ? -4.646  7.857   -12.856 1.00 17.13  ? 94  VAL A CB  1 
ATOM   733  C  CG1 . VAL A 1 94  ? -5.179  8.313   -11.497 1.00 8.35   ? 94  VAL A CG1 1 
ATOM   734  C  CG2 . VAL A 1 94  ? -4.023  9.090   -13.520 1.00 18.10  ? 94  VAL A CG2 1 
ATOM   735  N  N   . ARG A 1 95  ? -4.571  4.758   -12.817 1.00 2.10   ? 95  ARG A N   1 
ATOM   736  C  CA  . ARG A 1 95  ? -4.983  3.475   -12.260 1.00 6.23   ? 95  ARG A CA  1 
ATOM   737  C  C   . ARG A 1 95  ? -3.800  2.666   -11.739 1.00 10.60  ? 95  ARG A C   1 
ATOM   738  O  O   . ARG A 1 95  ? -3.886  1.894   -10.733 1.00 8.95   ? 95  ARG A O   1 
ATOM   739  C  CB  . ARG A 1 95  ? -5.807  2.744   -13.320 1.00 6.29   ? 95  ARG A CB  1 
ATOM   740  C  CG  . ARG A 1 95  ? -7.116  3.496   -13.562 1.00 9.65   ? 95  ARG A CG  1 
ATOM   741  C  CD  . ARG A 1 95  ? -8.141  2.661   -14.315 1.00 15.87  ? 95  ARG A CD  1 
ATOM   742  N  NE  . ARG A 1 95  ? -9.492  3.223   -14.330 1.00 4.59   ? 95  ARG A NE  1 
ATOM   743  C  CZ  . ARG A 1 95  ? -9.886  4.042   -15.291 1.00 16.87  ? 95  ARG A CZ  1 
ATOM   744  N  NH1 . ARG A 1 95  ? -9.045  4.385   -16.278 1.00 5.31   ? 95  ARG A NH1 1 
ATOM   745  N  NH2 . ARG A 1 95  ? -11.141 4.496   -15.264 1.00 10.41  ? 95  ARG A NH2 1 
ATOM   746  N  N   . ARG A 1 96  ? -2.645  2.880   -12.422 1.00 7.06   ? 96  ARG A N   1 
ATOM   747  C  CA  . ARG A 1 96  ? -1.456  2.170   -11.949 1.00 9.44   ? 96  ARG A CA  1 
ATOM   748  C  C   . ARG A 1 96  ? -1.115  2.499   -10.478 1.00 1.00   ? 96  ARG A C   1 
ATOM   749  O  O   . ARG A 1 96  ? -0.784  1.619   -9.677  1.00 5.17   ? 96  ARG A O   1 
ATOM   750  C  CB  . ARG A 1 96  ? -0.291  2.458   -12.858 1.00 10.57  ? 96  ARG A CB  1 
ATOM   751  C  CG  . ARG A 1 96  ? -0.329  1.482   -14.052 1.00 14.85  ? 96  ARG A CG  1 
ATOM   752  C  CD  . ARG A 1 96  ? 0.863   1.629   -14.965 1.00 6.61   ? 96  ARG A CD  1 
ATOM   753  N  NE  . ARG A 1 96  ? 0.588   0.905   -16.186 1.00 17.67  ? 96  ARG A NE  1 
ATOM   754  C  CZ  . ARG A 1 96  ? 1.470   0.919   -17.163 1.00 34.15  ? 96  ARG A CZ  1 
ATOM   755  N  NH1 . ARG A 1 96  ? 2.614   1.589   -17.011 1.00 22.91  ? 96  ARG A NH1 1 
ATOM   756  N  NH2 . ARG A 1 96  ? 1.214   0.296   -18.310 1.00 12.00  ? 96  ARG A NH2 1 
ATOM   757  N  N   . CYS A 1 97  ? -1.288  3.800   -10.166 1.00 7.09   ? 97  CYS A N   1 
ATOM   758  C  CA  . CYS A 1 97  ? -1.040  4.247   -8.852  1.00 15.12  ? 97  CYS A CA  1 
ATOM   759  C  C   . CYS A 1 97  ? -1.943  3.547   -7.891  1.00 7.67   ? 97  CYS A C   1 
ATOM   760  O  O   . CYS A 1 97  ? -1.490  3.121   -6.817  1.00 4.60   ? 97  CYS A O   1 
ATOM   761  C  CB  . CYS A 1 97  ? -1.326  5.744   -8.800  1.00 24.86  ? 97  CYS A CB  1 
ATOM   762  S  SG  . CYS A 1 97  ? 0.036   6.625   -9.607  1.00 14.74  ? 97  CYS A SG  1 
ATOM   763  N  N   . ALA A 1 98  ? -3.190  3.427   -8.299  1.00 10.44  ? 98  ALA A N   1 
ATOM   764  C  CA  . ALA A 1 98  ? -4.137  2.686   -7.485  1.00 12.24  ? 98  ALA A CA  1 
ATOM   765  C  C   . ALA A 1 98  ? -3.668  1.231   -7.201  1.00 33.86  ? 98  ALA A C   1 
ATOM   766  O  O   . ALA A 1 98  ? -3.825  0.669   -6.088  1.00 7.88   ? 98  ALA A O   1 
ATOM   767  C  CB  . ALA A 1 98  ? -5.578  2.628   -8.067  1.00 11.98  ? 98  ALA A CB  1 
ATOM   768  N  N   . ALA A 1 99  ? -3.082  0.578   -8.192  1.00 11.67  ? 99  ALA A N   1 
ATOM   769  C  CA  . ALA A 1 99  ? -2.631  -0.801  -7.999  1.00 1.39   ? 99  ALA A CA  1 
ATOM   770  C  C   . ALA A 1 99  ? -1.513  -0.856  -6.961  1.00 4.92   ? 99  ALA A C   1 
ATOM   771  O  O   . ALA A 1 99  ? -1.404  -1.701  -6.041  1.00 5.49   ? 99  ALA A O   1 
ATOM   772  C  CB  . ALA A 1 99  ? -2.202  -1.367  -9.405  1.00 1.00   ? 99  ALA A CB  1 
ATOM   773  N  N   . ILE A 1 100 ? -0.614  0.137   -7.100  1.00 8.33   ? 100 ILE A N   1 
ATOM   774  C  CA  . ILE A 1 100 ? 0.498   0.221   -6.218  1.00 5.11   ? 100 ILE A CA  1 
ATOM   775  C  C   . ILE A 1 100 ? 0.031   0.412   -4.815  1.00 17.44  ? 100 ILE A C   1 
ATOM   776  O  O   . ILE A 1 100 ? 0.514   -0.332  -3.930  1.00 9.87   ? 100 ILE A O   1 
ATOM   777  C  CB  . ILE A 1 100 ? 1.566   1.209   -6.732  1.00 14.60  ? 100 ILE A CB  1 
ATOM   778  C  CG1 . ILE A 1 100 ? 2.105   0.863   -8.131  1.00 5.66   ? 100 ILE A CG1 1 
ATOM   779  C  CG2 . ILE A 1 100 ? 2.757   1.332   -5.801  1.00 6.00   ? 100 ILE A CG2 1 
ATOM   780  C  CD1 . ILE A 1 100 ? 2.713   2.131   -8.725  1.00 1.35   ? 100 ILE A CD1 1 
ATOM   781  N  N   . ASN A 1 101 ? -0.933  1.374   -4.647  1.00 5.86   ? 101 ASN A N   1 
ATOM   782  C  CA  . ASN A 1 101 ? -1.515  1.578   -3.332  1.00 1.00   ? 101 ASN A CA  1 
ATOM   783  C  C   . ASN A 1 101 ? -1.940  0.293   -2.637  1.00 1.00   ? 101 ASN A C   1 
ATOM   784  O  O   . ASN A 1 101 ? -1.559  -0.037  -1.511  1.00 9.46   ? 101 ASN A O   1 
ATOM   785  C  CB  . ASN A 1 101 ? -2.709  2.561   -3.356  1.00 12.97  ? 101 ASN A CB  1 
ATOM   786  C  CG  . ASN A 1 101 ? -2.899  3.335   -2.009  1.00 10.48  ? 101 ASN A CG  1 
ATOM   787  O  OD1 . ASN A 1 101 ? -2.989  2.658   -0.982  1.00 18.04  ? 101 ASN A OD1 1 
ATOM   788  N  ND2 . ASN A 1 101 ? -2.867  4.702   -1.951  1.00 3.00   ? 101 ASN A ND2 1 
ATOM   789  N  N   . GLN A 1 102 ? -2.744  -0.462  -3.353  1.00 1.00   ? 102 GLN A N   1 
ATOM   790  C  CA  . GLN A 1 102 ? -3.179  -1.700  -2.747  1.00 4.70   ? 102 GLN A CA  1 
ATOM   791  C  C   . GLN A 1 102 ? -2.100  -2.650  -2.324  1.00 7.11   ? 102 GLN A C   1 
ATOM   792  O  O   . GLN A 1 102 ? -2.193  -3.223  -1.253  1.00 14.46  ? 102 GLN A O   1 
ATOM   793  C  CB  . GLN A 1 102 ? -4.038  -2.518  -3.733  1.00 8.31   ? 102 GLN A CB  1 
ATOM   794  C  CG  . GLN A 1 102 ? -5.553  -2.636  -3.442  1.00 27.72  ? 102 GLN A CG  1 
ATOM   795  C  CD  . GLN A 1 102 ? -6.365  -3.469  -4.433  1.00 29.13  ? 102 GLN A CD  1 
ATOM   796  O  OE1 . GLN A 1 102 ? -6.210  -3.331  -5.635  1.00 10.89  ? 102 GLN A OE1 1 
ATOM   797  N  NE2 . GLN A 1 102 ? -7.162  -4.408  -3.944  1.00 27.99  ? 102 GLN A NE2 1 
ATOM   798  N  N   . VAL A 1 103 ? -1.131  -2.866  -3.212  1.00 15.63  ? 103 VAL A N   1 
ATOM   799  C  CA  . VAL A 1 103 ? -0.064  -3.786  -2.922  1.00 9.70   ? 103 VAL A CA  1 
ATOM   800  C  C   . VAL A 1 103 ? 0.737   -3.329  -1.758  1.00 10.61  ? 103 VAL A C   1 
ATOM   801  O  O   . VAL A 1 103 ? 1.231   -4.162  -1.024  1.00 14.20  ? 103 VAL A O   1 
ATOM   802  C  CB  . VAL A 1 103 ? 0.907   -3.992  -4.086  1.00 19.97  ? 103 VAL A CB  1 
ATOM   803  C  CG1 . VAL A 1 103 ? 2.094   -4.854  -3.643  1.00 17.72  ? 103 VAL A CG1 1 
ATOM   804  C  CG2 . VAL A 1 103 ? 0.225   -4.860  -5.102  1.00 21.14  ? 103 VAL A CG2 1 
ATOM   805  N  N   . PHE A 1 104 ? 0.930   -2.006  -1.695  1.00 1.75   ? 104 PHE A N   1 
ATOM   806  C  CA  . PHE A 1 104 ? 1.661   -1.415  -0.604  1.00 11.64  ? 104 PHE A CA  1 
ATOM   807  C  C   . PHE A 1 104 ? 0.969   -1.701  0.714   1.00 18.28  ? 104 PHE A C   1 
ATOM   808  O  O   . PHE A 1 104 ? 1.562   -2.063  1.739   1.00 16.93  ? 104 PHE A O   1 
ATOM   809  C  CB  . PHE A 1 104 ? 1.743   0.112   -0.842  1.00 4.89   ? 104 PHE A CB  1 
ATOM   810  C  CG  . PHE A 1 104 ? 2.656   0.850   0.112   1.00 5.25   ? 104 PHE A CG  1 
ATOM   811  C  CD1 . PHE A 1 104 ? 4.006   1.111   -0.136  1.00 9.43   ? 104 PHE A CD1 1 
ATOM   812  C  CD2 . PHE A 1 104 ? 2.141   1.319   1.323   1.00 10.37  ? 104 PHE A CD2 1 
ATOM   813  C  CE1 . PHE A 1 104 ? 4.807   1.869   0.730   1.00 15.47  ? 104 PHE A CE1 1 
ATOM   814  C  CE2 . PHE A 1 104 ? 2.937   2.040   2.226   1.00 25.49  ? 104 PHE A CE2 1 
ATOM   815  C  CZ  . PHE A 1 104 ? 4.276   2.317   1.946   1.00 24.34  ? 104 PHE A CZ  1 
ATOM   816  N  N   . GLN A 1 105 ? -0.340  -1.554  0.699   1.00 7.52   ? 105 GLN A N   1 
ATOM   817  C  CA  . GLN A 1 105 ? -1.053  -1.756  1.891   1.00 11.18  ? 105 GLN A CA  1 
ATOM   818  C  C   . GLN A 1 105 ? -1.175  -3.222  2.206   1.00 26.63  ? 105 GLN A C   1 
ATOM   819  O  O   . GLN A 1 105 ? -1.231  -3.667  3.366   1.00 8.42   ? 105 GLN A O   1 
ATOM   820  C  CB  . GLN A 1 105 ? -2.463  -1.143  1.682   1.00 13.64  ? 105 GLN A CB  1 
ATOM   821  C  CG  . GLN A 1 105 ? -3.287  -1.149  2.976   1.00 10.69  ? 105 GLN A CG  1 
ATOM   822  C  CD  . GLN A 1 105 ? -4.749  -0.782  2.833   1.00 13.84  ? 105 GLN A CD  1 
ATOM   823  O  OE1 . GLN A 1 105 ? -5.189  -0.164  1.841   1.00 25.46  ? 105 GLN A OE1 1 
ATOM   824  N  NE2 . GLN A 1 105 ? -5.470  -0.916  3.958   1.00 19.19  ? 105 GLN A NE2 1 
ATOM   825  N  N   . MET A 1 106 ? -1.312  -4.011  1.175   1.00 17.25  ? 106 MET A N   1 
ATOM   826  C  CA  . MET A 1 106 ? -1.646  -5.357  1.524   1.00 10.15  ? 106 MET A CA  1 
ATOM   827  C  C   . MET A 1 106 ? -0.771  -6.453  1.153   1.00 10.70  ? 106 MET A C   1 
ATOM   828  O  O   . MET A 1 106 ? -1.102  -7.603  1.489   1.00 20.39  ? 106 MET A O   1 
ATOM   829  C  CB  . MET A 1 106 ? -3.167  -5.732  1.392   1.00 7.81   ? 106 MET A CB  1 
ATOM   830  C  CG  . MET A 1 106 ? -3.838  -6.077  0.036   1.00 19.71  ? 106 MET A CG  1 
ATOM   831  S  SD  . MET A 1 106 ? -5.636  -5.656  -0.037  1.00 37.84  ? 106 MET A SD  1 
ATOM   832  C  CE  . MET A 1 106 ? -5.902  -5.916  -1.796  1.00 50.85  ? 106 MET A CE  1 
ATOM   833  N  N   . GLY A 1 107 ? 0.267   -6.138  0.424   1.00 13.58  ? 107 GLY A N   1 
ATOM   834  C  CA  . GLY A 1 107 ? 1.066   -7.267  -0.031  1.00 20.15  ? 107 GLY A CA  1 
ATOM   835  C  C   . GLY A 1 107 ? 0.511   -7.987  -1.277  1.00 20.23  ? 107 GLY A C   1 
ATOM   836  O  O   . GLY A 1 107 ? -0.702  -8.029  -1.604  1.00 24.01  ? 107 GLY A O   1 
ATOM   837  N  N   . GLU A 1 108 ? 1.497   -8.538  -1.963  1.00 24.36  ? 108 GLU A N   1 
ATOM   838  C  CA  . GLU A 1 108 ? 1.434   -9.226  -3.249  1.00 37.50  ? 108 GLU A CA  1 
ATOM   839  C  C   . GLU A 1 108 ? 0.425   -10.332 -3.193  1.00 46.74  ? 108 GLU A C   1 
ATOM   840  O  O   . GLU A 1 108 ? -0.205  -10.779 -4.174  1.00 40.98  ? 108 GLU A O   1 
ATOM   841  C  CB  . GLU A 1 108 ? 2.837   -9.811  -3.499  1.00 41.30  ? 108 GLU A CB  1 
ATOM   842  C  CG  . GLU A 1 108 ? 3.147   -10.201 -4.959  1.00 67.84  ? 108 GLU A CG  1 
ATOM   843  C  CD  . GLU A 1 108 ? 4.596   -9.973  -5.284  1.00 58.84  ? 108 GLU A CD  1 
ATOM   844  O  OE1 . GLU A 1 108 ? 5.364   -9.490  -4.474  1.00 95.41  ? 108 GLU A OE1 1 
ATOM   845  O  OE2 . GLU A 1 108 ? 4.944   -10.344 -6.505  1.00 100.00 ? 108 GLU A OE2 1 
ATOM   846  N  N   . THR A 1 109 ? 0.394   -10.747 -1.936  1.00 23.76  ? 109 THR A N   1 
ATOM   847  C  CA  . THR A 1 109 ? -0.429  -11.777 -1.413  1.00 29.29  ? 109 THR A CA  1 
ATOM   848  C  C   . THR A 1 109 ? -1.866  -11.309 -1.395  1.00 77.49  ? 109 THR A C   1 
ATOM   849  O  O   . THR A 1 109 ? -2.643  -11.649 -2.312  1.00 96.21  ? 109 THR A O   1 
ATOM   850  C  CB  . THR A 1 109 ? 0.027   -12.064 0.030   1.00 74.21  ? 109 THR A CB  1 
ATOM   851  O  OG1 . THR A 1 109 ? 0.585   -10.889 0.580   1.00 100.00 ? 109 THR A OG1 1 
ATOM   852  C  CG2 . THR A 1 109 ? 1.115   -13.121 0.043   1.00 50.72  ? 109 THR A CG2 1 
ATOM   853  N  N   . GLY A 1 110 ? -2.136  -10.518 -0.326  1.00 46.69  ? 110 GLY A N   1 
ATOM   854  C  CA  . GLY A 1 110 ? -3.426  -9.908  -0.026  1.00 19.65  ? 110 GLY A CA  1 
ATOM   855  C  C   . GLY A 1 110 ? -4.142  -9.663  -1.342  1.00 37.57  ? 110 GLY A C   1 
ATOM   856  O  O   . GLY A 1 110 ? -5.282  -10.047 -1.556  1.00 39.51  ? 110 GLY A O   1 
ATOM   857  N  N   . VAL A 1 111 ? -3.395  -9.116  -2.266  1.00 27.14  ? 111 VAL A N   1 
ATOM   858  C  CA  . VAL A 1 111 ? -3.928  -8.791  -3.548  1.00 29.19  ? 111 VAL A CA  1 
ATOM   859  C  C   . VAL A 1 111 ? -4.060  -9.981  -4.473  1.00 65.53  ? 111 VAL A C   1 
ATOM   860  O  O   . VAL A 1 111 ? -5.061  -10.062 -5.186  1.00 68.72  ? 111 VAL A O   1 
ATOM   861  C  CB  . VAL A 1 111 ? -3.116  -7.662  -4.162  1.00 41.04  ? 111 VAL A CB  1 
ATOM   862  C  CG1 . VAL A 1 111 ? -3.903  -7.091  -5.334  1.00 62.06  ? 111 VAL A CG1 1 
ATOM   863  C  CG2 . VAL A 1 111 ? -2.849  -6.579  -3.113  1.00 28.64  ? 111 VAL A CG2 1 
ATOM   864  N  N   . ALA A 1 112 ? -3.067  -10.873 -4.494  1.00 82.67  ? 112 ALA A N   1 
ATOM   865  C  CA  . ALA A 1 112 ? -3.162  -12.012 -5.392  1.00 88.60  ? 112 ALA A CA  1 
ATOM   866  C  C   . ALA A 1 112 ? -4.505  -12.786 -5.378  1.00 92.16  ? 112 ALA A C   1 
ATOM   867  O  O   . ALA A 1 112 ? -4.776  -13.574 -6.289  1.00 100.00 ? 112 ALA A O   1 
ATOM   868  C  CB  . ALA A 1 112 ? -1.844  -12.714 -5.751  1.00 83.40  ? 112 ALA A CB  1 
ATOM   869  N  N   . GLY A 1 113 ? -5.374  -12.479 -4.368  1.00 59.78  ? 113 GLY A N   1 
ATOM   870  C  CA  . GLY A 1 113 ? -6.751  -13.034 -4.134  1.00 47.68  ? 113 GLY A CA  1 
ATOM   871  C  C   . GLY A 1 113 ? -8.005  -12.255 -4.728  1.00 66.52  ? 113 GLY A C   1 
ATOM   872  O  O   . GLY A 1 113 ? -9.226  -12.599 -4.609  1.00 33.01  ? 113 GLY A O   1 
ATOM   873  N  N   . PHE A 1 114 ? -7.703  -11.154 -5.423  1.00 46.21  ? 114 PHE A N   1 
ATOM   874  C  CA  . PHE A 1 114 ? -8.686  -10.313 -6.047  1.00 16.56  ? 114 PHE A CA  1 
ATOM   875  C  C   . PHE A 1 114 ? -8.795  -10.624 -7.553  1.00 12.34  ? 114 PHE A C   1 
ATOM   876  O  O   . PHE A 1 114 ? -9.043  -9.784  -8.414  1.00 17.28  ? 114 PHE A O   1 
ATOM   877  C  CB  . PHE A 1 114 ? -8.206  -8.878  -5.800  1.00 18.64  ? 114 PHE A CB  1 
ATOM   878  C  CG  . PHE A 1 114 ? -8.556  -8.278  -4.459  1.00 27.71  ? 114 PHE A CG  1 
ATOM   879  C  CD1 . PHE A 1 114 ? -7.779  -8.567  -3.338  1.00 28.91  ? 114 PHE A CD1 1 
ATOM   880  C  CD2 . PHE A 1 114 ? -9.633  -7.404  -4.286  1.00 26.72  ? 114 PHE A CD2 1 
ATOM   881  C  CE1 . PHE A 1 114 ? -8.087  -7.997  -2.103  1.00 28.23  ? 114 PHE A CE1 1 
ATOM   882  C  CE2 . PHE A 1 114 ? -9.973  -6.827  -3.059  1.00 20.36  ? 114 PHE A CE2 1 
ATOM   883  C  CZ  . PHE A 1 114 ? -9.163  -7.118  -1.961  1.00 27.07  ? 114 PHE A CZ  1 
ATOM   884  N  N   . THR A 1 115 ? -8.613  -11.879 -7.876  1.00 17.72  ? 115 THR A N   1 
ATOM   885  C  CA  . THR A 1 115 ? -8.679  -12.379 -9.228  1.00 9.72   ? 115 THR A CA  1 
ATOM   886  C  C   . THR A 1 115 ? -9.800  -11.883 -10.093 1.00 17.82  ? 115 THR A C   1 
ATOM   887  O  O   . THR A 1 115 ? -9.566  -11.421 -11.207 1.00 15.68  ? 115 THR A O   1 
ATOM   888  C  CB  . THR A 1 115 ? -9.029  -13.805 -9.004  1.00 35.60  ? 115 THR A CB  1 
ATOM   889  O  OG1 . THR A 1 115 ? -7.924  -14.259 -8.303  1.00 34.21  ? 115 THR A OG1 1 
ATOM   890  C  CG2 . THR A 1 115 ? -9.136  -14.426 -10.374 1.00 85.22  ? 115 THR A CG2 1 
ATOM   891  N  N   . ASN A 1 116 ? -11.011 -11.967 -9.523  1.00 12.97  ? 116 ASN A N   1 
ATOM   892  C  CA  . ASN A 1 116 ? -12.195 -11.563 -10.213 1.00 18.88  ? 116 ASN A CA  1 
ATOM   893  C  C   . ASN A 1 116 ? -12.095 -10.091 -10.536 1.00 15.51  ? 116 ASN A C   1 
ATOM   894  O  O   . ASN A 1 116 ? -12.330 -9.570  -11.620 1.00 17.22  ? 116 ASN A O   1 
ATOM   895  C  CB  . ASN A 1 116 ? -13.488 -11.913 -9.430  1.00 21.33  ? 116 ASN A CB  1 
ATOM   896  C  CG  . ASN A 1 116 ? -13.705 -13.432 -9.237  1.00 22.41  ? 116 ASN A CG  1 
ATOM   897  O  OD1 . ASN A 1 116 ? -13.334 -14.212 -10.117 1.00 31.18  ? 116 ASN A OD1 1 
ATOM   898  N  ND2 . ASN A 1 116 ? -14.290 -13.892 -8.107  1.00 11.86  ? 116 ASN A ND2 1 
ATOM   899  N  N   . SER A 1 117 ? -11.680 -9.371  -9.569  1.00 10.29  ? 117 SER A N   1 
ATOM   900  C  CA  . SER A 1 117 ? -11.533 -7.920  -9.822  1.00 9.03   ? 117 SER A CA  1 
ATOM   901  C  C   . SER A 1 117 ? -10.469 -7.621  -10.843 1.00 9.90   ? 117 SER A C   1 
ATOM   902  O  O   . SER A 1 117 ? -10.563 -6.705  -11.652 1.00 10.97  ? 117 SER A O   1 
ATOM   903  C  CB  . SER A 1 117 ? -11.091 -7.211  -8.523  1.00 24.98  ? 117 SER A CB  1 
ATOM   904  O  OG  . SER A 1 117 ? -11.947 -7.448  -7.394  1.00 22.23  ? 117 SER A OG  1 
ATOM   905  N  N   . LEU A 1 118 ? -9.405  -8.387  -10.733 1.00 4.56   ? 118 LEU A N   1 
ATOM   906  C  CA  . LEU A 1 118 ? -8.306  -8.165  -11.609 1.00 10.95  ? 118 LEU A CA  1 
ATOM   907  C  C   . LEU A 1 118 ? -8.735  -8.304  -13.025 1.00 13.22  ? 118 LEU A C   1 
ATOM   908  O  O   . LEU A 1 118 ? -8.425  -7.508  -13.937 1.00 7.61   ? 118 LEU A O   1 
ATOM   909  C  CB  . LEU A 1 118 ? -7.260  -9.217  -11.342 1.00 17.96  ? 118 LEU A CB  1 
ATOM   910  C  CG  . LEU A 1 118 ? -6.516  -8.971  -10.024 1.00 44.97  ? 118 LEU A CG  1 
ATOM   911  C  CD1 . LEU A 1 118 ? -5.605  -10.163 -9.788  1.00 62.81  ? 118 LEU A CD1 1 
ATOM   912  C  CD2 . LEU A 1 118 ? -5.737  -7.634  -9.936  1.00 14.09  ? 118 LEU A CD2 1 
ATOM   913  N  N   . ARG A 1 119 ? -9.439  -9.395  -13.179 1.00 6.21   ? 119 ARG A N   1 
ATOM   914  C  CA  . ARG A 1 119 ? -9.913  -9.664  -14.502 1.00 11.19  ? 119 ARG A CA  1 
ATOM   915  C  C   . ARG A 1 119 ? -10.777 -8.514  -15.043 1.00 26.03  ? 119 ARG A C   1 
ATOM   916  O  O   . ARG A 1 119 ? -10.691 -8.136  -16.229 1.00 14.50  ? 119 ARG A O   1 
ATOM   917  C  CB  . ARG A 1 119 ? -10.756 -10.952 -14.637 1.00 14.24  ? 119 ARG A CB  1 
ATOM   918  C  CG  . ARG A 1 119 ? -10.648 -12.088 -13.634 1.00 100.00 ? 119 ARG A CG  1 
ATOM   919  C  CD  . ARG A 1 119 ? -11.576 -13.299 -13.940 1.00 100.00 ? 119 ARG A CD  1 
ATOM   920  N  NE  . ARG A 1 119 ? -12.674 -13.173 -14.945 1.00 100.00 ? 119 ARG A NE  1 
ATOM   921  C  CZ  . ARG A 1 119 ? -14.027 -13.187 -14.736 1.00 100.00 ? 119 ARG A CZ  1 
ATOM   922  N  NH1 . ARG A 1 119 ? -14.590 -13.302 -13.517 1.00 100.00 ? 119 ARG A NH1 1 
ATOM   923  N  NH2 . ARG A 1 119 ? -14.841 -13.080 -15.806 1.00 100.00 ? 119 ARG A NH2 1 
ATOM   924  N  N   . MET A 1 120 ? -11.681 -8.017  -14.168 1.00 11.22  ? 120 MET A N   1 
ATOM   925  C  CA  . MET A 1 120 ? -12.564 -6.929  -14.547 1.00 13.75  ? 120 MET A CA  1 
ATOM   926  C  C   . MET A 1 120 ? -11.769 -5.671  -14.841 1.00 15.45  ? 120 MET A C   1 
ATOM   927  O  O   . MET A 1 120 ? -12.044 -4.880  -15.759 1.00 12.25  ? 120 MET A O   1 
ATOM   928  C  CB  . MET A 1 120 ? -13.573 -6.612  -13.444 1.00 8.47   ? 120 MET A CB  1 
ATOM   929  C  CG  . MET A 1 120 ? -14.668 -7.657  -13.426 1.00 22.32  ? 120 MET A CG  1 
ATOM   930  S  SD  . MET A 1 120 ? -15.754 -7.353  -12.007 1.00 29.64  ? 120 MET A SD  1 
ATOM   931  C  CE  . MET A 1 120 ? -16.113 -9.008  -11.379 1.00 41.17  ? 120 MET A CE  1 
ATOM   932  N  N   . LEU A 1 121 ? -10.773 -5.488  -14.039 1.00 6.97   ? 121 LEU A N   1 
ATOM   933  C  CA  . LEU A 1 121 ? -10.042 -4.293  -14.345 1.00 5.74   ? 121 LEU A CA  1 
ATOM   934  C  C   . LEU A 1 121 ? -9.332  -4.475  -15.699 1.00 24.04  ? 121 LEU A C   1 
ATOM   935  O  O   . LEU A 1 121 ? -9.254  -3.552  -16.523 1.00 11.31  ? 121 LEU A O   1 
ATOM   936  C  CB  . LEU A 1 121 ? -8.972  -4.213  -13.265 1.00 8.64   ? 121 LEU A CB  1 
ATOM   937  C  CG  . LEU A 1 121 ? -9.533  -3.703  -11.938 1.00 14.07  ? 121 LEU A CG  1 
ATOM   938  C  CD1 . LEU A 1 121 ? -8.509  -3.975  -10.853 1.00 18.11  ? 121 LEU A CD1 1 
ATOM   939  C  CD2 . LEU A 1 121 ? -9.945  -2.222  -11.945 1.00 11.36  ? 121 LEU A CD2 1 
ATOM   940  N  N   . GLN A 1 122 ? -8.779  -5.675  -15.940 1.00 3.53   ? 122 GLN A N   1 
ATOM   941  C  CA  . GLN A 1 122 ? -8.102  -5.851  -17.179 1.00 6.48   ? 122 GLN A CA  1 
ATOM   942  C  C   . GLN A 1 122 ? -9.070  -5.631  -18.355 1.00 29.23  ? 122 GLN A C   1 
ATOM   943  O  O   . GLN A 1 122 ? -8.686  -5.159  -19.425 1.00 15.36  ? 122 GLN A O   1 
ATOM   944  C  CB  . GLN A 1 122 ? -7.412  -7.206  -17.248 1.00 14.68  ? 122 GLN A CB  1 
ATOM   945  C  CG  . GLN A 1 122 ? -6.347  -7.238  -18.344 1.00 26.99  ? 122 GLN A CG  1 
ATOM   946  C  CD  . GLN A 1 122 ? -5.987  -8.679  -18.593 1.00 73.18  ? 122 GLN A CD  1 
ATOM   947  O  OE1 . GLN A 1 122 ? -6.563  -9.530  -17.908 1.00 51.69  ? 122 GLN A OE1 1 
ATOM   948  N  NE2 . GLN A 1 122 ? -5.041  -8.955  -19.502 1.00 40.61  ? 122 GLN A NE2 1 
ATOM   949  N  N   . GLN A 1 123 ? -10.344 -5.981  -18.193 1.00 12.40  ? 123 GLN A N   1 
ATOM   950  C  CA  . GLN A 1 123 ? -11.280 -5.767  -19.263 1.00 9.16   ? 123 GLN A CA  1 
ATOM   951  C  C   . GLN A 1 123 ? -11.764 -4.363  -19.282 1.00 17.97  ? 123 GLN A C   1 
ATOM   952  O  O   . GLN A 1 123 ? -12.579 -4.049  -20.162 1.00 13.54  ? 123 GLN A O   1 
ATOM   953  C  CB  . GLN A 1 123 ? -12.561 -6.563  -19.173 1.00 21.49  ? 123 GLN A CB  1 
ATOM   954  C  CG  . GLN A 1 123 ? -12.164 -8.018  -19.071 1.00 23.61  ? 123 GLN A CG  1 
ATOM   955  C  CD  . GLN A 1 123 ? -13.403 -8.870  -19.148 1.00 72.99  ? 123 GLN A CD  1 
ATOM   956  O  OE1 . GLN A 1 123 ? -13.431 -9.861  -19.882 1.00 35.09  ? 123 GLN A OE1 1 
ATOM   957  N  NE2 . GLN A 1 123 ? -14.434 -8.474  -18.404 1.00 100.00 ? 123 GLN A NE2 1 
ATOM   958  N  N   . LYS A 1 124 ? -11.307 -3.532  -18.332 1.00 10.85  ? 124 LYS A N   1 
ATOM   959  C  CA  . LYS A 1 124 ? -11.741 -2.121  -18.357 1.00 8.11   ? 124 LYS A CA  1 
ATOM   960  C  C   . LYS A 1 124 ? -13.269 -1.911  -18.100 1.00 16.74  ? 124 LYS A C   1 
ATOM   961  O  O   . LYS A 1 124 ? -13.942 -1.023  -18.615 1.00 15.44  ? 124 LYS A O   1 
ATOM   962  C  CB  . LYS A 1 124 ? -11.307 -1.357  -19.638 1.00 16.61  ? 124 LYS A CB  1 
ATOM   963  C  CG  . LYS A 1 124 ? -9.832  -1.514  -19.987 1.00 14.11  ? 124 LYS A CG  1 
ATOM   964  C  CD  . LYS A 1 124 ? -9.232  -0.324  -20.791 1.00 10.44  ? 124 LYS A CD  1 
ATOM   965  C  CE  . LYS A 1 124 ? -7.727  -0.425  -21.108 1.00 1.00   ? 124 LYS A CE  1 
ATOM   966  N  NZ  . LYS A 1 124 ? -6.957  -0.389  -19.875 1.00 4.96   ? 124 LYS A NZ  1 
ATOM   967  N  N   . ARG A 1 125 ? -13.831 -2.735  -17.244 1.00 14.79  ? 125 ARG A N   1 
ATOM   968  C  CA  . ARG A 1 125 ? -15.206 -2.747  -16.784 1.00 18.37  ? 125 ARG A CA  1 
ATOM   969  C  C   . ARG A 1 125 ? -15.175 -2.057  -15.432 1.00 12.92  ? 125 ARG A C   1 
ATOM   970  O  O   . ARG A 1 125 ? -15.312 -2.719  -14.389 1.00 13.26  ? 125 ARG A O   1 
ATOM   971  C  CB  . ARG A 1 125 ? -15.580 -4.245  -16.558 1.00 32.62  ? 125 ARG A CB  1 
ATOM   972  C  CG  . ARG A 1 125 ? -15.613 -5.167  -17.799 1.00 19.24  ? 125 ARG A CG  1 
ATOM   973  C  CD  . ARG A 1 125 ? -16.285 -6.561  -17.582 1.00 30.24  ? 125 ARG A CD  1 
ATOM   974  N  NE  . ARG A 1 125 ? -17.075 -7.150  -18.683 1.00 50.82  ? 125 ARG A NE  1 
ATOM   975  C  CZ  . ARG A 1 125 ? -16.748 -7.130  -20.016 1.00 100.00 ? 125 ARG A CZ  1 
ATOM   976  N  NH1 . ARG A 1 125 ? -15.636 -6.550  -20.517 1.00 100.00 ? 125 ARG A NH1 1 
ATOM   977  N  NH2 . ARG A 1 125 ? -17.574 -7.698  -20.903 1.00 44.88  ? 125 ARG A NH2 1 
ATOM   978  N  N   . TRP A 1 126 ? -14.944 -0.740  -15.480 1.00 10.98  ? 126 TRP A N   1 
ATOM   979  C  CA  . TRP A 1 126 ? -14.735 0.080   -14.310 1.00 10.07  ? 126 TRP A CA  1 
ATOM   980  C  C   . TRP A 1 126 ? -15.746 -0.056  -13.201 1.00 17.14  ? 126 TRP A C   1 
ATOM   981  O  O   . TRP A 1 126 ? -15.507 -0.325  -12.018 1.00 6.51   ? 126 TRP A O   1 
ATOM   982  C  CB  . TRP A 1 126 ? -14.370 1.555   -14.621 1.00 1.00   ? 126 TRP A CB  1 
ATOM   983  C  CG  . TRP A 1 126 ? -13.324 1.606   -15.717 1.00 7.31   ? 126 TRP A CG  1 
ATOM   984  C  CD1 . TRP A 1 126 ? -13.471 2.290   -16.899 1.00 13.51  ? 126 TRP A CD1 1 
ATOM   985  C  CD2 . TRP A 1 126 ? -11.972 1.090   -15.766 1.00 1.00   ? 126 TRP A CD2 1 
ATOM   986  N  NE1 . TRP A 1 126 ? -12.359 2.190   -17.687 1.00 7.24   ? 126 TRP A NE1 1 
ATOM   987  C  CE2 . TRP A 1 126 ? -11.424 1.462   -17.052 1.00 1.00   ? 126 TRP A CE2 1 
ATOM   988  C  CE3 . TRP A 1 126 ? -11.183 0.276   -14.899 1.00 4.30   ? 126 TRP A CE3 1 
ATOM   989  C  CZ2 . TRP A 1 126 ? -10.178 1.074   -17.498 1.00 4.81   ? 126 TRP A CZ2 1 
ATOM   990  C  CZ3 . TRP A 1 126 ? -9.918  -0.081  -15.328 1.00 3.58   ? 126 TRP A CZ3 1 
ATOM   991  C  CH2 . TRP A 1 126 ? -9.394  0.390   -16.563 1.00 6.94   ? 126 TRP A CH2 1 
ATOM   992  N  N   . ASP A 1 127 ? -16.935 0.141   -13.602 1.00 8.51   ? 127 ASP A N   1 
ATOM   993  C  CA  . ASP A 1 127 ? -17.955 0.086   -12.590 1.00 5.07   ? 127 ASP A CA  1 
ATOM   994  C  C   . ASP A 1 127 ? -18.123 -1.278  -12.060 1.00 25.97  ? 127 ASP A C   1 
ATOM   995  O  O   . ASP A 1 127 ? -18.440 -1.350  -10.866 1.00 17.35  ? 127 ASP A O   1 
ATOM   996  C  CB  . ASP A 1 127 ? -19.266 0.690   -13.130 1.00 26.83  ? 127 ASP A CB  1 
ATOM   997  C  CG  . ASP A 1 127 ? -19.217 2.196   -13.387 1.00 24.05  ? 127 ASP A CG  1 
ATOM   998  O  OD1 . ASP A 1 127 ? -18.199 2.907   -13.475 1.00 26.82  ? 127 ASP A OD1 1 
ATOM   999  O  OD2 . ASP A 1 127 ? -20.428 2.672   -13.457 1.00 28.33  ? 127 ASP A OD2 1 
ATOM   1000 N  N   . GLU A 1 128 ? -17.887 -2.326  -12.910 1.00 14.71  ? 128 GLU A N   1 
ATOM   1001 C  CA  . GLU A 1 128 ? -18.087 -3.603  -12.325 1.00 17.14  ? 128 GLU A CA  1 
ATOM   1002 C  C   . GLU A 1 128 ? -17.041 -3.973  -11.307 1.00 30.06  ? 128 GLU A C   1 
ATOM   1003 O  O   . GLU A 1 128 ? -17.389 -4.523  -10.239 1.00 11.02  ? 128 GLU A O   1 
ATOM   1004 C  CB  . GLU A 1 128 ? -18.322 -4.708  -13.338 1.00 25.89  ? 128 GLU A CB  1 
ATOM   1005 C  CG  . GLU A 1 128 ? -19.652 -4.489  -14.057 1.00 28.74  ? 128 GLU A CG  1 
ATOM   1006 C  CD  . GLU A 1 128 ? -19.612 -5.192  -15.381 1.00 100.00 ? 128 GLU A CD  1 
ATOM   1007 O  OE1 . GLU A 1 128 ? -19.760 -6.407  -15.508 1.00 100.00 ? 128 GLU A OE1 1 
ATOM   1008 O  OE2 . GLU A 1 128 ? -19.297 -4.365  -16.360 1.00 38.62  ? 128 GLU A OE2 1 
ATOM   1009 N  N   . ALA A 1 129 ? -15.786 -3.647  -11.689 1.00 6.34   ? 129 ALA A N   1 
ATOM   1010 C  CA  . ALA A 1 129 ? -14.634 -3.955  -10.861 1.00 6.73   ? 129 ALA A CA  1 
ATOM   1011 C  C   . ALA A 1 129 ? -14.747 -3.295  -9.467  1.00 5.08   ? 129 ALA A C   1 
ATOM   1012 O  O   . ALA A 1 129 ? -14.452 -3.861  -8.386  1.00 13.86  ? 129 ALA A O   1 
ATOM   1013 C  CB  . ALA A 1 129 ? -13.446 -3.530  -11.710 1.00 8.50   ? 129 ALA A CB  1 
ATOM   1014 N  N   . ALA A 1 130 ? -15.252 -2.084  -9.526  1.00 12.37  ? 130 ALA A N   1 
ATOM   1015 C  CA  . ALA A 1 130 ? -15.398 -1.301  -8.342  1.00 13.66  ? 130 ALA A CA  1 
ATOM   1016 C  C   . ALA A 1 130 ? -16.395 -1.903  -7.372  1.00 26.23  ? 130 ALA A C   1 
ATOM   1017 O  O   . ALA A 1 130 ? -16.114 -1.996  -6.210  1.00 15.17  ? 130 ALA A O   1 
ATOM   1018 C  CB  . ALA A 1 130 ? -15.803 0.074   -8.785  1.00 18.51  ? 130 ALA A CB  1 
ATOM   1019 N  N   . VAL A 1 131 ? -17.538 -2.350  -7.869  1.00 7.55   ? 131 VAL A N   1 
ATOM   1020 C  CA  . VAL A 1 131 ? -18.483 -2.998  -7.012  1.00 7.90   ? 131 VAL A CA  1 
ATOM   1021 C  C   . VAL A 1 131 ? -17.844 -4.264  -6.457  1.00 22.37  ? 131 VAL A C   1 
ATOM   1022 O  O   . VAL A 1 131 ? -17.925 -4.492  -5.252  1.00 13.38  ? 131 VAL A O   1 
ATOM   1023 C  CB  . VAL A 1 131 ? -19.795 -3.310  -7.742  1.00 13.54  ? 131 VAL A CB  1 
ATOM   1024 C  CG1 . VAL A 1 131 ? -20.495 -4.520  -7.134  1.00 16.61  ? 131 VAL A CG1 1 
ATOM   1025 C  CG2 . VAL A 1 131 ? -20.712 -2.121  -7.596  1.00 19.82  ? 131 VAL A CG2 1 
ATOM   1026 N  N   . ASN A 1 132 ? -17.166 -5.029  -7.346  1.00 14.63  ? 132 ASN A N   1 
ATOM   1027 C  CA  . ASN A 1 132 ? -16.429 -6.200  -6.939  1.00 2.06   ? 132 ASN A CA  1 
ATOM   1028 C  C   . ASN A 1 132 ? -15.387 -5.933  -5.831  1.00 15.66  ? 132 ASN A C   1 
ATOM   1029 O  O   . ASN A 1 132 ? -15.243 -6.582  -4.764  1.00 7.84   ? 132 ASN A O   1 
ATOM   1030 C  CB  . ASN A 1 132 ? -15.767 -6.846  -8.147  1.00 12.69  ? 132 ASN A CB  1 
ATOM   1031 C  CG  . ASN A 1 132 ? -15.185 -8.215  -7.763  1.00 19.23  ? 132 ASN A CG  1 
ATOM   1032 O  OD1 . ASN A 1 132 ? -14.030 -8.358  -7.308  1.00 15.81  ? 132 ASN A OD1 1 
ATOM   1033 N  ND2 . ASN A 1 132 ? -16.065 -9.202  -7.729  1.00 11.99  ? 132 ASN A ND2 1 
ATOM   1034 N  N   . LEU A 1 133 ? -14.578 -4.941  -6.125  1.00 10.85  ? 133 LEU A N   1 
ATOM   1035 C  CA  . LEU A 1 133 ? -13.560 -4.584  -5.141  1.00 6.84   ? 133 LEU A CA  1 
ATOM   1036 C  C   . LEU A 1 133 ? -14.148 -4.278  -3.759  1.00 6.67   ? 133 LEU A C   1 
ATOM   1037 O  O   . LEU A 1 133 ? -13.581 -4.506  -2.688  1.00 10.65  ? 133 LEU A O   1 
ATOM   1038 C  CB  . LEU A 1 133 ? -12.785 -3.273  -5.594  1.00 8.56   ? 133 LEU A CB  1 
ATOM   1039 C  CG  . LEU A 1 133 ? -11.837 -3.527  -6.792  1.00 14.65  ? 133 LEU A CG  1 
ATOM   1040 C  CD1 . LEU A 1 133 ? -11.441 -2.209  -7.487  1.00 9.64   ? 133 LEU A CD1 1 
ATOM   1041 C  CD2 . LEU A 1 133 ? -10.604 -4.223  -6.278  1.00 11.77  ? 133 LEU A CD2 1 
ATOM   1042 N  N   . ALA A 1 134 ? -15.340 -3.763  -3.738  1.00 14.60  ? 134 ALA A N   1 
ATOM   1043 C  CA  . ALA A 1 134 ? -15.874 -3.446  -2.431  1.00 9.92   ? 134 ALA A CA  1 
ATOM   1044 C  C   . ALA A 1 134 ? -16.309 -4.601  -1.604  1.00 15.66  ? 134 ALA A C   1 
ATOM   1045 O  O   . ALA A 1 134 ? -16.545 -4.423  -0.391  1.00 16.16  ? 134 ALA A O   1 
ATOM   1046 C  CB  . ALA A 1 134 ? -17.004 -2.449  -2.590  1.00 15.72  ? 134 ALA A CB  1 
ATOM   1047 N  N   . LYS A 1 135 ? -16.540 -5.727  -2.263  1.00 12.34  ? 135 LYS A N   1 
ATOM   1048 C  CA  . LYS A 1 135 ? -17.009 -6.908  -1.504  1.00 4.45   ? 135 LYS A CA  1 
ATOM   1049 C  C   . LYS A 1 135 ? -15.782 -7.604  -0.932  1.00 5.50   ? 135 LYS A C   1 
ATOM   1050 O  O   . LYS A 1 135 ? -15.283 -8.609  -1.454  1.00 8.45   ? 135 LYS A O   1 
ATOM   1051 C  CB  . LYS A 1 135 ? -17.896 -7.758  -2.417  1.00 21.76  ? 135 LYS A CB  1 
ATOM   1052 C  CG  . LYS A 1 135 ? -19.117 -6.973  -2.945  1.00 35.73  ? 135 LYS A CG  1 
ATOM   1053 C  CD  . LYS A 1 135 ? -20.239 -7.722  -3.716  1.00 27.42  ? 135 LYS A CD  1 
ATOM   1054 C  CE  . LYS A 1 135 ? -19.813 -8.770  -4.766  1.00 100.00 ? 135 LYS A CE  1 
ATOM   1055 N  NZ  . LYS A 1 135 ? -20.887 -9.237  -5.689  1.00 69.44  ? 135 LYS A NZ  1 
ATOM   1056 N  N   . SER A 1 136 ? -15.196 -6.925  0.062   1.00 7.56   ? 136 SER A N   1 
ATOM   1057 C  CA  . SER A 1 136 ? -13.948 -7.399  0.556   1.00 7.55   ? 136 SER A CA  1 
ATOM   1058 C  C   . SER A 1 136 ? -13.716 -7.016  1.987   1.00 10.29  ? 136 SER A C   1 
ATOM   1059 O  O   . SER A 1 136 ? -14.304 -6.041  2.492   1.00 9.27   ? 136 SER A O   1 
ATOM   1060 C  CB  . SER A 1 136 ? -12.764 -6.874  -0.285  1.00 17.26  ? 136 SER A CB  1 
ATOM   1061 O  OG  . SER A 1 136 ? -12.723 -5.415  -0.236  1.00 7.44   ? 136 SER A OG  1 
ATOM   1062 N  N   . ARG A 1 137 ? -12.855 -7.824  2.643   1.00 3.15   ? 137 ARG A N   1 
ATOM   1063 C  CA  . ARG A 1 137 ? -12.574 -7.539  4.033   1.00 12.08  ? 137 ARG A CA  1 
ATOM   1064 C  C   . ARG A 1 137 ? -11.870 -6.217  4.009   1.00 9.02   ? 137 ARG A C   1 
ATOM   1065 O  O   . ARG A 1 137 ? -12.058 -5.379  4.880   1.00 6.40   ? 137 ARG A O   1 
ATOM   1066 C  CB  . ARG A 1 137 ? -11.612 -8.555  4.644   1.00 10.67  ? 137 ARG A CB  1 
ATOM   1067 C  CG  . ARG A 1 137 ? -11.219 -8.134  6.050   1.00 28.86  ? 137 ARG A CG  1 
ATOM   1068 C  CD  . ARG A 1 137 ? -10.061 -8.936  6.631   1.00 24.84  ? 137 ARG A CD  1 
ATOM   1069 N  NE  . ARG A 1 137 ? -9.849  -8.645  8.042   1.00 40.79  ? 137 ARG A NE  1 
ATOM   1070 C  CZ  . ARG A 1 137 ? -8.839  -7.897  8.518   1.00 38.82  ? 137 ARG A CZ  1 
ATOM   1071 N  NH1 . ARG A 1 137 ? -7.899  -7.401  7.708   1.00 100.00 ? 137 ARG A NH1 1 
ATOM   1072 N  NH2 . ARG A 1 137 ? -8.757  -7.641  9.835   1.00 50.04  ? 137 ARG A NH2 1 
ATOM   1073 N  N   . TRP A 1 138 ? -11.053 -6.040  2.950   1.00 15.10  ? 138 TRP A N   1 
ATOM   1074 C  CA  . TRP A 1 138 ? -10.281 -4.788  2.752   1.00 13.99  ? 138 TRP A CA  1 
ATOM   1075 C  C   . TRP A 1 138 ? -11.177 -3.546  2.857   1.00 17.09  ? 138 TRP A C   1 
ATOM   1076 O  O   . TRP A 1 138 ? -10.921 -2.586  3.603   1.00 16.79  ? 138 TRP A O   1 
ATOM   1077 C  CB  . TRP A 1 138 ? -9.602  -4.847  1.349   1.00 9.84   ? 138 TRP A CB  1 
ATOM   1078 C  CG  . TRP A 1 138 ? -9.027  -3.527  0.925   1.00 9.16   ? 138 TRP A CG  1 
ATOM   1079 C  CD1 . TRP A 1 138 ? -8.012  -2.864  1.588   1.00 9.74   ? 138 TRP A CD1 1 
ATOM   1080 C  CD2 . TRP A 1 138 ? -9.257  -2.815  -0.299  1.00 2.99   ? 138 TRP A CD2 1 
ATOM   1081 N  NE1 . TRP A 1 138 ? -7.650  -1.755  0.866   1.00 10.38  ? 138 TRP A NE1 1 
ATOM   1082 C  CE2 . TRP A 1 138 ? -8.390  -1.714  -0.312  1.00 7.03   ? 138 TRP A CE2 1 
ATOM   1083 C  CE3 . TRP A 1 138 ? -10.080 -3.013  -1.424  1.00 2.07   ? 138 TRP A CE3 1 
ATOM   1084 C  CZ2 . TRP A 1 138 ? -8.350  -0.808  -1.393  1.00 8.40   ? 138 TRP A CZ2 1 
ATOM   1085 C  CZ3 . TRP A 1 138 ? -10.061 -2.089  -2.450  1.00 12.19  ? 138 TRP A CZ3 1 
ATOM   1086 C  CH2 . TRP A 1 138 ? -9.245  -0.933  -2.394  1.00 12.48  ? 138 TRP A CH2 1 
ATOM   1087 N  N   . TYR A 1 139 ? -12.280 -3.569  2.092   1.00 6.89   ? 139 TYR A N   1 
ATOM   1088 C  CA  . TYR A 1 139 ? -13.162 -2.396  2.164   1.00 3.62   ? 139 TYR A CA  1 
ATOM   1089 C  C   . TYR A 1 139 ? -13.810 -2.209  3.524   1.00 18.38  ? 139 TYR A C   1 
ATOM   1090 O  O   . TYR A 1 139 ? -13.776 -1.145  4.129   1.00 13.34  ? 139 TYR A O   1 
ATOM   1091 C  CB  . TYR A 1 139 ? -14.243 -2.675  1.121   1.00 10.91  ? 139 TYR A CB  1 
ATOM   1092 C  CG  . TYR A 1 139 ? -15.351 -1.701  1.070   1.00 16.49  ? 139 TYR A CG  1 
ATOM   1093 C  CD1 . TYR A 1 139 ? -15.175 -0.520  0.355   1.00 29.21  ? 139 TYR A CD1 1 
ATOM   1094 C  CD2 . TYR A 1 139 ? -16.573 -1.947  1.692   1.00 22.08  ? 139 TYR A CD2 1 
ATOM   1095 C  CE1 . TYR A 1 139 ? -16.172 0.441   0.237   1.00 28.05  ? 139 TYR A CE1 1 
ATOM   1096 C  CE2 . TYR A 1 139 ? -17.598 -1.015  1.551   1.00 32.23  ? 139 TYR A CE2 1 
ATOM   1097 C  CZ  . TYR A 1 139 ? -17.393 0.173   0.849   1.00 56.20  ? 139 TYR A CZ  1 
ATOM   1098 O  OH  . TYR A 1 139 ? -18.407 1.079   0.748   1.00 100.00 ? 139 TYR A OH  1 
ATOM   1099 N  N   . ASN A 1 140 ? -14.333 -3.333  4.032   1.00 11.65  ? 140 ASN A N   1 
ATOM   1100 C  CA  . ASN A 1 140 ? -14.963 -3.373  5.340   1.00 14.19  ? 140 ASN A CA  1 
ATOM   1101 C  C   . ASN A 1 140 ? -14.035 -3.004  6.461   1.00 14.92  ? 140 ASN A C   1 
ATOM   1102 O  O   . ASN A 1 140 ? -14.461 -2.392  7.415   1.00 17.04  ? 140 ASN A O   1 
ATOM   1103 C  CB  . ASN A 1 140 ? -15.615 -4.737  5.578   1.00 15.81  ? 140 ASN A CB  1 
ATOM   1104 C  CG  . ASN A 1 140 ? -16.844 -4.833  4.689   1.00 25.78  ? 140 ASN A CG  1 
ATOM   1105 O  OD1 . ASN A 1 140 ? -16.871 -5.478  3.619   1.00 16.80  ? 140 ASN A OD1 1 
ATOM   1106 N  ND2 . ASN A 1 140 ? -17.883 -4.131  5.136   1.00 25.76  ? 140 ASN A ND2 1 
ATOM   1107 N  N   . GLN A 1 141 ? -12.751 -3.364  6.386   1.00 7.17   ? 141 GLN A N   1 
ATOM   1108 C  CA  . GLN A 1 141 ? -11.892 -2.947  7.454   1.00 12.99  ? 141 GLN A CA  1 
ATOM   1109 C  C   . GLN A 1 141 ? -11.396 -1.486  7.302   1.00 18.18  ? 141 GLN A C   1 
ATOM   1110 O  O   . GLN A 1 141 ? -11.317 -0.702  8.263   1.00 20.93  ? 141 GLN A O   1 
ATOM   1111 C  CB  . GLN A 1 141 ? -10.746 -3.951  7.729   1.00 15.17  ? 141 GLN A CB  1 
ATOM   1112 C  CG  . GLN A 1 141 ? -11.236 -5.310  8.231   1.00 100.00 ? 141 GLN A CG  1 
ATOM   1113 C  CD  . GLN A 1 141 ? -11.961 -5.269  9.554   1.00 38.53  ? 141 GLN A CD  1 
ATOM   1114 O  OE1 . GLN A 1 141 ? -13.025 -5.895  9.660   1.00 28.77  ? 141 GLN A OE1 1 
ATOM   1115 N  NE2 . GLN A 1 141 ? -11.379 -4.589  10.537  1.00 17.17  ? 141 GLN A NE2 1 
ATOM   1116 N  N   . THR A 1 142 ? -11.040 -1.061  6.111   1.00 11.66  ? 142 THR A N   1 
ATOM   1117 C  CA  . THR A 1 142 ? -10.624 0.332   6.060   1.00 2.12   ? 142 THR A CA  1 
ATOM   1118 C  C   . THR A 1 142 ? -11.369 0.962   4.932   1.00 18.51  ? 142 THR A C   1 
ATOM   1119 O  O   . THR A 1 142 ? -10.809 1.192   3.880   1.00 5.47   ? 142 THR A O   1 
ATOM   1120 C  CB  . THR A 1 142 ? -9.160  0.462   5.687   1.00 6.34   ? 142 THR A CB  1 
ATOM   1121 O  OG1 . THR A 1 142 ? -8.917  -0.380  4.542   1.00 12.90  ? 142 THR A OG1 1 
ATOM   1122 C  CG2 . THR A 1 142 ? -8.355  -0.005  6.867   1.00 1.14   ? 142 THR A CG2 1 
ATOM   1123 N  N   . PRO A 1 143 ? -12.615 1.266   5.155   1.00 16.95  ? 143 PRO A N   1 
ATOM   1124 C  CA  . PRO A 1 143 ? -13.469 1.864   4.124   1.00 3.99   ? 143 PRO A CA  1 
ATOM   1125 C  C   . PRO A 1 143 ? -13.053 3.217   3.515   1.00 3.16   ? 143 PRO A C   1 
ATOM   1126 O  O   . PRO A 1 143 ? -13.228 3.510   2.294   1.00 11.64  ? 143 PRO A O   1 
ATOM   1127 C  CB  . PRO A 1 143 ? -14.804 2.065   4.883   1.00 11.79  ? 143 PRO A CB  1 
ATOM   1128 C  CG  . PRO A 1 143 ? -14.611 1.662   6.369   1.00 10.17  ? 143 PRO A CG  1 
ATOM   1129 C  CD  . PRO A 1 143 ? -13.303 0.914   6.443   1.00 12.19  ? 143 PRO A CD  1 
ATOM   1130 N  N   . ASN A 1 144 ? -12.627 4.150   4.386   1.00 3.50   ? 144 ASN A N   1 
ATOM   1131 C  CA  . ASN A 1 144 ? -12.327 5.493   3.877   1.00 1.09   ? 144 ASN A CA  1 
ATOM   1132 C  C   . ASN A 1 144 ? -11.273 5.408   2.824   1.00 16.59  ? 144 ASN A C   1 
ATOM   1133 O  O   . ASN A 1 144 ? -11.391 5.841   1.688   1.00 9.97   ? 144 ASN A O   1 
ATOM   1134 C  CB  . ASN A 1 144 ? -11.870 6.416   4.972   1.00 7.91   ? 144 ASN A CB  1 
ATOM   1135 C  CG  . ASN A 1 144 ? -12.975 6.733   6.009   1.00 23.96  ? 144 ASN A CG  1 
ATOM   1136 O  OD1 . ASN A 1 144 ? -14.169 6.583   5.770   1.00 25.83  ? 144 ASN A OD1 1 
ATOM   1137 N  ND2 . ASN A 1 144 ? -12.577 7.238   7.172   1.00 32.20  ? 144 ASN A ND2 1 
ATOM   1138 N  N   . ARG A 1 145 ? -10.210 4.794   3.199   1.00 4.02   ? 145 ARG A N   1 
ATOM   1139 C  CA  . ARG A 1 145 ? -9.134  4.582   2.175   1.00 6.61   ? 145 ARG A CA  1 
ATOM   1140 C  C   . ARG A 1 145 ? -9.549  3.717   0.987   1.00 8.50   ? 145 ARG A C   1 
ATOM   1141 O  O   . ARG A 1 145 ? -9.335  4.071   -0.198  1.00 11.03  ? 145 ARG A O   1 
ATOM   1142 C  CB  . ARG A 1 145 ? -7.932  3.836   2.782   1.00 18.14  ? 145 ARG A CB  1 
ATOM   1143 C  CG  . ARG A 1 145 ? -6.645  4.045   1.956   1.00 19.47  ? 145 ARG A CG  1 
ATOM   1144 C  CD  . ARG A 1 145 ? -5.546  3.161   2.397   1.00 16.74  ? 145 ARG A CD  1 
ATOM   1145 N  NE  . ARG A 1 145 ? -4.423  3.032   1.503   1.00 12.47  ? 145 ARG A NE  1 
ATOM   1146 C  CZ  . ARG A 1 145 ? -3.323  2.638   2.116   1.00 9.81   ? 145 ARG A CZ  1 
ATOM   1147 N  NH1 . ARG A 1 145 ? -3.382  2.437   3.427   1.00 9.90   ? 145 ARG A NH1 1 
ATOM   1148 N  NH2 . ARG A 1 145 ? -2.207  2.393   1.425   1.00 3.57   ? 145 ARG A NH2 1 
ATOM   1149 N  N   . ALA A 1 146 ? -10.139 2.539   1.342   1.00 5.48   ? 146 ALA A N   1 
ATOM   1150 C  CA  . ALA A 1 146 ? -10.519 1.686   0.242   1.00 8.53   ? 146 ALA A CA  1 
ATOM   1151 C  C   . ALA A 1 146 ? -11.404 2.487   -0.704  1.00 16.93  ? 146 ALA A C   1 
ATOM   1152 O  O   . ALA A 1 146 ? -11.274 2.407   -1.942  1.00 21.68  ? 146 ALA A O   1 
ATOM   1153 C  CB  . ALA A 1 146 ? -11.128 0.383   0.721   1.00 6.75   ? 146 ALA A CB  1 
ATOM   1154 N  N   . LYS A 1 147 ? -12.250 3.359   -0.113  1.00 5.75   ? 147 LYS A N   1 
ATOM   1155 C  CA  . LYS A 1 147 ? -13.085 4.128   -1.021  1.00 7.96   ? 147 LYS A CA  1 
ATOM   1156 C  C   . LYS A 1 147 ? -12.334 4.960   -2.049  1.00 13.65  ? 147 LYS A C   1 
ATOM   1157 O  O   . LYS A 1 147 ? -12.759 5.090   -3.253  1.00 12.26  ? 147 LYS A O   1 
ATOM   1158 C  CB  . LYS A 1 147 ? -13.973 5.050   -0.226  1.00 13.85  ? 147 LYS A CB  1 
ATOM   1159 C  CG  . LYS A 1 147 ? -15.130 4.287   0.337   1.00 41.71  ? 147 LYS A CG  1 
ATOM   1160 C  CD  . LYS A 1 147 ? -16.042 5.146   1.170   1.00 27.85  ? 147 LYS A CD  1 
ATOM   1161 C  CE  . LYS A 1 147 ? -16.505 4.387   2.412   1.00 92.97  ? 147 LYS A CE  1 
ATOM   1162 N  NZ  . LYS A 1 147 ? -16.208 5.072   3.684   1.00 100.00 ? 147 LYS A NZ  1 
ATOM   1163 N  N   . ARG A 1 148 ? -11.262 5.599   -1.512  1.00 13.47  ? 148 ARG A N   1 
ATOM   1164 C  CA  . ARG A 1 148 ? -10.431 6.490   -2.310  1.00 13.14  ? 148 ARG A CA  1 
ATOM   1165 C  C   . ARG A 1 148 ? -9.743  5.725   -3.435  1.00 1.00   ? 148 ARG A C   1 
ATOM   1166 O  O   . ARG A 1 148 ? -9.737  6.193   -4.595  1.00 9.00   ? 148 ARG A O   1 
ATOM   1167 C  CB  . ARG A 1 148 ? -9.396  7.269   -1.494  1.00 20.65  ? 148 ARG A CB  1 
ATOM   1168 C  CG  . ARG A 1 148 ? -9.954  8.380   -0.617  1.00 13.83  ? 148 ARG A CG  1 
ATOM   1169 C  CD  . ARG A 1 148 ? -8.868  9.305   -0.110  1.00 9.68   ? 148 ARG A CD  1 
ATOM   1170 N  NE  . ARG A 1 148 ? -8.003  8.640   0.941   1.00 19.57  ? 148 ARG A NE  1 
ATOM   1171 C  CZ  . ARG A 1 148 ? -8.260  8.400   2.262   1.00 9.37   ? 148 ARG A CZ  1 
ATOM   1172 N  NH1 . ARG A 1 148 ? -9.407  8.718   2.882   1.00 9.65   ? 148 ARG A NH1 1 
ATOM   1173 N  NH2 . ARG A 1 148 ? -7.316  7.869   3.035   1.00 11.04  ? 148 ARG A NH2 1 
ATOM   1174 N  N   . VAL A 1 149 ? -9.242  4.562   -3.079  1.00 4.47   ? 149 VAL A N   1 
ATOM   1175 C  CA  . VAL A 1 149 ? -8.534  3.718   -4.093  1.00 15.80  ? 149 VAL A CA  1 
ATOM   1176 C  C   . VAL A 1 149 ? -9.448  3.197   -5.208  1.00 27.96  ? 149 VAL A C   1 
ATOM   1177 O  O   . VAL A 1 149 ? -9.019  3.118   -6.397  1.00 9.97   ? 149 VAL A O   1 
ATOM   1178 C  CB  . VAL A 1 149 ? -7.841  2.500   -3.428  1.00 7.93   ? 149 VAL A CB  1 
ATOM   1179 C  CG1 . VAL A 1 149 ? -7.248  1.517   -4.466  1.00 9.11   ? 149 VAL A CG1 1 
ATOM   1180 C  CG2 . VAL A 1 149 ? -6.686  2.997   -2.542  1.00 9.67   ? 149 VAL A CG2 1 
ATOM   1181 N  N   . ILE A 1 150 ? -10.683 2.827   -4.760  1.00 9.75   ? 150 ILE A N   1 
ATOM   1182 C  CA  . ILE A 1 150 ? -11.715 2.267   -5.673  1.00 8.05   ? 150 ILE A CA  1 
ATOM   1183 C  C   . ILE A 1 150 ? -12.244 3.329   -6.652  1.00 14.87  ? 150 ILE A C   1 
ATOM   1184 O  O   . ILE A 1 150 ? -12.487 3.123   -7.861  1.00 8.80   ? 150 ILE A O   1 
ATOM   1185 C  CB  . ILE A 1 150 ? -12.859 1.576   -4.917  1.00 19.14  ? 150 ILE A CB  1 
ATOM   1186 C  CG1 . ILE A 1 150 ? -12.373 0.272   -4.306  1.00 21.38  ? 150 ILE A CG1 1 
ATOM   1187 C  CG2 . ILE A 1 150 ? -14.046 1.277   -5.838  1.00 11.29  ? 150 ILE A CG2 1 
ATOM   1188 C  CD1 . ILE A 1 150 ? -13.425 -0.280  -3.345  1.00 11.21  ? 150 ILE A CD1 1 
ATOM   1189 N  N   . THR A 1 151 ? -12.386 4.520   -6.088  1.00 8.41   ? 151 THR A N   1 
ATOM   1190 C  CA  . THR A 1 151 ? -12.838 5.642   -6.902  1.00 11.31  ? 151 THR A CA  1 
ATOM   1191 C  C   . THR A 1 151 ? -11.768 5.952   -7.925  1.00 11.59  ? 151 THR A C   1 
ATOM   1192 O  O   . THR A 1 151 ? -11.998 6.428   -9.031  1.00 8.66   ? 151 THR A O   1 
ATOM   1193 C  CB  . THR A 1 151 ? -12.983 6.863   -6.003  1.00 36.34  ? 151 THR A CB  1 
ATOM   1194 O  OG1 . THR A 1 151 ? -14.064 6.595   -5.128  1.00 36.52  ? 151 THR A OG1 1 
ATOM   1195 C  CG2 . THR A 1 151 ? -13.185 8.133   -6.823  1.00 20.82  ? 151 THR A CG2 1 
ATOM   1196 N  N   . THR A 1 152 ? -10.582 5.643   -7.505  1.00 12.49  ? 152 THR A N   1 
ATOM   1197 C  CA  . THR A 1 152 ? -9.415  5.855   -8.327  1.00 17.50  ? 152 THR A CA  1 
ATOM   1198 C  C   . THR A 1 152 ? -9.424  4.829   -9.480  1.00 5.93   ? 152 THR A C   1 
ATOM   1199 O  O   . THR A 1 152 ? -9.355  5.163   -10.677 1.00 6.67   ? 152 THR A O   1 
ATOM   1200 C  CB  . THR A 1 152 ? -8.159  5.858   -7.427  1.00 12.70  ? 152 THR A CB  1 
ATOM   1201 O  OG1 . THR A 1 152 ? -8.231  6.981   -6.597  1.00 7.79   ? 152 THR A OG1 1 
ATOM   1202 C  CG2 . THR A 1 152 ? -6.911  6.021   -8.267  1.00 12.36  ? 152 THR A CG2 1 
ATOM   1203 N  N   . PHE A 1 153 ? -9.602  3.575   -9.139  1.00 4.74   ? 153 PHE A N   1 
ATOM   1204 C  CA  . PHE A 1 153 ? -9.698  2.604   -10.231 1.00 11.59  ? 153 PHE A CA  1 
ATOM   1205 C  C   . PHE A 1 153 ? -10.918 2.849   -11.127 1.00 24.16  ? 153 PHE A C   1 
ATOM   1206 O  O   . PHE A 1 153 ? -10.883 2.635   -12.355 1.00 15.45  ? 153 PHE A O   1 
ATOM   1207 C  CB  . PHE A 1 153 ? -9.919  1.248   -9.618  1.00 1.00   ? 153 PHE A CB  1 
ATOM   1208 C  CG  . PHE A 1 153 ? -8.692  0.581   -9.051  1.00 13.03  ? 153 PHE A CG  1 
ATOM   1209 C  CD1 . PHE A 1 153 ? -8.617  0.188   -7.710  1.00 22.14  ? 153 PHE A CD1 1 
ATOM   1210 C  CD2 . PHE A 1 153 ? -7.636  0.243   -9.913  1.00 30.70  ? 153 PHE A CD2 1 
ATOM   1211 C  CE1 . PHE A 1 153 ? -7.495  -0.541  -7.283  1.00 11.38  ? 153 PHE A CE1 1 
ATOM   1212 C  CE2 . PHE A 1 153 ? -6.496  -0.459  -9.497  1.00 14.31  ? 153 PHE A CE2 1 
ATOM   1213 C  CZ  . PHE A 1 153 ? -6.443  -0.861  -8.156  1.00 8.71   ? 153 PHE A CZ  1 
ATOM   1214 N  N   . ARG A 1 154 ? -12.025 3.306   -10.516 1.00 15.14  ? 154 ARG A N   1 
ATOM   1215 C  CA  . ARG A 1 154 ? -13.242 3.493   -11.296 1.00 11.98  ? 154 ARG A CA  1 
ATOM   1216 C  C   . ARG A 1 154 ? -13.202 4.580   -12.296 1.00 18.88  ? 154 ARG A C   1 
ATOM   1217 O  O   . ARG A 1 154 ? -13.813 4.433   -13.342 1.00 16.83  ? 154 ARG A O   1 
ATOM   1218 C  CB  . ARG A 1 154 ? -14.420 3.860   -10.409 1.00 17.77  ? 154 ARG A CB  1 
ATOM   1219 C  CG  . ARG A 1 154 ? -15.737 3.604   -11.187 1.00 13.88  ? 154 ARG A CG  1 
ATOM   1220 C  CD  . ARG A 1 154 ? -16.962 4.120   -10.377 1.00 22.42  ? 154 ARG A CD  1 
ATOM   1221 N  NE  . ARG A 1 154 ? -16.632 4.414   -8.965  1.00 100.00 ? 154 ARG A NE  1 
ATOM   1222 C  CZ  . ARG A 1 154 ? -17.048 5.462   -8.211  1.00 100.00 ? 154 ARG A CZ  1 
ATOM   1223 N  NH1 . ARG A 1 154 ? -17.862 6.418   -8.668  1.00 100.00 ? 154 ARG A NH1 1 
ATOM   1224 N  NH2 . ARG A 1 154 ? -16.647 5.567   -6.937  1.00 100.00 ? 154 ARG A NH2 1 
ATOM   1225 N  N   . THR A 1 155 ? -12.559 5.680   -11.875 1.00 12.54  ? 155 THR A N   1 
ATOM   1226 C  CA  . THR A 1 155 ? -12.522 6.875   -12.693 1.00 7.93   ? 155 THR A CA  1 
ATOM   1227 C  C   . THR A 1 155 ? -11.240 7.116   -13.439 1.00 16.35  ? 155 THR A C   1 
ATOM   1228 O  O   . THR A 1 155 ? -11.265 7.759   -14.464 1.00 17.58  ? 155 THR A O   1 
ATOM   1229 C  CB  . THR A 1 155 ? -12.798 8.179   -11.918 1.00 5.74   ? 155 THR A CB  1 
ATOM   1230 O  OG1 . THR A 1 155 ? -11.762 8.402   -11.059 1.00 11.15  ? 155 THR A OG1 1 
ATOM   1231 C  CG2 . THR A 1 155 ? -14.023 8.101   -11.073 1.00 16.73  ? 155 THR A CG2 1 
ATOM   1232 N  N   . GLY A 1 156 ? -10.112 6.660   -12.961 1.00 4.63   ? 156 GLY A N   1 
ATOM   1233 C  CA  . GLY A 1 156 ? -8.967  7.028   -13.738 1.00 13.58  ? 156 GLY A CA  1 
ATOM   1234 C  C   . GLY A 1 156 ? -8.579  8.530   -13.454 1.00 22.40  ? 156 GLY A C   1 
ATOM   1235 O  O   . GLY A 1 156 ? -7.775  9.081   -14.136 1.00 12.26  ? 156 GLY A O   1 
ATOM   1236 N  N   . THR A 1 157 ? -9.130  9.287   -12.475 1.00 11.07  ? 157 THR A N   1 
ATOM   1237 C  CA  . THR A 1 157 ? -8.733  10.685  -12.133 1.00 1.00   ? 157 THR A CA  1 
ATOM   1238 C  C   . THR A 1 157 ? -8.271  10.695  -10.637 1.00 17.21  ? 157 THR A C   1 
ATOM   1239 O  O   . THR A 1 157 ? -8.440  9.711   -9.915  1.00 9.61   ? 157 THR A O   1 
ATOM   1240 C  CB  . THR A 1 157 ? -9.923  11.638  -12.095 1.00 36.72  ? 157 THR A CB  1 
ATOM   1241 O  OG1 . THR A 1 157 ? -10.698 11.168  -11.004 1.00 13.01  ? 157 THR A OG1 1 
ATOM   1242 C  CG2 . THR A 1 157 ? -10.688 11.651  -13.410 1.00 15.66  ? 157 THR A CG2 1 
ATOM   1243 N  N   . TRP A 1 158 ? -7.732  11.813  -10.137 1.00 11.17  ? 158 TRP A N   1 
ATOM   1244 C  CA  . TRP A 1 158 ? -7.327  11.976  -8.732  1.00 10.01  ? 158 TRP A CA  1 
ATOM   1245 C  C   . TRP A 1 158 ? -8.464  12.638  -7.887  1.00 20.84  ? 158 TRP A C   1 
ATOM   1246 O  O   . TRP A 1 158 ? -8.239  13.155  -6.821  1.00 12.21  ? 158 TRP A O   1 
ATOM   1247 C  CB  . TRP A 1 158 ? -6.121  12.897  -8.610  1.00 6.36   ? 158 TRP A CB  1 
ATOM   1248 C  CG  . TRP A 1 158 ? -4.905  12.230  -9.179  1.00 16.53  ? 158 TRP A CG  1 
ATOM   1249 C  CD1 . TRP A 1 158 ? -4.355  12.577  -10.359 1.00 12.68  ? 158 TRP A CD1 1 
ATOM   1250 C  CD2 . TRP A 1 158 ? -4.110  11.103  -8.659  1.00 18.82  ? 158 TRP A CD2 1 
ATOM   1251 N  NE1 . TRP A 1 158 ? -3.280  11.765  -10.632 1.00 15.66  ? 158 TRP A NE1 1 
ATOM   1252 C  CE2 . TRP A 1 158 ? -3.066  10.855  -9.585  1.00 21.28  ? 158 TRP A CE2 1 
ATOM   1253 C  CE3 . TRP A 1 158 ? -4.126  10.290  -7.519  1.00 12.69  ? 158 TRP A CE3 1 
ATOM   1254 C  CZ2 . TRP A 1 158 ? -2.072  9.857   -9.360  1.00 16.39  ? 158 TRP A CZ2 1 
ATOM   1255 C  CZ3 . TRP A 1 158 ? -3.118  9.347   -7.284  1.00 12.25  ? 158 TRP A CZ3 1 
ATOM   1256 C  CH2 . TRP A 1 158 ? -2.117  9.041   -8.213  1.00 6.98   ? 158 TRP A CH2 1 
ATOM   1257 N  N   . ASP A 1 159 ? -9.712  12.608  -8.347  1.00 12.20  ? 159 ASP A N   1 
ATOM   1258 C  CA  . ASP A 1 159 ? -10.797 13.202  -7.572  1.00 6.04   ? 159 ASP A CA  1 
ATOM   1259 C  C   . ASP A 1 159 ? -10.902 12.919  -6.095  1.00 12.64  ? 159 ASP A C   1 
ATOM   1260 O  O   . ASP A 1 159 ? -11.153 13.790  -5.299  1.00 15.44  ? 159 ASP A O   1 
ATOM   1261 C  CB  . ASP A 1 159 ? -12.128 13.180  -8.328  1.00 12.53  ? 159 ASP A CB  1 
ATOM   1262 C  CG  . ASP A 1 159 ? -11.928 13.788  -9.732  1.00 48.39  ? 159 ASP A CG  1 
ATOM   1263 O  OD1 . ASP A 1 159 ? -11.044 14.597  -10.019 1.00 36.19  ? 159 ASP A OD1 1 
ATOM   1264 O  OD2 . ASP A 1 159 ? -12.736 13.299  -10.646 1.00 61.02  ? 159 ASP A OD2 1 
ATOM   1265 N  N   . ALA A 1 160 ? -10.727 11.680  -5.721  1.00 14.40  ? 160 ALA A N   1 
ATOM   1266 C  CA  . ALA A 1 160 ? -10.844 11.254  -4.364  1.00 10.09  ? 160 ALA A CA  1 
ATOM   1267 C  C   . ALA A 1 160 ? -9.670  11.746  -3.560  1.00 20.60  ? 160 ALA A C   1 
ATOM   1268 O  O   . ALA A 1 160 ? -9.703  11.773  -2.364  1.00 18.32  ? 160 ALA A O   1 
ATOM   1269 C  CB  . ALA A 1 160 ? -10.836 9.724   -4.301  1.00 20.22  ? 160 ALA A CB  1 
ATOM   1270 N  N   . TYR A 1 161 ? -8.602  12.115  -4.207  1.00 19.10  ? 161 TYR A N   1 
ATOM   1271 C  CA  . TYR A 1 161 ? -7.506  12.577  -3.426  1.00 12.75  ? 161 TYR A CA  1 
ATOM   1272 C  C   . TYR A 1 161 ? -7.572  14.079  -3.409  1.00 41.37  ? 161 TYR A C   1 
ATOM   1273 O  O   . TYR A 1 161 ? -6.768  14.733  -2.750  1.00 23.85  ? 161 TYR A O   1 
ATOM   1274 C  CB  . TYR A 1 161 ? -6.142  12.026  -3.882  1.00 9.94   ? 161 TYR A CB  1 
ATOM   1275 C  CG  . TYR A 1 161 ? -6.099  10.603  -3.444  1.00 8.58   ? 161 TYR A CG  1 
ATOM   1276 C  CD1 . TYR A 1 161 ? -6.759  9.622   -4.181  1.00 15.10  ? 161 TYR A CD1 1 
ATOM   1277 C  CD2 . TYR A 1 161 ? -5.408  10.223  -2.286  1.00 1.00   ? 161 TYR A CD2 1 
ATOM   1278 C  CE1 . TYR A 1 161 ? -6.731  8.289   -3.759  1.00 3.27   ? 161 TYR A CE1 1 
ATOM   1279 C  CE2 . TYR A 1 161 ? -5.370  8.904   -1.839  1.00 5.57   ? 161 TYR A CE2 1 
ATOM   1280 C  CZ  . TYR A 1 161 ? -6.007  7.937   -2.623  1.00 2.28   ? 161 TYR A CZ  1 
ATOM   1281 O  OH  . TYR A 1 161 ? -6.041  6.640   -2.213  1.00 5.10   ? 161 TYR A OH  1 
ATOM   1282 N  N   . LYS A 1 162 ? -8.601  14.551  -4.127  1.00 59.77  ? 162 LYS A N   1 
ATOM   1283 C  CA  . LYS A 1 162 ? -8.989  15.940  -4.280  1.00 47.35  ? 162 LYS A CA  1 
ATOM   1284 C  C   . LYS A 1 162 ? -8.028  16.702  -5.152  1.00 100.00 ? 162 LYS A C   1 
ATOM   1285 O  O   . LYS A 1 162 ? -7.629  16.125  -6.173  1.00 82.55  ? 162 LYS A O   1 
ATOM   1286 C  CB  . LYS A 1 162 ? -9.660  16.627  -3.077  1.00 40.55  ? 162 LYS A CB  1 
ATOM   1287 C  CG  . LYS A 1 162 ? -8.911  17.809  -2.515  1.00 22.29  ? 162 LYS A CG  1 
ATOM   1288 C  CD  . LYS A 1 162 ? -9.188  17.957  -1.020  1.00 100.00 ? 162 LYS A CD  1 
ATOM   1289 C  CE  . LYS A 1 162 ? -8.036  17.548  -0.092  1.00 100.00 ? 162 LYS A CE  1 
ATOM   1290 N  NZ  . LYS A 1 162 ? -8.200  16.225  0.545   1.00 89.14  ? 162 LYS A NZ  1 
HETATM 1291 CL CL  . CL  B 2 .   ? -9.727  3.864   6.020   0.50 10.30  ? 173 CL  A CL  1 
HETATM 1292 CL CL  . CL  C 2 .   ? 16.451  -0.680  5.027   1.00 45.10  ? 178 CL  A CL  1 
HETATM 1293 C  C1  . BME D 3 .   ? 12.177  -0.025  -10.021 1.00 35.80  ? 168 BME A C1  1 
HETATM 1294 C  C2  . BME D 3 .   ? 10.643  -0.061  -9.730  1.00 65.92  ? 168 BME A C2  1 
HETATM 1295 O  O1  . BME D 3 .   ? 12.669  1.266   -9.677  1.00 48.17  ? 168 BME A O1  1 
HETATM 1296 S  S2  . BME D 3 .   ? 9.627   -0.833  -11.031 1.00 67.75  ? 168 BME A S2  1 
HETATM 1297 C  C1  . BME E 3 .   ? 4.425   -1.679  3.877   1.00 70.00  ? 169 BME A C1  1 
HETATM 1298 C  C2  . BME E 3 .   ? 3.010   -1.071  4.028   1.00 79.45  ? 169 BME A C2  1 
HETATM 1299 O  O1  . BME E 3 .   ? 4.971   -1.363  2.602   1.00 82.49  ? 169 BME A O1  1 
HETATM 1300 S  S2  . BME E 3 .   ? 2.236   -1.282  5.659   1.00 81.30  ? 169 BME A S2  1 
HETATM 1301 C  C1  . BME F 3 .   ? 5.414   5.653   -11.148 1.00 42.10  ? 170 BME A C1  1 
HETATM 1302 C  C2  . BME F 3 .   ? 6.408   4.898   -10.266 1.00 65.45  ? 170 BME A C2  1 
HETATM 1303 O  O1  . BME F 3 .   ? 4.133   5.074   -10.987 1.00 54.75  ? 170 BME A O1  1 
HETATM 1304 S  S2  . BME F 3 .   ? 7.601   4.199   -11.389 1.00 67.38  ? 170 BME A S2  1 
HETATM 1305 C  C1  . FLM G 4 .   ? -3.232  -4.791  -8.580  1.00 14.90  ? 408 FLM A C1  1 
HETATM 1306 C  C2  . FLM G 4 .   ? -4.432  -4.454  -9.186  1.00 16.44  ? 408 FLM A C2  1 
HETATM 1307 C  C3  . FLM G 4 .   ? -2.113  -5.099  -9.365  1.00 25.04  ? 408 FLM A C3  1 
HETATM 1308 C  C4  . FLM G 4 .   ? -3.228  -4.775  -7.062  1.00 22.31  ? 408 FLM A C4  1 
HETATM 1309 C  C5  . FLM G 4 .   ? -4.551  -4.431  -10.575 1.00 10.15  ? 408 FLM A C5  1 
HETATM 1310 N  N6  . FLM G 4 .   ? -5.463  -4.146  -8.316  1.00 37.95  ? 408 FLM A N6  1 
HETATM 1311 C  C7  . FLM G 4 .   ? -2.198  -5.096  -10.757 1.00 10.45  ? 408 FLM A C7  1 
HETATM 1312 F  F8  . FLM G 4 .   ? -0.959  -5.428  -8.833  1.00 35.52  ? 408 FLM A F8  1 
HETATM 1313 C  C9  . FLM G 4 .   ? -3.419  -4.744  -11.328 1.00 25.68  ? 408 FLM A C9  1 
HETATM 1314 O  O   . HOH H 5 .   ? 7.372   3.432   3.996   1.00 3.45   ? 171 HOH A O   1 
HETATM 1315 O  O   . HOH H 5 .   ? -7.912  -3.660  4.616   1.00 42.80  ? 172 HOH A O   1 
HETATM 1316 O  O   . HOH H 5 .   ? -11.303 -0.689  11.198  1.00 18.86  ? 174 HOH A O   1 
HETATM 1317 O  O   . HOH H 5 .   ? -9.179  9.391   -7.381  1.00 20.05  ? 175 HOH A O   1 
HETATM 1318 O  O   . HOH H 5 .   ? 14.978  0.796   17.518  1.00 16.31  ? 176 HOH A O   1 
HETATM 1319 O  O   . HOH H 5 .   ? 18.658  2.269   -0.221  1.00 22.58  ? 177 HOH A O   1 
HETATM 1320 O  O   . HOH H 5 .   ? 8.521   5.144   5.945   1.00 12.21  ? 179 HOH A O   1 
HETATM 1321 O  O   . HOH H 5 .   ? -13.239 7.670   1.658   1.00 22.91  ? 180 HOH A O   1 
HETATM 1322 O  O   . HOH H 5 .   ? -0.706  2.757   -20.007 1.00 35.05  ? 181 HOH A O   1 
HETATM 1323 O  O   . HOH H 5 .   ? 11.970  -0.737  2.937   1.00 27.24  ? 182 HOH A O   1 
HETATM 1324 O  O   . HOH H 5 .   ? 18.939  1.228   3.258   1.00 22.52  ? 183 HOH A O   1 
HETATM 1325 O  O   . HOH H 5 .   ? 14.826  1.333   -4.589  1.00 29.21  ? 185 HOH A O   1 
HETATM 1326 O  O   . HOH H 5 .   ? 10.180  9.132   -0.131  1.00 23.54  ? 186 HOH A O   1 
HETATM 1327 O  O   . HOH H 5 .   ? 2.005   16.227  -8.342  1.00 31.59  ? 187 HOH A O   1 
HETATM 1328 O  O   . HOH H 5 .   ? -18.971 -3.524  7.650   1.00 26.68  ? 188 HOH A O   1 
HETATM 1329 O  O   . HOH H 5 .   ? 3.298   -6.459  15.355  1.00 14.94  ? 190 HOH A O   1 
HETATM 1330 O  O   . HOH H 5 .   ? 1.378   -6.124  17.647  1.00 50.62  ? 191 HOH A O   1 
HETATM 1331 O  O   . HOH H 5 .   ? -1.203  -6.437  -20.568 1.00 23.51  ? 193 HOH A O   1 
HETATM 1332 O  O   . HOH H 5 .   ? 3.195   7.999   -9.489  1.00 16.98  ? 195 HOH A O   1 
HETATM 1333 O  O   . HOH H 5 .   ? 16.920  7.884   16.957  1.00 26.61  ? 196 HOH A O   1 
HETATM 1334 O  O   . HOH H 5 .   ? 16.655  -8.638  13.864  1.00 19.05  ? 198 HOH A O   1 
HETATM 1335 O  O   . HOH H 5 .   ? 2.196   5.899   -13.162 1.00 24.26  ? 199 HOH A O   1 
HETATM 1336 O  O   . HOH H 5 .   ? 11.616  -3.312  8.255   1.00 37.47  ? 200 HOH A O   1 
HETATM 1337 O  O   . HOH H 5 .   ? 13.675  -0.946  -2.889  1.00 37.45  ? 201 HOH A O   1 
HETATM 1338 O  O   . HOH H 5 .   ? 1.675   -1.424  8.608   1.00 17.23  ? 203 HOH A O   1 
HETATM 1339 O  O   . HOH H 5 .   ? 0.129   0.814   7.690   1.00 35.49  ? 204 HOH A O   1 
HETATM 1340 O  O   . HOH H 5 .   ? -4.869  2.188   5.507   1.00 44.66  ? 207 HOH A O   1 
HETATM 1341 O  O   . HOH H 5 .   ? -4.874  0.362   -0.614  1.00 7.37   ? 208 HOH A O   1 
HETATM 1342 O  O   . HOH H 5 .   ? -6.352  8.123   -16.379 1.00 36.05  ? 210 HOH A O   1 
HETATM 1343 O  O   . HOH H 5 .   ? -11.547 10.078  1.575   1.00 19.59  ? 211 HOH A O   1 
HETATM 1344 O  O   . HOH H 5 .   ? -6.986  -2.240  -17.843 1.00 7.60   ? 213 HOH A O   1 
HETATM 1345 O  O   . HOH H 5 .   ? -17.255 3.901   -15.392 1.00 41.09  ? 217 HOH A O   1 
HETATM 1346 O  O   . HOH H 5 .   ? -19.386 -6.638  -10.104 1.00 29.16  ? 218 HOH A O   1 
HETATM 1347 O  O   . HOH H 5 .   ? -18.965 -8.690  -7.964  1.00 27.77  ? 219 HOH A O   1 
HETATM 1348 O  O   . HOH H 5 .   ? 7.593   -10.548 10.616  1.00 45.13  ? 222 HOH A O   1 
HETATM 1349 O  O   . HOH H 5 .   ? 3.918   14.946  -9.797  1.00 24.58  ? 223 HOH A O   1 
HETATM 1350 O  O   . HOH H 5 .   ? 6.622   -3.483  -17.719 1.00 27.87  ? 226 HOH A O   1 
HETATM 1351 O  O   . HOH H 5 .   ? -0.014  3.887   8.095   1.00 38.12  ? 229 HOH A O   1 
HETATM 1352 O  O   . HOH H 5 .   ? -7.926  14.594  -11.411 1.00 54.31  ? 231 HOH A O   1 
HETATM 1353 O  O   . HOH H 5 .   ? -17.774 0.944   -15.884 1.00 20.16  ? 235 HOH A O   1 
HETATM 1354 O  O   . HOH H 5 .   ? -14.406 5.963   -15.860 1.00 39.36  ? 238 HOH A O   1 
HETATM 1355 O  O   . HOH H 5 .   ? 17.734  2.725   5.400   1.00 27.63  ? 239 HOH A O   1 
HETATM 1356 O  O   . HOH H 5 .   ? 15.463  10.703  2.777   1.00 28.97  ? 240 HOH A O   1 
HETATM 1357 O  O   . HOH H 5 .   ? 9.494   -6.678  -3.872  1.00 71.60  ? 242 HOH A O   1 
HETATM 1358 O  O   . HOH H 5 .   ? -20.261 -3.635  -3.440  1.00 23.93  ? 251 HOH A O   1 
HETATM 1359 O  O   . HOH H 5 .   ? -4.541  -12.308 -14.123 1.00 51.29  ? 253 HOH A O   1 
HETATM 1360 O  O   . HOH H 5 .   ? -0.506  0.049   4.907   1.00 29.61  ? 256 HOH A O   1 
HETATM 1361 O  O   . HOH H 5 .   ? 20.202  7.161   9.279   1.00 35.17  ? 259 HOH A O   1 
HETATM 1362 O  O   . HOH H 5 .   ? -3.019  3.134   13.307  1.00 20.05  ? 269 HOH A O   1 
HETATM 1363 O  O   . HOH H 5 .   ? -9.864  -8.311  1.114   1.00 13.20  ? 270 HOH A O   1 
HETATM 1364 O  O   . HOH H 5 .   ? -7.208  11.838  -15.570 1.00 31.59  ? 273 HOH A O   1 
HETATM 1365 O  O   . HOH H 5 .   ? 6.052   -2.613  0.226   1.00 30.10  ? 274 HOH A O   1 
HETATM 1366 O  O   . HOH H 5 .   ? 17.432  0.357   19.734  1.00 36.01  ? 278 HOH A O   1 
HETATM 1367 O  O   . HOH H 5 .   ? 10.574  -5.856  8.992   1.00 27.24  ? 281 HOH A O   1 
HETATM 1368 O  O   . HOH H 5 .   ? 13.899  -2.709  4.983   1.00 26.99  ? 282 HOH A O   1 
HETATM 1369 O  O   . HOH H 5 .   ? -4.788  -1.834  -22.120 1.00 26.58  ? 291 HOH A O   1 
HETATM 1370 O  O   . HOH H 5 .   ? -18.384 -1.888  -16.024 1.00 13.64  ? 293 HOH A O   1 
HETATM 1371 O  O   . HOH H 5 .   ? -2.191  15.662  -10.822 1.00 34.20  ? 296 HOH A O   1 
HETATM 1372 O  O   . HOH H 5 .   ? -6.467  -11.655 -15.096 1.00 38.53  ? 301 HOH A O   1 
HETATM 1373 O  O   . HOH H 5 .   ? -16.042 0.706   -18.061 1.00 33.19  ? 311 HOH A O   1 
HETATM 1374 O  O   . HOH H 5 .   ? 15.500  8.913   0.442   1.00 34.13  ? 320 HOH A O   1 
# 
loop_
_pdbx_poly_seq_scheme.asym_id 
_pdbx_poly_seq_scheme.entity_id 
_pdbx_poly_seq_scheme.seq_id 
_pdbx_poly_seq_scheme.mon_id 
_pdbx_poly_seq_scheme.ndb_seq_num 
_pdbx_poly_seq_scheme.pdb_seq_num 
_pdbx_poly_seq_scheme.auth_seq_num 
_pdbx_poly_seq_scheme.pdb_mon_id 
_pdbx_poly_seq_scheme.auth_mon_id 
_pdbx_poly_seq_scheme.pdb_strand_id 
_pdbx_poly_seq_scheme.pdb_ins_code 
_pdbx_poly_seq_scheme.hetero 
A 1 1   MET 1   1   1   MET MET A . n 
A 1 2   ASN 2   2   2   ASN ASN A . n 
A 1 3   ILE 3   3   3   ILE ILE A . n 
A 1 4   PHE 4   4   4   PHE PHE A . n 
A 1 5   GLU 5   5   5   GLU GLU A . n 
A 1 6   MET 6   6   6   MET MET A . n 
A 1 7   LEU 7   7   7   LEU LEU A . n 
A 1 8   ARG 8   8   8   ARG ARG A . n 
A 1 9   ILE 9   9   9   ILE ILE A . n 
A 1 10  ASP 10  10  10  ASP ASP A . n 
A 1 11  GLU 11  11  11  GLU GLU A . n 
A 1 12  GLY 12  12  12  GLY GLY A . n 
A 1 13  LEU 13  13  13  LEU LEU A . n 
A 1 14  ARG 14  14  14  ARG ARG A . n 
A 1 15  LEU 15  15  15  LEU LEU A . n 
A 1 16  LYS 16  16  16  LYS LYS A . n 
A 1 17  ILE 17  17  17  ILE ILE A . n 
A 1 18  TYR 18  18  18  TYR TYR A . n 
A 1 19  LYS 19  19  19  LYS LYS A . n 
A 1 20  ASP 20  20  20  ASP ASP A . n 
A 1 21  THR 21  21  21  THR THR A . n 
A 1 22  GLU 22  22  22  GLU GLU A . n 
A 1 23  GLY 23  23  23  GLY GLY A . n 
A 1 24  TYR 24  24  24  TYR TYR A . n 
A 1 25  TYR 25  25  25  TYR TYR A . n 
A 1 26  THR 26  26  26  THR THR A . n 
A 1 27  ILE 27  27  27  ILE ILE A . n 
A 1 28  GLY 28  28  28  GLY GLY A . n 
A 1 29  ILE 29  29  29  ILE ILE A . n 
A 1 30  GLY 30  30  30  GLY GLY A . n 
A 1 31  HIS 31  31  31  HIS HIS A . n 
A 1 32  LEU 32  32  32  LEU LEU A . n 
A 1 33  LEU 33  33  33  LEU LEU A . n 
A 1 34  THR 34  34  34  THR THR A . n 
A 1 35  LYS 35  35  35  LYS LYS A . n 
A 1 36  SER 36  36  36  SER SER A . n 
A 1 37  PRO 37  37  37  PRO PRO A . n 
A 1 38  SER 38  38  38  SER SER A . n 
A 1 39  LEU 39  39  39  LEU LEU A . n 
A 1 40  ASN 40  40  40  ASN ASN A . n 
A 1 41  ALA 41  41  41  ALA ALA A . n 
A 1 42  ALA 42  42  42  ALA ALA A . n 
A 1 43  LYS 43  43  43  LYS LYS A . n 
A 1 44  SER 44  44  44  SER SER A . n 
A 1 45  GLU 45  45  45  GLU GLU A . n 
A 1 46  LEU 46  46  46  LEU LEU A . n 
A 1 47  ASP 47  47  47  ASP ASP A . n 
A 1 48  LYS 48  48  48  LYS LYS A . n 
A 1 49  ALA 49  49  49  ALA ALA A . n 
A 1 50  ILE 50  50  50  ILE ILE A . n 
A 1 51  GLY 51  51  51  GLY GLY A . n 
A 1 52  ARG 52  52  52  ARG ARG A . n 
A 1 53  ASN 53  53  53  ASN ASN A . n 
A 1 54  CYS 54  54  54  CYS CYS A . n 
A 1 55  ASN 55  55  55  ASN ASN A . n 
A 1 56  GLY 56  56  56  GLY GLY A . n 
A 1 57  VAL 57  57  57  VAL VAL A . n 
A 1 58  ILE 58  58  58  ILE ILE A . n 
A 1 59  THR 59  59  59  THR THR A . n 
A 1 60  LYS 60  60  60  LYS LYS A . n 
A 1 61  ASP 61  61  61  ASP ASP A . n 
A 1 62  GLU 62  62  62  GLU GLU A . n 
A 1 63  ALA 63  63  63  ALA ALA A . n 
A 1 64  GLU 64  64  64  GLU GLU A . n 
A 1 65  LYS 65  65  65  LYS LYS A . n 
A 1 66  LEU 66  66  66  LEU LEU A . n 
A 1 67  PHE 67  67  67  PHE PHE A . n 
A 1 68  ASN 68  68  68  ASN ASN A . n 
A 1 69  GLN 69  69  69  GLN GLN A . n 
A 1 70  ASP 70  70  70  ASP ASP A . n 
A 1 71  VAL 71  71  71  VAL VAL A . n 
A 1 72  ASP 72  72  72  ASP ASP A . n 
A 1 73  ALA 73  73  73  ALA ALA A . n 
A 1 74  ALA 74  74  74  ALA ALA A . n 
A 1 75  VAL 75  75  75  VAL VAL A . n 
A 1 76  ARG 76  76  76  ARG ARG A . n 
A 1 77  GLY 77  77  77  GLY GLY A . n 
A 1 78  ILE 78  78  78  ILE ILE A . n 
A 1 79  LEU 79  79  79  LEU LEU A . n 
A 1 80  ARG 80  80  80  ARG ARG A . n 
A 1 81  ASN 81  81  81  ASN ASN A . n 
A 1 82  ALA 82  82  82  ALA ALA A . n 
A 1 83  LYS 83  83  83  LYS LYS A . n 
A 1 84  LEU 84  84  84  LEU LEU A . n 
A 1 85  LYS 85  85  85  LYS LYS A . n 
A 1 86  PRO 86  86  86  PRO PRO A . n 
A 1 87  VAL 87  87  87  VAL VAL A . n 
A 1 88  TYR 88  88  88  TYR TYR A . n 
A 1 89  ASP 89  89  89  ASP ASP A . n 
A 1 90  SER 90  90  90  SER SER A . n 
A 1 91  LEU 91  91  91  LEU LEU A . n 
A 1 92  ASP 92  92  92  ASP ASP A . n 
A 1 93  ALA 93  93  93  ALA ALA A . n 
A 1 94  VAL 94  94  94  VAL VAL A . n 
A 1 95  ARG 95  95  95  ARG ARG A . n 
A 1 96  ARG 96  96  96  ARG ARG A . n 
A 1 97  CYS 97  97  97  CYS CYS A . n 
A 1 98  ALA 98  98  98  ALA ALA A . n 
A 1 99  ALA 99  99  99  ALA ALA A . n 
A 1 100 ILE 100 100 100 ILE ILE A . n 
A 1 101 ASN 101 101 101 ASN ASN A . n 
A 1 102 GLN 102 102 102 GLN GLN A . n 
A 1 103 VAL 103 103 103 VAL VAL A . n 
A 1 104 PHE 104 104 104 PHE PHE A . n 
A 1 105 GLN 105 105 105 GLN GLN A . n 
A 1 106 MET 106 106 106 MET MET A . n 
A 1 107 GLY 107 107 107 GLY GLY A . n 
A 1 108 GLU 108 108 108 GLU GLU A . n 
A 1 109 THR 109 109 109 THR THR A . n 
A 1 110 GLY 110 110 110 GLY GLY A . n 
A 1 111 VAL 111 111 111 VAL VAL A . n 
A 1 112 ALA 112 112 112 ALA ALA A . n 
A 1 113 GLY 113 113 113 GLY GLY A . n 
A 1 114 PHE 114 114 114 PHE PHE A . n 
A 1 115 THR 115 115 115 THR THR A . n 
A 1 116 ASN 116 116 116 ASN ASN A . n 
A 1 117 SER 117 117 117 SER SER A . n 
A 1 118 LEU 118 118 118 LEU LEU A . n 
A 1 119 ARG 119 119 119 ARG ARG A . n 
A 1 120 MET 120 120 120 MET MET A . n 
A 1 121 LEU 121 121 121 LEU LEU A . n 
A 1 122 GLN 122 122 122 GLN GLN A . n 
A 1 123 GLN 123 123 123 GLN GLN A . n 
A 1 124 LYS 124 124 124 LYS LYS A . n 
A 1 125 ARG 125 125 125 ARG ARG A . n 
A 1 126 TRP 126 126 126 TRP TRP A . n 
A 1 127 ASP 127 127 127 ASP ASP A . n 
A 1 128 GLU 128 128 128 GLU GLU A . n 
A 1 129 ALA 129 129 129 ALA ALA A . n 
A 1 130 ALA 130 130 130 ALA ALA A . n 
A 1 131 VAL 131 131 131 VAL VAL A . n 
A 1 132 ASN 132 132 132 ASN ASN A . n 
A 1 133 LEU 133 133 133 LEU LEU A . n 
A 1 134 ALA 134 134 134 ALA ALA A . n 
A 1 135 LYS 135 135 135 LYS LYS A . n 
A 1 136 SER 136 136 136 SER SER A . n 
A 1 137 ARG 137 137 137 ARG ARG A . n 
A 1 138 TRP 138 138 138 TRP TRP A . n 
A 1 139 TYR 139 139 139 TYR TYR A . n 
A 1 140 ASN 140 140 140 ASN ASN A . n 
A 1 141 GLN 141 141 141 GLN GLN A . n 
A 1 142 THR 142 142 142 THR THR A . n 
A 1 143 PRO 143 143 143 PRO PRO A . n 
A 1 144 ASN 144 144 144 ASN ASN A . n 
A 1 145 ARG 145 145 145 ARG ARG A . n 
A 1 146 ALA 146 146 146 ALA ALA A . n 
A 1 147 LYS 147 147 147 LYS LYS A . n 
A 1 148 ARG 148 148 148 ARG ARG A . n 
A 1 149 VAL 149 149 149 VAL VAL A . n 
A 1 150 ILE 150 150 150 ILE ILE A . n 
A 1 151 THR 151 151 151 THR THR A . n 
A 1 152 THR 152 152 152 THR THR A . n 
A 1 153 PHE 153 153 153 PHE PHE A . n 
A 1 154 ARG 154 154 154 ARG ARG A . n 
A 1 155 THR 155 155 155 THR THR A . n 
A 1 156 GLY 156 156 156 GLY GLY A . n 
A 1 157 THR 157 157 157 THR THR A . n 
A 1 158 TRP 158 158 158 TRP TRP A . n 
A 1 159 ASP 159 159 159 ASP ASP A . n 
A 1 160 ALA 160 160 160 ALA ALA A . n 
A 1 161 TYR 161 161 161 TYR TYR A . n 
A 1 162 LYS 162 162 162 LYS LYS A . n 
A 1 163 ASN 163 163 ?   ?   ?   A . n 
A 1 164 LEU 164 164 ?   ?   ?   A . n 
# 
loop_
_pdbx_nonpoly_scheme.asym_id 
_pdbx_nonpoly_scheme.entity_id 
_pdbx_nonpoly_scheme.mon_id 
_pdbx_nonpoly_scheme.ndb_seq_num 
_pdbx_nonpoly_scheme.pdb_seq_num 
_pdbx_nonpoly_scheme.auth_seq_num 
_pdbx_nonpoly_scheme.pdb_mon_id 
_pdbx_nonpoly_scheme.auth_mon_id 
_pdbx_nonpoly_scheme.pdb_strand_id 
_pdbx_nonpoly_scheme.pdb_ins_code 
B 2 CL  1  173 173 CL  SOL A . 
C 2 CL  1  178 178 CL  SOL A . 
D 3 BME 1  168 168 BME BME A . 
E 3 BME 1  169 169 BME BME A . 
F 3 BME 1  170 170 BME BME A . 
G 4 FLM 1  408 408 FLM FLM A . 
H 5 HOH 1  171 171 HOH SOL A . 
H 5 HOH 2  172 172 HOH SOL A . 
H 5 HOH 3  174 174 HOH SOL A . 
H 5 HOH 4  175 175 HOH SOL A . 
H 5 HOH 5  176 176 HOH SOL A . 
H 5 HOH 6  177 177 HOH SOL A . 
H 5 HOH 7  179 179 HOH SOL A . 
H 5 HOH 8  180 180 HOH SOL A . 
H 5 HOH 9  181 181 HOH SOL A . 
H 5 HOH 10 182 182 HOH SOL A . 
H 5 HOH 11 183 183 HOH SOL A . 
H 5 HOH 12 185 185 HOH SOL A . 
H 5 HOH 13 186 186 HOH SOL A . 
H 5 HOH 14 187 187 HOH SOL A . 
H 5 HOH 15 188 188 HOH SOL A . 
H 5 HOH 16 190 190 HOH SOL A . 
H 5 HOH 17 191 191 HOH SOL A . 
H 5 HOH 18 193 193 HOH SOL A . 
H 5 HOH 19 195 195 HOH SOL A . 
H 5 HOH 20 196 196 HOH SOL A . 
H 5 HOH 21 198 198 HOH SOL A . 
H 5 HOH 22 199 199 HOH SOL A . 
H 5 HOH 23 200 200 HOH SOL A . 
H 5 HOH 24 201 201 HOH SOL A . 
H 5 HOH 25 203 203 HOH SOL A . 
H 5 HOH 26 204 204 HOH SOL A . 
H 5 HOH 27 207 207 HOH SOL A . 
H 5 HOH 28 208 208 HOH SOL A . 
H 5 HOH 29 210 210 HOH SOL A . 
H 5 HOH 30 211 211 HOH SOL A . 
H 5 HOH 31 213 213 HOH SOL A . 
H 5 HOH 32 217 217 HOH SOL A . 
H 5 HOH 33 218 218 HOH SOL A . 
H 5 HOH 34 219 219 HOH SOL A . 
H 5 HOH 35 222 222 HOH SOL A . 
H 5 HOH 36 223 223 HOH SOL A . 
H 5 HOH 37 226 226 HOH SOL A . 
H 5 HOH 38 229 229 HOH SOL A . 
H 5 HOH 39 231 231 HOH SOL A . 
H 5 HOH 40 235 235 HOH SOL A . 
H 5 HOH 41 238 238 HOH SOL A . 
H 5 HOH 42 239 239 HOH SOL A . 
H 5 HOH 43 240 240 HOH SOL A . 
H 5 HOH 44 242 242 HOH SOL A . 
H 5 HOH 45 251 251 HOH SOL A . 
H 5 HOH 46 253 253 HOH SOL A . 
H 5 HOH 47 256 256 HOH SOL A . 
H 5 HOH 48 259 259 HOH SOL A . 
H 5 HOH 49 269 269 HOH SOL A . 
H 5 HOH 50 270 270 HOH SOL A . 
H 5 HOH 51 273 273 HOH SOL A . 
H 5 HOH 52 274 274 HOH SOL A . 
H 5 HOH 53 278 278 HOH SOL A . 
H 5 HOH 54 281 281 HOH SOL A . 
H 5 HOH 55 282 282 HOH SOL A . 
H 5 HOH 56 291 291 HOH SOL A . 
H 5 HOH 57 293 293 HOH SOL A . 
H 5 HOH 58 296 296 HOH SOL A . 
H 5 HOH 59 301 301 HOH SOL A . 
H 5 HOH 60 311 311 HOH SOL A . 
H 5 HOH 61 320 320 HOH SOL A . 
# 
_pdbx_struct_assembly.id                   1 
_pdbx_struct_assembly.details              author_defined_assembly 
_pdbx_struct_assembly.method_details       ? 
_pdbx_struct_assembly.oligomeric_details   monomeric 
_pdbx_struct_assembly.oligomeric_count     1 
# 
_pdbx_struct_assembly_gen.assembly_id       1 
_pdbx_struct_assembly_gen.oper_expression   1 
_pdbx_struct_assembly_gen.asym_id_list      A,B,C,D,E,F,G,H 
# 
_pdbx_struct_oper_list.id                   1 
_pdbx_struct_oper_list.type                 'identity operation' 
_pdbx_struct_oper_list.name                 1_555 
_pdbx_struct_oper_list.symmetry_operation   x,y,z 
_pdbx_struct_oper_list.matrix[1][1]         1.0000000000 
_pdbx_struct_oper_list.matrix[1][2]         0.0000000000 
_pdbx_struct_oper_list.matrix[1][3]         0.0000000000 
_pdbx_struct_oper_list.vector[1]            0.0000000000 
_pdbx_struct_oper_list.matrix[2][1]         0.0000000000 
_pdbx_struct_oper_list.matrix[2][2]         1.0000000000 
_pdbx_struct_oper_list.matrix[2][3]         0.0000000000 
_pdbx_struct_oper_list.vector[2]            0.0000000000 
_pdbx_struct_oper_list.matrix[3][1]         0.0000000000 
_pdbx_struct_oper_list.matrix[3][2]         0.0000000000 
_pdbx_struct_oper_list.matrix[3][3]         1.0000000000 
_pdbx_struct_oper_list.vector[3]            0.0000000000 
# 
loop_
_pdbx_audit_revision_history.ordinal 
_pdbx_audit_revision_history.data_content_type 
_pdbx_audit_revision_history.major_revision 
_pdbx_audit_revision_history.minor_revision 
_pdbx_audit_revision_history.revision_date 
1 'Structure model' 1 0 2004-04-06 
2 'Structure model' 1 1 2008-04-29 
3 'Structure model' 1 2 2011-07-13 
4 'Structure model' 1 3 2021-10-27 
5 'Structure model' 1 4 2023-08-16 
# 
_pdbx_audit_revision_details.ordinal             1 
_pdbx_audit_revision_details.revision_ordinal    1 
_pdbx_audit_revision_details.data_content_type   'Structure model' 
_pdbx_audit_revision_details.provider            repository 
_pdbx_audit_revision_details.type                'Initial release' 
_pdbx_audit_revision_details.description         ? 
_pdbx_audit_revision_details.details             ? 
# 
loop_
_pdbx_audit_revision_group.ordinal 
_pdbx_audit_revision_group.revision_ordinal 
_pdbx_audit_revision_group.data_content_type 
_pdbx_audit_revision_group.group 
1 2 'Structure model' 'Version format compliance' 
2 3 'Structure model' 'Version format compliance' 
3 4 'Structure model' 'Database references'       
4 4 'Structure model' 'Derived calculations'      
5 5 'Structure model' 'Data collection'           
6 5 'Structure model' 'Refinement description'    
# 
loop_
_pdbx_audit_revision_category.ordinal 
_pdbx_audit_revision_category.revision_ordinal 
_pdbx_audit_revision_category.data_content_type 
_pdbx_audit_revision_category.category 
1 4 'Structure model' database_2                    
2 4 'Structure model' struct_ref_seq_dif            
3 4 'Structure model' struct_site                   
4 5 'Structure model' chem_comp_atom                
5 5 'Structure model' chem_comp_bond                
6 5 'Structure model' pdbx_initial_refinement_model 
# 
loop_
_pdbx_audit_revision_item.ordinal 
_pdbx_audit_revision_item.revision_ordinal 
_pdbx_audit_revision_item.data_content_type 
_pdbx_audit_revision_item.item 
1 4 'Structure model' '_database_2.pdbx_DOI'                
2 4 'Structure model' '_database_2.pdbx_database_accession' 
3 4 'Structure model' '_struct_ref_seq_dif.details'         
4 4 'Structure model' '_struct_site.pdbx_auth_asym_id'      
5 4 'Structure model' '_struct_site.pdbx_auth_comp_id'      
6 4 'Structure model' '_struct_site.pdbx_auth_seq_id'       
# 
loop_
_software.name 
_software.classification 
_software.version 
_software.citation_id 
_software.pdbx_ordinal 
San  'data collection' 'Diego Multiwire' ? 1 
San  'data reduction'  'Diego Multiwire' ? 2 
TNT  refinement        .                 ? 3 
SDMS 'data reduction'  .                 ? 4 
SDMS 'data scaling'    .                 ? 5 
TNT  phasing           .                 ? 6 
# 
loop_
_pdbx_validate_rmsd_bond.id 
_pdbx_validate_rmsd_bond.PDB_model_num 
_pdbx_validate_rmsd_bond.auth_atom_id_1 
_pdbx_validate_rmsd_bond.auth_asym_id_1 
_pdbx_validate_rmsd_bond.auth_comp_id_1 
_pdbx_validate_rmsd_bond.auth_seq_id_1 
_pdbx_validate_rmsd_bond.PDB_ins_code_1 
_pdbx_validate_rmsd_bond.label_alt_id_1 
_pdbx_validate_rmsd_bond.auth_atom_id_2 
_pdbx_validate_rmsd_bond.auth_asym_id_2 
_pdbx_validate_rmsd_bond.auth_comp_id_2 
_pdbx_validate_rmsd_bond.auth_seq_id_2 
_pdbx_validate_rmsd_bond.PDB_ins_code_2 
_pdbx_validate_rmsd_bond.label_alt_id_2 
_pdbx_validate_rmsd_bond.bond_value 
_pdbx_validate_rmsd_bond.bond_target_value 
_pdbx_validate_rmsd_bond.bond_deviation 
_pdbx_validate_rmsd_bond.bond_standard_deviation 
_pdbx_validate_rmsd_bond.linker_flag 
1 1 CD A GLU 45  ? ? OE2 A GLU 45  ? ? 1.323 1.252 0.071 0.011 N 
2 1 CD A GLU 108 ? ? OE2 A GLU 108 ? ? 1.322 1.252 0.070 0.011 N 
3 1 CD A GLU 128 ? ? OE2 A GLU 128 ? ? 1.320 1.252 0.068 0.011 N 
# 
loop_
_pdbx_validate_rmsd_angle.id 
_pdbx_validate_rmsd_angle.PDB_model_num 
_pdbx_validate_rmsd_angle.auth_atom_id_1 
_pdbx_validate_rmsd_angle.auth_asym_id_1 
_pdbx_validate_rmsd_angle.auth_comp_id_1 
_pdbx_validate_rmsd_angle.auth_seq_id_1 
_pdbx_validate_rmsd_angle.PDB_ins_code_1 
_pdbx_validate_rmsd_angle.label_alt_id_1 
_pdbx_validate_rmsd_angle.auth_atom_id_2 
_pdbx_validate_rmsd_angle.auth_asym_id_2 
_pdbx_validate_rmsd_angle.auth_comp_id_2 
_pdbx_validate_rmsd_angle.auth_seq_id_2 
_pdbx_validate_rmsd_angle.PDB_ins_code_2 
_pdbx_validate_rmsd_angle.label_alt_id_2 
_pdbx_validate_rmsd_angle.auth_atom_id_3 
_pdbx_validate_rmsd_angle.auth_asym_id_3 
_pdbx_validate_rmsd_angle.auth_comp_id_3 
_pdbx_validate_rmsd_angle.auth_seq_id_3 
_pdbx_validate_rmsd_angle.PDB_ins_code_3 
_pdbx_validate_rmsd_angle.label_alt_id_3 
_pdbx_validate_rmsd_angle.angle_value 
_pdbx_validate_rmsd_angle.angle_target_value 
_pdbx_validate_rmsd_angle.angle_deviation 
_pdbx_validate_rmsd_angle.angle_standard_deviation 
_pdbx_validate_rmsd_angle.linker_flag 
1  1 CG A MET 1   ? ? SD A MET 1   ? ? CE  A MET 1   ? ? 90.45  100.20 -9.75  1.60 N 
2  1 CB A ASP 10  ? ? CG A ASP 10  ? ? OD2 A ASP 10  ? ? 112.62 118.30 -5.68  0.90 N 
3  1 CB A ASP 20  ? ? CG A ASP 20  ? ? OD1 A ASP 20  ? ? 126.23 118.30 7.93   0.90 N 
4  1 CB A ASP 47  ? ? CG A ASP 47  ? ? OD1 A ASP 47  ? ? 128.02 118.30 9.72   0.90 N 
5  1 CB A ASP 47  ? ? CG A ASP 47  ? ? OD2 A ASP 47  ? ? 109.72 118.30 -8.58  0.90 N 
6  1 CB A ASP 70  ? ? CG A ASP 70  ? ? OD1 A ASP 70  ? ? 124.88 118.30 6.58   0.90 N 
7  1 CB A ASP 72  ? ? CG A ASP 72  ? ? OD2 A ASP 72  ? ? 112.48 118.30 -5.82  0.90 N 
8  1 NE A ARG 76  ? ? CZ A ARG 76  ? ? NH2 A ARG 76  ? ? 116.56 120.30 -3.74  0.50 N 
9  1 NE A ARG 80  ? ? CZ A ARG 80  ? ? NH1 A ARG 80  ? ? 124.55 120.30 4.25   0.50 N 
10 1 CB A ALA 112 ? ? CA A ALA 112 ? ? C   A ALA 112 ? ? 121.12 110.10 11.02  1.50 N 
11 1 NE A ARG 119 ? ? CZ A ARG 119 ? ? NH1 A ARG 119 ? ? 123.46 120.30 3.16   0.50 N 
12 1 NE A ARG 125 ? ? CZ A ARG 125 ? ? NH1 A ARG 125 ? ? 124.28 120.30 3.98   0.50 N 
13 1 CB A ASP 127 ? ? CG A ASP 127 ? ? OD1 A ASP 127 ? ? 126.91 118.30 8.61   0.90 N 
14 1 CB A ASP 127 ? ? CG A ASP 127 ? ? OD2 A ASP 127 ? ? 109.86 118.30 -8.44  0.90 N 
15 1 CD A ARG 145 ? ? NE A ARG 145 ? ? CZ  A ARG 145 ? ? 112.85 123.60 -10.75 1.40 N 
16 1 NE A ARG 148 ? ? CZ A ARG 148 ? ? NH1 A ARG 148 ? ? 124.46 120.30 4.16   0.50 N 
17 1 NE A ARG 154 ? ? CZ A ARG 154 ? ? NH1 A ARG 154 ? ? 123.32 120.30 3.02   0.50 N 
18 1 CB A ASP 159 ? ? CG A ASP 159 ? ? OD1 A ASP 159 ? ? 124.35 118.30 6.05   0.90 N 
# 
loop_
_pdbx_validate_torsion.id 
_pdbx_validate_torsion.PDB_model_num 
_pdbx_validate_torsion.auth_comp_id 
_pdbx_validate_torsion.auth_asym_id 
_pdbx_validate_torsion.auth_seq_id 
_pdbx_validate_torsion.PDB_ins_code 
_pdbx_validate_torsion.label_alt_id 
_pdbx_validate_torsion.phi 
_pdbx_validate_torsion.psi 
1 1 ILE A 29  ? ? -108.04 73.28  
2 1 ARG A 52  ? ? 176.39  153.03 
3 1 THR A 109 ? ? -70.08  -80.63 
4 1 ALA A 112 ? ? -47.95  -11.20 
5 1 PHE A 114 ? ? -99.55  34.17  
# 
loop_
_pdbx_unobs_or_zero_occ_residues.id 
_pdbx_unobs_or_zero_occ_residues.PDB_model_num 
_pdbx_unobs_or_zero_occ_residues.polymer_flag 
_pdbx_unobs_or_zero_occ_residues.occupancy_flag 
_pdbx_unobs_or_zero_occ_residues.auth_asym_id 
_pdbx_unobs_or_zero_occ_residues.auth_comp_id 
_pdbx_unobs_or_zero_occ_residues.auth_seq_id 
_pdbx_unobs_or_zero_occ_residues.PDB_ins_code 
_pdbx_unobs_or_zero_occ_residues.label_asym_id 
_pdbx_unobs_or_zero_occ_residues.label_comp_id 
_pdbx_unobs_or_zero_occ_residues.label_seq_id 
1 1 Y 1 A ASN 163 ? A ASN 163 
2 1 Y 1 A LEU 164 ? A LEU 164 
# 
loop_
_chem_comp_atom.comp_id 
_chem_comp_atom.atom_id 
_chem_comp_atom.type_symbol 
_chem_comp_atom.pdbx_aromatic_flag 
_chem_comp_atom.pdbx_stereo_config 
_chem_comp_atom.pdbx_ordinal 
ALA N    N  N N 1   
ALA CA   C  N S 2   
ALA C    C  N N 3   
ALA O    O  N N 4   
ALA CB   C  N N 5   
ALA OXT  O  N N 6   
ALA H    H  N N 7   
ALA H2   H  N N 8   
ALA HA   H  N N 9   
ALA HB1  H  N N 10  
ALA HB2  H  N N 11  
ALA HB3  H  N N 12  
ALA HXT  H  N N 13  
ARG N    N  N N 14  
ARG CA   C  N S 15  
ARG C    C  N N 16  
ARG O    O  N N 17  
ARG CB   C  N N 18  
ARG CG   C  N N 19  
ARG CD   C  N N 20  
ARG NE   N  N N 21  
ARG CZ   C  N N 22  
ARG NH1  N  N N 23  
ARG NH2  N  N N 24  
ARG OXT  O  N N 25  
ARG H    H  N N 26  
ARG H2   H  N N 27  
ARG HA   H  N N 28  
ARG HB2  H  N N 29  
ARG HB3  H  N N 30  
ARG HG2  H  N N 31  
ARG HG3  H  N N 32  
ARG HD2  H  N N 33  
ARG HD3  H  N N 34  
ARG HE   H  N N 35  
ARG HH11 H  N N 36  
ARG HH12 H  N N 37  
ARG HH21 H  N N 38  
ARG HH22 H  N N 39  
ARG HXT  H  N N 40  
ASN N    N  N N 41  
ASN CA   C  N S 42  
ASN C    C  N N 43  
ASN O    O  N N 44  
ASN CB   C  N N 45  
ASN CG   C  N N 46  
ASN OD1  O  N N 47  
ASN ND2  N  N N 48  
ASN OXT  O  N N 49  
ASN H    H  N N 50  
ASN H2   H  N N 51  
ASN HA   H  N N 52  
ASN HB2  H  N N 53  
ASN HB3  H  N N 54  
ASN HD21 H  N N 55  
ASN HD22 H  N N 56  
ASN HXT  H  N N 57  
ASP N    N  N N 58  
ASP CA   C  N S 59  
ASP C    C  N N 60  
ASP O    O  N N 61  
ASP CB   C  N N 62  
ASP CG   C  N N 63  
ASP OD1  O  N N 64  
ASP OD2  O  N N 65  
ASP OXT  O  N N 66  
ASP H    H  N N 67  
ASP H2   H  N N 68  
ASP HA   H  N N 69  
ASP HB2  H  N N 70  
ASP HB3  H  N N 71  
ASP HD2  H  N N 72  
ASP HXT  H  N N 73  
BME C1   C  N N 74  
BME C2   C  N N 75  
BME O1   O  N N 76  
BME S2   S  N N 77  
BME H11  H  N N 78  
BME H12  H  N N 79  
BME H21  H  N N 80  
BME H22  H  N N 81  
BME HO1  H  N N 82  
BME HS2  H  N N 83  
CL  CL   CL N N 84  
CYS N    N  N N 85  
CYS CA   C  N R 86  
CYS C    C  N N 87  
CYS O    O  N N 88  
CYS CB   C  N N 89  
CYS SG   S  N N 90  
CYS OXT  O  N N 91  
CYS H    H  N N 92  
CYS H2   H  N N 93  
CYS HA   H  N N 94  
CYS HB2  H  N N 95  
CYS HB3  H  N N 96  
CYS HG   H  N N 97  
CYS HXT  H  N N 98  
FLM C1   C  Y N 99  
FLM C2   C  Y N 100 
FLM C3   C  Y N 101 
FLM C4   C  N N 102 
FLM C5   C  Y N 103 
FLM N6   N  N N 104 
FLM C7   C  Y N 105 
FLM F8   F  N N 106 
FLM C9   C  Y N 107 
FLM HC41 H  N N 108 
FLM HC42 H  N N 109 
FLM HC43 H  N N 110 
FLM HC5  H  N N 111 
FLM HN61 H  N N 112 
FLM HN62 H  N N 113 
FLM HC7  H  N N 114 
FLM HC9  H  N N 115 
GLN N    N  N N 116 
GLN CA   C  N S 117 
GLN C    C  N N 118 
GLN O    O  N N 119 
GLN CB   C  N N 120 
GLN CG   C  N N 121 
GLN CD   C  N N 122 
GLN OE1  O  N N 123 
GLN NE2  N  N N 124 
GLN OXT  O  N N 125 
GLN H    H  N N 126 
GLN H2   H  N N 127 
GLN HA   H  N N 128 
GLN HB2  H  N N 129 
GLN HB3  H  N N 130 
GLN HG2  H  N N 131 
GLN HG3  H  N N 132 
GLN HE21 H  N N 133 
GLN HE22 H  N N 134 
GLN HXT  H  N N 135 
GLU N    N  N N 136 
GLU CA   C  N S 137 
GLU C    C  N N 138 
GLU O    O  N N 139 
GLU CB   C  N N 140 
GLU CG   C  N N 141 
GLU CD   C  N N 142 
GLU OE1  O  N N 143 
GLU OE2  O  N N 144 
GLU OXT  O  N N 145 
GLU H    H  N N 146 
GLU H2   H  N N 147 
GLU HA   H  N N 148 
GLU HB2  H  N N 149 
GLU HB3  H  N N 150 
GLU HG2  H  N N 151 
GLU HG3  H  N N 152 
GLU HE2  H  N N 153 
GLU HXT  H  N N 154 
GLY N    N  N N 155 
GLY CA   C  N N 156 
GLY C    C  N N 157 
GLY O    O  N N 158 
GLY OXT  O  N N 159 
GLY H    H  N N 160 
GLY H2   H  N N 161 
GLY HA2  H  N N 162 
GLY HA3  H  N N 163 
GLY HXT  H  N N 164 
HIS N    N  N N 165 
HIS CA   C  N S 166 
HIS C    C  N N 167 
HIS O    O  N N 168 
HIS CB   C  N N 169 
HIS CG   C  Y N 170 
HIS ND1  N  Y N 171 
HIS CD2  C  Y N 172 
HIS CE1  C  Y N 173 
HIS NE2  N  Y N 174 
HIS OXT  O  N N 175 
HIS H    H  N N 176 
HIS H2   H  N N 177 
HIS HA   H  N N 178 
HIS HB2  H  N N 179 
HIS HB3  H  N N 180 
HIS HD1  H  N N 181 
HIS HD2  H  N N 182 
HIS HE1  H  N N 183 
HIS HE2  H  N N 184 
HIS HXT  H  N N 185 
HOH O    O  N N 186 
HOH H1   H  N N 187 
HOH H2   H  N N 188 
ILE N    N  N N 189 
ILE CA   C  N S 190 
ILE C    C  N N 191 
ILE O    O  N N 192 
ILE CB   C  N S 193 
ILE CG1  C  N N 194 
ILE CG2  C  N N 195 
ILE CD1  C  N N 196 
ILE OXT  O  N N 197 
ILE H    H  N N 198 
ILE H2   H  N N 199 
ILE HA   H  N N 200 
ILE HB   H  N N 201 
ILE HG12 H  N N 202 
ILE HG13 H  N N 203 
ILE HG21 H  N N 204 
ILE HG22 H  N N 205 
ILE HG23 H  N N 206 
ILE HD11 H  N N 207 
ILE HD12 H  N N 208 
ILE HD13 H  N N 209 
ILE HXT  H  N N 210 
LEU N    N  N N 211 
LEU CA   C  N S 212 
LEU C    C  N N 213 
LEU O    O  N N 214 
LEU CB   C  N N 215 
LEU CG   C  N N 216 
LEU CD1  C  N N 217 
LEU CD2  C  N N 218 
LEU OXT  O  N N 219 
LEU H    H  N N 220 
LEU H2   H  N N 221 
LEU HA   H  N N 222 
LEU HB2  H  N N 223 
LEU HB3  H  N N 224 
LEU HG   H  N N 225 
LEU HD11 H  N N 226 
LEU HD12 H  N N 227 
LEU HD13 H  N N 228 
LEU HD21 H  N N 229 
LEU HD22 H  N N 230 
LEU HD23 H  N N 231 
LEU HXT  H  N N 232 
LYS N    N  N N 233 
LYS CA   C  N S 234 
LYS C    C  N N 235 
LYS O    O  N N 236 
LYS CB   C  N N 237 
LYS CG   C  N N 238 
LYS CD   C  N N 239 
LYS CE   C  N N 240 
LYS NZ   N  N N 241 
LYS OXT  O  N N 242 
LYS H    H  N N 243 
LYS H2   H  N N 244 
LYS HA   H  N N 245 
LYS HB2  H  N N 246 
LYS HB3  H  N N 247 
LYS HG2  H  N N 248 
LYS HG3  H  N N 249 
LYS HD2  H  N N 250 
LYS HD3  H  N N 251 
LYS HE2  H  N N 252 
LYS HE3  H  N N 253 
LYS HZ1  H  N N 254 
LYS HZ2  H  N N 255 
LYS HZ3  H  N N 256 
LYS HXT  H  N N 257 
MET N    N  N N 258 
MET CA   C  N S 259 
MET C    C  N N 260 
MET O    O  N N 261 
MET CB   C  N N 262 
MET CG   C  N N 263 
MET SD   S  N N 264 
MET CE   C  N N 265 
MET OXT  O  N N 266 
MET H    H  N N 267 
MET H2   H  N N 268 
MET HA   H  N N 269 
MET HB2  H  N N 270 
MET HB3  H  N N 271 
MET HG2  H  N N 272 
MET HG3  H  N N 273 
MET HE1  H  N N 274 
MET HE2  H  N N 275 
MET HE3  H  N N 276 
MET HXT  H  N N 277 
PHE N    N  N N 278 
PHE CA   C  N S 279 
PHE C    C  N N 280 
PHE O    O  N N 281 
PHE CB   C  N N 282 
PHE CG   C  Y N 283 
PHE CD1  C  Y N 284 
PHE CD2  C  Y N 285 
PHE CE1  C  Y N 286 
PHE CE2  C  Y N 287 
PHE CZ   C  Y N 288 
PHE OXT  O  N N 289 
PHE H    H  N N 290 
PHE H2   H  N N 291 
PHE HA   H  N N 292 
PHE HB2  H  N N 293 
PHE HB3  H  N N 294 
PHE HD1  H  N N 295 
PHE HD2  H  N N 296 
PHE HE1  H  N N 297 
PHE HE2  H  N N 298 
PHE HZ   H  N N 299 
PHE HXT  H  N N 300 
PRO N    N  N N 301 
PRO CA   C  N S 302 
PRO C    C  N N 303 
PRO O    O  N N 304 
PRO CB   C  N N 305 
PRO CG   C  N N 306 
PRO CD   C  N N 307 
PRO OXT  O  N N 308 
PRO H    H  N N 309 
PRO HA   H  N N 310 
PRO HB2  H  N N 311 
PRO HB3  H  N N 312 
PRO HG2  H  N N 313 
PRO HG3  H  N N 314 
PRO HD2  H  N N 315 
PRO HD3  H  N N 316 
PRO HXT  H  N N 317 
SER N    N  N N 318 
SER CA   C  N S 319 
SER C    C  N N 320 
SER O    O  N N 321 
SER CB   C  N N 322 
SER OG   O  N N 323 
SER OXT  O  N N 324 
SER H    H  N N 325 
SER H2   H  N N 326 
SER HA   H  N N 327 
SER HB2  H  N N 328 
SER HB3  H  N N 329 
SER HG   H  N N 330 
SER HXT  H  N N 331 
THR N    N  N N 332 
THR CA   C  N S 333 
THR C    C  N N 334 
THR O    O  N N 335 
THR CB   C  N R 336 
THR OG1  O  N N 337 
THR CG2  C  N N 338 
THR OXT  O  N N 339 
THR H    H  N N 340 
THR H2   H  N N 341 
THR HA   H  N N 342 
THR HB   H  N N 343 
THR HG1  H  N N 344 
THR HG21 H  N N 345 
THR HG22 H  N N 346 
THR HG23 H  N N 347 
THR HXT  H  N N 348 
TRP N    N  N N 349 
TRP CA   C  N S 350 
TRP C    C  N N 351 
TRP O    O  N N 352 
TRP CB   C  N N 353 
TRP CG   C  Y N 354 
TRP CD1  C  Y N 355 
TRP CD2  C  Y N 356 
TRP NE1  N  Y N 357 
TRP CE2  C  Y N 358 
TRP CE3  C  Y N 359 
TRP CZ2  C  Y N 360 
TRP CZ3  C  Y N 361 
TRP CH2  C  Y N 362 
TRP OXT  O  N N 363 
TRP H    H  N N 364 
TRP H2   H  N N 365 
TRP HA   H  N N 366 
TRP HB2  H  N N 367 
TRP HB3  H  N N 368 
TRP HD1  H  N N 369 
TRP HE1  H  N N 370 
TRP HE3  H  N N 371 
TRP HZ2  H  N N 372 
TRP HZ3  H  N N 373 
TRP HH2  H  N N 374 
TRP HXT  H  N N 375 
TYR N    N  N N 376 
TYR CA   C  N S 377 
TYR C    C  N N 378 
TYR O    O  N N 379 
TYR CB   C  N N 380 
TYR CG   C  Y N 381 
TYR CD1  C  Y N 382 
TYR CD2  C  Y N 383 
TYR CE1  C  Y N 384 
TYR CE2  C  Y N 385 
TYR CZ   C  Y N 386 
TYR OH   O  N N 387 
TYR OXT  O  N N 388 
TYR H    H  N N 389 
TYR H2   H  N N 390 
TYR HA   H  N N 391 
TYR HB2  H  N N 392 
TYR HB3  H  N N 393 
TYR HD1  H  N N 394 
TYR HD2  H  N N 395 
TYR HE1  H  N N 396 
TYR HE2  H  N N 397 
TYR HH   H  N N 398 
TYR HXT  H  N N 399 
VAL N    N  N N 400 
VAL CA   C  N S 401 
VAL C    C  N N 402 
VAL O    O  N N 403 
VAL CB   C  N N 404 
VAL CG1  C  N N 405 
VAL CG2  C  N N 406 
VAL OXT  O  N N 407 
VAL H    H  N N 408 
VAL H2   H  N N 409 
VAL HA   H  N N 410 
VAL HB   H  N N 411 
VAL HG11 H  N N 412 
VAL HG12 H  N N 413 
VAL HG13 H  N N 414 
VAL HG21 H  N N 415 
VAL HG22 H  N N 416 
VAL HG23 H  N N 417 
VAL HXT  H  N N 418 
# 
loop_
_chem_comp_bond.comp_id 
_chem_comp_bond.atom_id_1 
_chem_comp_bond.atom_id_2 
_chem_comp_bond.value_order 
_chem_comp_bond.pdbx_aromatic_flag 
_chem_comp_bond.pdbx_stereo_config 
_chem_comp_bond.pdbx_ordinal 
ALA N   CA   sing N N 1   
ALA N   H    sing N N 2   
ALA N   H2   sing N N 3   
ALA CA  C    sing N N 4   
ALA CA  CB   sing N N 5   
ALA CA  HA   sing N N 6   
ALA C   O    doub N N 7   
ALA C   OXT  sing N N 8   
ALA CB  HB1  sing N N 9   
ALA CB  HB2  sing N N 10  
ALA CB  HB3  sing N N 11  
ALA OXT HXT  sing N N 12  
ARG N   CA   sing N N 13  
ARG N   H    sing N N 14  
ARG N   H2   sing N N 15  
ARG CA  C    sing N N 16  
ARG CA  CB   sing N N 17  
ARG CA  HA   sing N N 18  
ARG C   O    doub N N 19  
ARG C   OXT  sing N N 20  
ARG CB  CG   sing N N 21  
ARG CB  HB2  sing N N 22  
ARG CB  HB3  sing N N 23  
ARG CG  CD   sing N N 24  
ARG CG  HG2  sing N N 25  
ARG CG  HG3  sing N N 26  
ARG CD  NE   sing N N 27  
ARG CD  HD2  sing N N 28  
ARG CD  HD3  sing N N 29  
ARG NE  CZ   sing N N 30  
ARG NE  HE   sing N N 31  
ARG CZ  NH1  sing N N 32  
ARG CZ  NH2  doub N N 33  
ARG NH1 HH11 sing N N 34  
ARG NH1 HH12 sing N N 35  
ARG NH2 HH21 sing N N 36  
ARG NH2 HH22 sing N N 37  
ARG OXT HXT  sing N N 38  
ASN N   CA   sing N N 39  
ASN N   H    sing N N 40  
ASN N   H2   sing N N 41  
ASN CA  C    sing N N 42  
ASN CA  CB   sing N N 43  
ASN CA  HA   sing N N 44  
ASN C   O    doub N N 45  
ASN C   OXT  sing N N 46  
ASN CB  CG   sing N N 47  
ASN CB  HB2  sing N N 48  
ASN CB  HB3  sing N N 49  
ASN CG  OD1  doub N N 50  
ASN CG  ND2  sing N N 51  
ASN ND2 HD21 sing N N 52  
ASN ND2 HD22 sing N N 53  
ASN OXT HXT  sing N N 54  
ASP N   CA   sing N N 55  
ASP N   H    sing N N 56  
ASP N   H2   sing N N 57  
ASP CA  C    sing N N 58  
ASP CA  CB   sing N N 59  
ASP CA  HA   sing N N 60  
ASP C   O    doub N N 61  
ASP C   OXT  sing N N 62  
ASP CB  CG   sing N N 63  
ASP CB  HB2  sing N N 64  
ASP CB  HB3  sing N N 65  
ASP CG  OD1  doub N N 66  
ASP CG  OD2  sing N N 67  
ASP OD2 HD2  sing N N 68  
ASP OXT HXT  sing N N 69  
BME C1  C2   sing N N 70  
BME C1  O1   sing N N 71  
BME C1  H11  sing N N 72  
BME C1  H12  sing N N 73  
BME C2  S2   sing N N 74  
BME C2  H21  sing N N 75  
BME C2  H22  sing N N 76  
BME O1  HO1  sing N N 77  
BME S2  HS2  sing N N 78  
CYS N   CA   sing N N 79  
CYS N   H    sing N N 80  
CYS N   H2   sing N N 81  
CYS CA  C    sing N N 82  
CYS CA  CB   sing N N 83  
CYS CA  HA   sing N N 84  
CYS C   O    doub N N 85  
CYS C   OXT  sing N N 86  
CYS CB  SG   sing N N 87  
CYS CB  HB2  sing N N 88  
CYS CB  HB3  sing N N 89  
CYS SG  HG   sing N N 90  
CYS OXT HXT  sing N N 91  
FLM C1  C2   doub Y N 92  
FLM C1  C3   sing Y N 93  
FLM C1  C4   sing N N 94  
FLM C2  C5   sing Y N 95  
FLM C2  N6   sing N N 96  
FLM C3  C7   doub Y N 97  
FLM C3  F8   sing N N 98  
FLM C4  HC41 sing N N 99  
FLM C4  HC42 sing N N 100 
FLM C4  HC43 sing N N 101 
FLM C5  C9   doub Y N 102 
FLM C5  HC5  sing N N 103 
FLM N6  HN61 sing N N 104 
FLM N6  HN62 sing N N 105 
FLM C7  C9   sing Y N 106 
FLM C7  HC7  sing N N 107 
FLM C9  HC9  sing N N 108 
GLN N   CA   sing N N 109 
GLN N   H    sing N N 110 
GLN N   H2   sing N N 111 
GLN CA  C    sing N N 112 
GLN CA  CB   sing N N 113 
GLN CA  HA   sing N N 114 
GLN C   O    doub N N 115 
GLN C   OXT  sing N N 116 
GLN CB  CG   sing N N 117 
GLN CB  HB2  sing N N 118 
GLN CB  HB3  sing N N 119 
GLN CG  CD   sing N N 120 
GLN CG  HG2  sing N N 121 
GLN CG  HG3  sing N N 122 
GLN CD  OE1  doub N N 123 
GLN CD  NE2  sing N N 124 
GLN NE2 HE21 sing N N 125 
GLN NE2 HE22 sing N N 126 
GLN OXT HXT  sing N N 127 
GLU N   CA   sing N N 128 
GLU N   H    sing N N 129 
GLU N   H2   sing N N 130 
GLU CA  C    sing N N 131 
GLU CA  CB   sing N N 132 
GLU CA  HA   sing N N 133 
GLU C   O    doub N N 134 
GLU C   OXT  sing N N 135 
GLU CB  CG   sing N N 136 
GLU CB  HB2  sing N N 137 
GLU CB  HB3  sing N N 138 
GLU CG  CD   sing N N 139 
GLU CG  HG2  sing N N 140 
GLU CG  HG3  sing N N 141 
GLU CD  OE1  doub N N 142 
GLU CD  OE2  sing N N 143 
GLU OE2 HE2  sing N N 144 
GLU OXT HXT  sing N N 145 
GLY N   CA   sing N N 146 
GLY N   H    sing N N 147 
GLY N   H2   sing N N 148 
GLY CA  C    sing N N 149 
GLY CA  HA2  sing N N 150 
GLY CA  HA3  sing N N 151 
GLY C   O    doub N N 152 
GLY C   OXT  sing N N 153 
GLY OXT HXT  sing N N 154 
HIS N   CA   sing N N 155 
HIS N   H    sing N N 156 
HIS N   H2   sing N N 157 
HIS CA  C    sing N N 158 
HIS CA  CB   sing N N 159 
HIS CA  HA   sing N N 160 
HIS C   O    doub N N 161 
HIS C   OXT  sing N N 162 
HIS CB  CG   sing N N 163 
HIS CB  HB2  sing N N 164 
HIS CB  HB3  sing N N 165 
HIS CG  ND1  sing Y N 166 
HIS CG  CD2  doub Y N 167 
HIS ND1 CE1  doub Y N 168 
HIS ND1 HD1  sing N N 169 
HIS CD2 NE2  sing Y N 170 
HIS CD2 HD2  sing N N 171 
HIS CE1 NE2  sing Y N 172 
HIS CE1 HE1  sing N N 173 
HIS NE2 HE2  sing N N 174 
HIS OXT HXT  sing N N 175 
HOH O   H1   sing N N 176 
HOH O   H2   sing N N 177 
ILE N   CA   sing N N 178 
ILE N   H    sing N N 179 
ILE N   H2   sing N N 180 
ILE CA  C    sing N N 181 
ILE CA  CB   sing N N 182 
ILE CA  HA   sing N N 183 
ILE C   O    doub N N 184 
ILE C   OXT  sing N N 185 
ILE CB  CG1  sing N N 186 
ILE CB  CG2  sing N N 187 
ILE CB  HB   sing N N 188 
ILE CG1 CD1  sing N N 189 
ILE CG1 HG12 sing N N 190 
ILE CG1 HG13 sing N N 191 
ILE CG2 HG21 sing N N 192 
ILE CG2 HG22 sing N N 193 
ILE CG2 HG23 sing N N 194 
ILE CD1 HD11 sing N N 195 
ILE CD1 HD12 sing N N 196 
ILE CD1 HD13 sing N N 197 
ILE OXT HXT  sing N N 198 
LEU N   CA   sing N N 199 
LEU N   H    sing N N 200 
LEU N   H2   sing N N 201 
LEU CA  C    sing N N 202 
LEU CA  CB   sing N N 203 
LEU CA  HA   sing N N 204 
LEU C   O    doub N N 205 
LEU C   OXT  sing N N 206 
LEU CB  CG   sing N N 207 
LEU CB  HB2  sing N N 208 
LEU CB  HB3  sing N N 209 
LEU CG  CD1  sing N N 210 
LEU CG  CD2  sing N N 211 
LEU CG  HG   sing N N 212 
LEU CD1 HD11 sing N N 213 
LEU CD1 HD12 sing N N 214 
LEU CD1 HD13 sing N N 215 
LEU CD2 HD21 sing N N 216 
LEU CD2 HD22 sing N N 217 
LEU CD2 HD23 sing N N 218 
LEU OXT HXT  sing N N 219 
LYS N   CA   sing N N 220 
LYS N   H    sing N N 221 
LYS N   H2   sing N N 222 
LYS CA  C    sing N N 223 
LYS CA  CB   sing N N 224 
LYS CA  HA   sing N N 225 
LYS C   O    doub N N 226 
LYS C   OXT  sing N N 227 
LYS CB  CG   sing N N 228 
LYS CB  HB2  sing N N 229 
LYS CB  HB3  sing N N 230 
LYS CG  CD   sing N N 231 
LYS CG  HG2  sing N N 232 
LYS CG  HG3  sing N N 233 
LYS CD  CE   sing N N 234 
LYS CD  HD2  sing N N 235 
LYS CD  HD3  sing N N 236 
LYS CE  NZ   sing N N 237 
LYS CE  HE2  sing N N 238 
LYS CE  HE3  sing N N 239 
LYS NZ  HZ1  sing N N 240 
LYS NZ  HZ2  sing N N 241 
LYS NZ  HZ3  sing N N 242 
LYS OXT HXT  sing N N 243 
MET N   CA   sing N N 244 
MET N   H    sing N N 245 
MET N   H2   sing N N 246 
MET CA  C    sing N N 247 
MET CA  CB   sing N N 248 
MET CA  HA   sing N N 249 
MET C   O    doub N N 250 
MET C   OXT  sing N N 251 
MET CB  CG   sing N N 252 
MET CB  HB2  sing N N 253 
MET CB  HB3  sing N N 254 
MET CG  SD   sing N N 255 
MET CG  HG2  sing N N 256 
MET CG  HG3  sing N N 257 
MET SD  CE   sing N N 258 
MET CE  HE1  sing N N 259 
MET CE  HE2  sing N N 260 
MET CE  HE3  sing N N 261 
MET OXT HXT  sing N N 262 
PHE N   CA   sing N N 263 
PHE N   H    sing N N 264 
PHE N   H2   sing N N 265 
PHE CA  C    sing N N 266 
PHE CA  CB   sing N N 267 
PHE CA  HA   sing N N 268 
PHE C   O    doub N N 269 
PHE C   OXT  sing N N 270 
PHE CB  CG   sing N N 271 
PHE CB  HB2  sing N N 272 
PHE CB  HB3  sing N N 273 
PHE CG  CD1  doub Y N 274 
PHE CG  CD2  sing Y N 275 
PHE CD1 CE1  sing Y N 276 
PHE CD1 HD1  sing N N 277 
PHE CD2 CE2  doub Y N 278 
PHE CD2 HD2  sing N N 279 
PHE CE1 CZ   doub Y N 280 
PHE CE1 HE1  sing N N 281 
PHE CE2 CZ   sing Y N 282 
PHE CE2 HE2  sing N N 283 
PHE CZ  HZ   sing N N 284 
PHE OXT HXT  sing N N 285 
PRO N   CA   sing N N 286 
PRO N   CD   sing N N 287 
PRO N   H    sing N N 288 
PRO CA  C    sing N N 289 
PRO CA  CB   sing N N 290 
PRO CA  HA   sing N N 291 
PRO C   O    doub N N 292 
PRO C   OXT  sing N N 293 
PRO CB  CG   sing N N 294 
PRO CB  HB2  sing N N 295 
PRO CB  HB3  sing N N 296 
PRO CG  CD   sing N N 297 
PRO CG  HG2  sing N N 298 
PRO CG  HG3  sing N N 299 
PRO CD  HD2  sing N N 300 
PRO CD  HD3  sing N N 301 
PRO OXT HXT  sing N N 302 
SER N   CA   sing N N 303 
SER N   H    sing N N 304 
SER N   H2   sing N N 305 
SER CA  C    sing N N 306 
SER CA  CB   sing N N 307 
SER CA  HA   sing N N 308 
SER C   O    doub N N 309 
SER C   OXT  sing N N 310 
SER CB  OG   sing N N 311 
SER CB  HB2  sing N N 312 
SER CB  HB3  sing N N 313 
SER OG  HG   sing N N 314 
SER OXT HXT  sing N N 315 
THR N   CA   sing N N 316 
THR N   H    sing N N 317 
THR N   H2   sing N N 318 
THR CA  C    sing N N 319 
THR CA  CB   sing N N 320 
THR CA  HA   sing N N 321 
THR C   O    doub N N 322 
THR C   OXT  sing N N 323 
THR CB  OG1  sing N N 324 
THR CB  CG2  sing N N 325 
THR CB  HB   sing N N 326 
THR OG1 HG1  sing N N 327 
THR CG2 HG21 sing N N 328 
THR CG2 HG22 sing N N 329 
THR CG2 HG23 sing N N 330 
THR OXT HXT  sing N N 331 
TRP N   CA   sing N N 332 
TRP N   H    sing N N 333 
TRP N   H2   sing N N 334 
TRP CA  C    sing N N 335 
TRP CA  CB   sing N N 336 
TRP CA  HA   sing N N 337 
TRP C   O    doub N N 338 
TRP C   OXT  sing N N 339 
TRP CB  CG   sing N N 340 
TRP CB  HB2  sing N N 341 
TRP CB  HB3  sing N N 342 
TRP CG  CD1  doub Y N 343 
TRP CG  CD2  sing Y N 344 
TRP CD1 NE1  sing Y N 345 
TRP CD1 HD1  sing N N 346 
TRP CD2 CE2  doub Y N 347 
TRP CD2 CE3  sing Y N 348 
TRP NE1 CE2  sing Y N 349 
TRP NE1 HE1  sing N N 350 
TRP CE2 CZ2  sing Y N 351 
TRP CE3 CZ3  doub Y N 352 
TRP CE3 HE3  sing N N 353 
TRP CZ2 CH2  doub Y N 354 
TRP CZ2 HZ2  sing N N 355 
TRP CZ3 CH2  sing Y N 356 
TRP CZ3 HZ3  sing N N 357 
TRP CH2 HH2  sing N N 358 
TRP OXT HXT  sing N N 359 
TYR N   CA   sing N N 360 
TYR N   H    sing N N 361 
TYR N   H2   sing N N 362 
TYR CA  C    sing N N 363 
TYR CA  CB   sing N N 364 
TYR CA  HA   sing N N 365 
TYR C   O    doub N N 366 
TYR C   OXT  sing N N 367 
TYR CB  CG   sing N N 368 
TYR CB  HB2  sing N N 369 
TYR CB  HB3  sing N N 370 
TYR CG  CD1  doub Y N 371 
TYR CG  CD2  sing Y N 372 
TYR CD1 CE1  sing Y N 373 
TYR CD1 HD1  sing N N 374 
TYR CD2 CE2  doub Y N 375 
TYR CD2 HD2  sing N N 376 
TYR CE1 CZ   doub Y N 377 
TYR CE1 HE1  sing N N 378 
TYR CE2 CZ   sing Y N 379 
TYR CE2 HE2  sing N N 380 
TYR CZ  OH   sing N N 381 
TYR OH  HH   sing N N 382 
TYR OXT HXT  sing N N 383 
VAL N   CA   sing N N 384 
VAL N   H    sing N N 385 
VAL N   H2   sing N N 386 
VAL CA  C    sing N N 387 
VAL CA  CB   sing N N 388 
VAL CA  HA   sing N N 389 
VAL C   O    doub N N 390 
VAL C   OXT  sing N N 391 
VAL CB  CG1  sing N N 392 
VAL CB  CG2  sing N N 393 
VAL CB  HB   sing N N 394 
VAL CG1 HG11 sing N N 395 
VAL CG1 HG12 sing N N 396 
VAL CG1 HG13 sing N N 397 
VAL CG2 HG21 sing N N 398 
VAL CG2 HG22 sing N N 399 
VAL CG2 HG23 sing N N 400 
VAL OXT HXT  sing N N 401 
# 
loop_
_pdbx_entity_nonpoly.entity_id 
_pdbx_entity_nonpoly.name 
_pdbx_entity_nonpoly.comp_id 
2 'CHLORIDE ION'            CL  
3 BETA-MERCAPTOETHANOL      BME 
4 3-FLUORO-2-METHYL-ANILINE FLM 
5 water                     HOH 
# 
_pdbx_initial_refinement_model.id               1 
_pdbx_initial_refinement_model.entity_id_list   ? 
_pdbx_initial_refinement_model.type             'experimental model' 
_pdbx_initial_refinement_model.source_name      PDB 
_pdbx_initial_refinement_model.accession_code   1LGU 
_pdbx_initial_refinement_model.details          'PDB entry 1LGU' 
# 
